data_3ZLA
#
_entry.id   3ZLA
#
_cell.length_a   382.240
_cell.length_b   88.724
_cell.length_c   88.790
_cell.angle_alpha   90.00
_cell.angle_beta   94.30
_cell.angle_gamma   90.00
#
_symmetry.space_group_name_H-M   'C 1 2 1'
#
loop_
_entity.id
_entity.type
_entity.pdbx_description
1 polymer NUCLEOPROTEIN
2 polymer RNA
#
loop_
_entity_poly.entity_id
_entity_poly.type
_entity_poly.pdbx_seq_one_letter_code
_entity_poly.pdbx_strand_id
1 'polypeptide(L)'
;GSMIELEFHDVAANTSSTFDPEVAYANFKRVHTTGLSYDHIRIFYIKGREIKTSLAKRSEWEVTLNLGGWKITVYNTNFP
GNRNNPVPDDGLTLHRLSGFLARYLLEKMLKVSEPEKLIIKSKIINPLAEKNGITWNDGEEVYLSFFPGSEMFLGTFRFY
PLAIGIYKVQRKEMEPKYLEKTMRQRYMGLEAATWTVSKLTEVQSALTVVSSLGWKKTNVSAAARDFLAKFGINM
;
A,B,C,D,E,F,G,H
2 'polyribonucleotide' UUUUUUUUUUUUUUUUUUUUUUUUUUUUUUUUUUUUUUUUUUUU I,J
#
# COMPACT_ATOMS: atom_id res chain seq x y z
N GLY A 1 18.50 -14.59 8.52
CA GLY A 1 17.10 -14.46 7.99
C GLY A 1 16.06 -15.02 8.93
N SER A 2 14.97 -15.53 8.36
CA SER A 2 13.92 -16.24 9.10
C SER A 2 13.36 -17.41 8.29
N MET A 3 12.54 -18.24 8.93
CA MET A 3 11.89 -19.40 8.28
C MET A 3 10.61 -19.76 9.02
N ILE A 4 9.46 -19.66 8.36
CA ILE A 4 8.17 -19.87 9.04
C ILE A 4 7.89 -21.36 9.28
N GLU A 5 7.22 -21.65 10.39
CA GLU A 5 6.60 -22.96 10.64
C GLU A 5 5.09 -22.75 10.81
N LEU A 6 4.31 -23.48 10.02
CA LEU A 6 2.85 -23.37 10.06
C LEU A 6 2.29 -24.75 10.37
N GLU A 7 1.28 -24.79 11.24
CA GLU A 7 0.83 -26.04 11.89
C GLU A 7 -0.61 -26.42 11.57
N PHE A 8 -0.90 -27.72 11.69
CA PHE A 8 -2.23 -28.25 11.41
C PHE A 8 -2.54 -29.44 12.32
N HIS A 9 -3.82 -29.81 12.39
CA HIS A 9 -4.29 -30.87 13.30
C HIS A 9 -5.60 -31.51 12.80
N ASP A 10 -5.91 -32.71 13.30
CA ASP A 10 -7.03 -33.54 12.79
C ASP A 10 -8.41 -32.88 12.88
N VAL A 11 -9.44 -33.59 12.42
CA VAL A 11 -10.85 -33.19 12.64
C VAL A 11 -11.56 -34.49 12.99
N ALA A 12 -12.80 -34.49 13.49
CA ALA A 12 -13.46 -35.72 13.91
C ALA A 12 -13.38 -36.82 12.88
N THR A 18 -25.08 -32.08 12.28
CA THR A 18 -24.69 -31.29 13.45
C THR A 18 -25.71 -30.21 13.84
N PHE A 19 -26.15 -29.46 12.84
CA PHE A 19 -27.04 -28.29 12.96
C PHE A 19 -28.41 -28.62 12.39
N ASP A 20 -29.49 -28.30 13.11
CA ASP A 20 -30.83 -28.43 12.51
C ASP A 20 -31.50 -27.06 12.49
N PRO A 21 -32.31 -26.82 11.46
CA PRO A 21 -32.84 -25.49 11.28
C PRO A 21 -33.94 -25.15 12.31
N GLU A 22 -34.90 -26.05 12.52
CA GLU A 22 -36.05 -25.77 13.40
C GLU A 22 -35.68 -25.26 14.79
N VAL A 23 -34.55 -25.70 15.33
CA VAL A 23 -34.11 -25.24 16.65
C VAL A 23 -33.43 -23.89 16.55
N ALA A 24 -32.65 -23.70 15.48
CA ALA A 24 -31.97 -22.42 15.23
C ALA A 24 -33.00 -21.34 14.95
N TYR A 25 -34.05 -21.73 14.23
CA TYR A 25 -35.17 -20.84 13.94
C TYR A 25 -35.97 -20.51 15.20
N ALA A 26 -36.31 -21.54 15.96
CA ALA A 26 -36.97 -21.37 17.24
C ALA A 26 -36.24 -20.31 18.04
N ASN A 27 -34.98 -20.56 18.36
CA ASN A 27 -34.16 -19.63 19.13
C ASN A 27 -34.17 -18.21 18.58
N PHE A 28 -34.04 -18.09 17.25
CA PHE A 28 -34.04 -16.79 16.57
C PHE A 28 -35.36 -16.04 16.80
N LYS A 29 -36.46 -16.69 16.47
CA LYS A 29 -37.79 -16.13 16.67
C LYS A 29 -38.00 -15.66 18.10
N ARG A 30 -37.60 -16.47 19.07
CA ARG A 30 -37.78 -16.11 20.48
C ARG A 30 -37.05 -14.81 20.80
N VAL A 31 -35.74 -14.79 20.55
CA VAL A 31 -34.91 -13.67 20.99
C VAL A 31 -35.09 -12.39 20.17
N HIS A 32 -35.04 -12.55 18.85
CA HIS A 32 -34.84 -11.42 17.95
C HIS A 32 -36.11 -10.80 17.38
N THR A 33 -37.12 -11.59 17.04
CA THR A 33 -38.32 -11.02 16.42
C THR A 33 -39.30 -10.29 17.36
N THR A 34 -38.81 -9.79 18.49
CA THR A 34 -39.65 -9.01 19.40
C THR A 34 -39.87 -7.61 18.81
N GLY A 35 -38.81 -6.82 18.72
CA GLY A 35 -38.88 -5.48 18.14
C GLY A 35 -38.63 -5.50 16.63
N LEU A 36 -39.60 -6.00 15.87
CA LEU A 36 -39.44 -6.22 14.43
C LEU A 36 -40.73 -5.99 13.66
N SER A 37 -40.58 -5.47 12.43
CA SER A 37 -41.69 -4.97 11.63
C SER A 37 -41.53 -5.31 10.16
N TYR A 38 -42.64 -5.29 9.42
CA TYR A 38 -42.61 -5.59 7.99
C TYR A 38 -41.76 -4.58 7.19
N ASP A 39 -41.62 -3.35 7.70
CA ASP A 39 -40.74 -2.37 7.06
C ASP A 39 -39.30 -2.80 7.20
N HIS A 40 -38.93 -3.34 8.36
CA HIS A 40 -37.56 -3.78 8.62
C HIS A 40 -37.17 -4.93 7.68
N ILE A 41 -38.11 -5.84 7.44
CA ILE A 41 -37.86 -6.97 6.57
C ILE A 41 -37.68 -6.54 5.12
N ARG A 42 -38.62 -5.75 4.59
CA ARG A 42 -38.54 -5.35 3.18
C ARG A 42 -37.20 -4.69 2.91
N ILE A 43 -36.68 -3.92 3.87
CA ILE A 43 -35.35 -3.35 3.74
C ILE A 43 -34.31 -4.45 3.50
N PHE A 44 -34.36 -5.50 4.32
CA PHE A 44 -33.37 -6.56 4.25
C PHE A 44 -33.36 -7.24 2.89
N TYR A 45 -34.54 -7.56 2.39
CA TYR A 45 -34.63 -8.29 1.14
C TYR A 45 -34.32 -7.42 -0.07
N ILE A 46 -34.80 -6.18 -0.06
CA ILE A 46 -34.55 -5.25 -1.18
C ILE A 46 -33.06 -4.94 -1.32
N LYS A 47 -32.43 -4.54 -0.22
CA LYS A 47 -31.00 -4.22 -0.24
C LYS A 47 -30.11 -5.44 -0.06
N GLY A 48 -30.67 -6.65 -0.18
CA GLY A 48 -29.89 -7.88 -0.01
C GLY A 48 -28.65 -7.92 -0.88
N ARG A 49 -28.79 -7.44 -2.11
CA ARG A 49 -27.69 -7.29 -3.07
C ARG A 49 -26.49 -6.56 -2.46
N GLU A 50 -26.77 -5.36 -1.95
CA GLU A 50 -25.75 -4.46 -1.42
C GLU A 50 -25.18 -4.97 -0.11
N ILE A 51 -26.05 -5.55 0.72
CA ILE A 51 -25.67 -6.06 2.02
C ILE A 51 -24.65 -7.19 1.87
N LYS A 52 -24.82 -8.00 0.84
CA LYS A 52 -23.89 -9.09 0.58
C LYS A 52 -22.51 -8.54 0.23
N THR A 53 -22.46 -7.55 -0.66
CA THR A 53 -21.19 -6.98 -1.11
C THR A 53 -20.50 -6.26 0.04
N SER A 54 -21.19 -5.32 0.67
CA SER A 54 -20.60 -4.54 1.77
C SER A 54 -20.05 -5.46 2.86
N LEU A 55 -20.71 -6.58 3.13
CA LEU A 55 -20.16 -7.56 4.07
C LEU A 55 -18.94 -8.27 3.52
N ALA A 56 -18.96 -8.56 2.22
CA ALA A 56 -17.83 -9.23 1.56
C ALA A 56 -16.57 -8.37 1.49
N LYS A 57 -16.72 -7.05 1.63
CA LYS A 57 -15.59 -6.11 1.69
C LYS A 57 -14.92 -6.14 3.06
N ARG A 58 -15.67 -5.82 4.11
CA ARG A 58 -15.14 -5.80 5.47
C ARG A 58 -14.61 -7.17 5.90
N SER A 59 -13.55 -7.15 6.71
CA SER A 59 -12.86 -8.37 7.15
C SER A 59 -13.27 -8.81 8.57
N GLU A 60 -14.11 -8.01 9.21
CA GLU A 60 -14.50 -8.21 10.61
C GLU A 60 -15.37 -9.45 10.70
N TRP A 61 -14.96 -10.45 11.50
CA TRP A 61 -15.68 -11.73 11.57
C TRP A 61 -17.13 -11.63 12.08
N GLU A 62 -17.41 -10.71 13.00
CA GLU A 62 -18.76 -10.55 13.53
C GLU A 62 -19.20 -9.10 13.28
N VAL A 63 -20.27 -8.94 12.51
CA VAL A 63 -20.79 -7.63 12.10
C VAL A 63 -22.28 -7.51 12.40
N THR A 64 -22.73 -6.29 12.68
CA THR A 64 -24.14 -6.02 12.97
C THR A 64 -24.81 -5.21 11.87
N LEU A 65 -26.05 -5.58 11.60
CA LEU A 65 -26.84 -4.92 10.57
C LEU A 65 -27.86 -4.03 11.24
N ASN A 66 -28.01 -2.82 10.72
CA ASN A 66 -29.01 -1.89 11.18
C ASN A 66 -30.02 -1.61 10.07
N LEU A 67 -31.06 -2.44 10.05
CA LEU A 67 -32.07 -2.43 9.00
C LEU A 67 -33.24 -1.55 9.43
N GLY A 68 -33.14 -0.25 9.14
CA GLY A 68 -34.07 0.72 9.72
C GLY A 68 -33.85 0.68 11.21
N GLY A 69 -34.93 0.58 11.98
CA GLY A 69 -34.80 0.44 13.44
C GLY A 69 -34.13 -0.86 13.86
N TRP A 70 -34.54 -1.95 13.22
CA TRP A 70 -34.09 -3.31 13.56
C TRP A 70 -32.56 -3.46 13.45
N LYS A 71 -31.98 -4.22 14.37
CA LYS A 71 -30.53 -4.39 14.43
C LYS A 71 -30.19 -5.84 14.78
N ILE A 72 -29.36 -6.50 13.96
CA ILE A 72 -28.92 -7.88 14.24
C ILE A 72 -27.41 -8.02 14.08
N THR A 73 -26.84 -8.96 14.84
CA THR A 73 -25.43 -9.34 14.73
C THR A 73 -25.31 -10.62 13.89
N VAL A 74 -24.45 -10.56 12.88
CA VAL A 74 -24.28 -11.64 11.91
C VAL A 74 -22.81 -11.99 11.76
N TYR A 75 -22.49 -13.28 11.69
CA TYR A 75 -21.12 -13.73 11.40
C TYR A 75 -20.81 -13.51 9.91
N ASN A 76 -19.88 -12.61 9.63
CA ASN A 76 -19.52 -12.23 8.25
C ASN A 76 -18.73 -13.34 7.58
N THR A 77 -19.49 -14.31 7.08
CA THR A 77 -18.97 -15.46 6.39
C THR A 77 -18.83 -15.19 4.88
N ASN A 78 -19.15 -13.97 4.46
CA ASN A 78 -19.10 -13.55 3.06
C ASN A 78 -17.70 -13.15 2.63
N PHE A 79 -17.00 -12.42 3.50
CA PHE A 79 -15.62 -12.00 3.24
C PHE A 79 -14.73 -13.21 2.91
N PRO A 80 -14.04 -13.19 1.75
CA PRO A 80 -13.20 -14.30 1.29
C PRO A 80 -12.35 -14.97 2.38
N GLY A 81 -11.61 -14.18 3.14
CA GLY A 81 -10.76 -14.69 4.21
C GLY A 81 -11.51 -15.42 5.31
N ASN A 82 -12.74 -14.98 5.59
CA ASN A 82 -13.53 -15.54 6.69
C ASN A 82 -14.26 -16.84 6.36
N ARG A 83 -14.33 -17.20 5.07
CA ARG A 83 -15.04 -18.40 4.66
C ARG A 83 -14.44 -19.65 5.31
N ASN A 84 -15.26 -20.69 5.40
CA ASN A 84 -14.84 -21.98 5.94
C ASN A 84 -14.13 -21.94 7.31
N ASN A 85 -14.66 -21.13 8.22
CA ASN A 85 -14.35 -21.27 9.65
C ASN A 85 -15.67 -21.44 10.43
N PRO A 86 -15.78 -22.50 11.26
CA PRO A 86 -17.07 -22.91 11.86
C PRO A 86 -17.97 -21.80 12.37
N VAL A 87 -19.27 -21.97 12.13
CA VAL A 87 -20.30 -21.04 12.56
C VAL A 87 -21.16 -21.79 13.59
N PRO A 88 -21.39 -21.18 14.77
CA PRO A 88 -22.17 -21.85 15.81
C PRO A 88 -23.55 -22.31 15.32
N ASP A 89 -24.08 -23.38 15.91
CA ASP A 89 -25.42 -23.84 15.54
C ASP A 89 -26.51 -22.82 15.90
N ASP A 90 -26.24 -22.00 16.90
CA ASP A 90 -27.12 -20.90 17.29
C ASP A 90 -26.67 -19.55 16.69
N GLY A 91 -25.88 -19.59 15.62
CA GLY A 91 -25.35 -18.38 15.00
C GLY A 91 -26.12 -18.02 13.75
N LEU A 92 -25.98 -16.77 13.32
CA LEU A 92 -26.66 -16.28 12.14
C LEU A 92 -25.64 -15.94 11.05
N THR A 93 -25.90 -16.42 9.84
CA THR A 93 -25.21 -15.94 8.65
C THR A 93 -26.23 -15.21 7.81
N LEU A 94 -25.75 -14.45 6.83
CA LEU A 94 -26.66 -13.76 5.94
C LEU A 94 -27.67 -14.72 5.34
N HIS A 95 -27.17 -15.89 4.96
CA HIS A 95 -28.01 -16.88 4.32
C HIS A 95 -29.09 -17.34 5.26
N ARG A 96 -28.69 -17.81 6.43
CA ARG A 96 -29.63 -18.35 7.40
C ARG A 96 -30.69 -17.32 7.73
N LEU A 97 -30.24 -16.08 7.93
CA LEU A 97 -31.15 -14.98 8.22
C LEU A 97 -32.22 -14.87 7.15
N SER A 98 -31.80 -14.87 5.89
CA SER A 98 -32.73 -14.78 4.77
C SER A 98 -33.76 -15.90 4.81
N GLY A 99 -33.31 -17.11 5.14
CA GLY A 99 -34.20 -18.25 5.23
C GLY A 99 -35.18 -18.13 6.37
N PHE A 100 -34.67 -17.73 7.53
CA PHE A 100 -35.51 -17.60 8.72
C PHE A 100 -36.62 -16.60 8.46
N LEU A 101 -36.24 -15.42 7.98
CA LEU A 101 -37.23 -14.39 7.66
C LEU A 101 -38.25 -14.88 6.65
N ALA A 102 -37.87 -15.72 5.71
CA ALA A 102 -38.84 -16.26 4.76
C ALA A 102 -39.83 -17.18 5.43
N ARG A 103 -39.35 -17.95 6.41
CA ARG A 103 -40.22 -18.82 7.22
C ARG A 103 -41.16 -17.92 8.00
N TYR A 104 -40.58 -17.05 8.82
CA TYR A 104 -41.31 -16.06 9.62
C TYR A 104 -42.48 -15.38 8.91
N LEU A 105 -42.25 -14.95 7.67
CA LEU A 105 -43.31 -14.34 6.87
C LEU A 105 -44.35 -15.37 6.49
N LEU A 106 -43.92 -16.51 5.99
CA LEU A 106 -44.89 -17.52 5.58
C LEU A 106 -45.80 -17.91 6.73
N GLU A 107 -45.26 -17.92 7.95
CA GLU A 107 -46.07 -18.22 9.12
C GLU A 107 -47.14 -17.17 9.33
N LYS A 108 -46.72 -15.90 9.43
CA LYS A 108 -47.67 -14.78 9.47
C LYS A 108 -48.71 -14.90 8.38
N MET A 109 -48.27 -15.01 7.13
CA MET A 109 -49.17 -15.10 5.97
C MET A 109 -50.26 -16.16 6.05
N LEU A 110 -50.16 -17.07 7.02
CA LEU A 110 -51.18 -18.10 7.27
C LEU A 110 -52.03 -17.82 8.50
N LYS A 111 -51.41 -17.30 9.56
CA LYS A 111 -52.11 -17.01 10.81
C LYS A 111 -52.62 -15.57 11.00
N VAL A 112 -52.62 -14.72 9.97
CA VAL A 112 -53.03 -13.32 10.18
C VAL A 112 -54.21 -12.86 9.33
N SER A 113 -54.72 -11.70 9.75
CA SER A 113 -55.86 -10.99 9.18
C SER A 113 -55.74 -10.71 7.67
N GLU A 114 -56.86 -10.83 6.96
CA GLU A 114 -56.90 -10.60 5.51
C GLU A 114 -56.44 -9.21 5.05
N PRO A 115 -56.78 -8.13 5.79
CA PRO A 115 -56.16 -6.83 5.51
C PRO A 115 -54.69 -6.78 5.88
N GLU A 116 -54.28 -7.47 6.94
CA GLU A 116 -52.87 -7.53 7.32
C GLU A 116 -52.02 -8.17 6.22
N LYS A 117 -52.55 -9.22 5.58
CA LYS A 117 -51.88 -9.88 4.44
C LYS A 117 -51.58 -8.90 3.30
N LEU A 118 -52.47 -7.93 3.11
CA LEU A 118 -52.29 -6.95 2.07
C LEU A 118 -51.15 -5.98 2.43
N ILE A 119 -50.90 -5.74 3.72
CA ILE A 119 -49.75 -4.95 4.15
C ILE A 119 -48.46 -5.68 3.75
N ILE A 120 -48.44 -7.00 3.92
CA ILE A 120 -47.27 -7.78 3.54
C ILE A 120 -47.04 -7.64 2.03
N LYS A 121 -48.05 -8.03 1.25
CA LYS A 121 -47.90 -8.08 -0.20
C LYS A 121 -47.53 -6.74 -0.82
N SER A 122 -47.90 -5.65 -0.15
CA SER A 122 -47.53 -4.30 -0.60
C SER A 122 -46.07 -3.97 -0.28
N LYS A 123 -45.67 -4.25 0.96
CA LYS A 123 -44.37 -3.86 1.49
C LYS A 123 -43.19 -4.75 1.07
N ILE A 124 -43.35 -6.06 1.22
CA ILE A 124 -42.26 -6.99 1.02
C ILE A 124 -42.11 -7.41 -0.44
N ILE A 125 -40.92 -7.16 -0.98
CA ILE A 125 -40.62 -7.47 -2.37
C ILE A 125 -39.50 -8.49 -2.35
N ASN A 126 -39.62 -9.50 -3.22
CA ASN A 126 -38.62 -10.56 -3.40
C ASN A 126 -37.88 -10.41 -4.71
N PRO A 127 -36.75 -9.69 -4.69
CA PRO A 127 -35.97 -9.43 -5.89
C PRO A 127 -35.87 -10.60 -6.86
N LEU A 128 -35.50 -11.78 -6.37
CA LEU A 128 -35.23 -12.93 -7.24
C LEU A 128 -36.51 -13.50 -7.89
N ALA A 129 -37.60 -13.53 -7.14
CA ALA A 129 -38.86 -13.97 -7.69
C ALA A 129 -39.37 -13.00 -8.76
N GLU A 130 -39.28 -11.69 -8.47
CA GLU A 130 -39.75 -10.64 -9.39
C GLU A 130 -38.96 -10.62 -10.68
N LYS A 131 -37.62 -10.65 -10.58
CA LYS A 131 -36.74 -10.73 -11.76
C LYS A 131 -37.20 -11.82 -12.71
N ASN A 132 -37.54 -12.98 -12.14
CA ASN A 132 -38.03 -14.12 -12.92
C ASN A 132 -39.56 -14.11 -13.11
N GLY A 133 -40.15 -12.92 -13.10
CA GLY A 133 -41.57 -12.74 -13.39
C GLY A 133 -42.53 -13.55 -12.55
N ILE A 134 -42.27 -13.59 -11.25
CA ILE A 134 -43.15 -14.30 -10.33
C ILE A 134 -43.48 -13.33 -9.21
N THR A 135 -44.76 -13.25 -8.87
CA THR A 135 -45.22 -12.30 -7.88
C THR A 135 -45.99 -13.03 -6.80
N TRP A 136 -46.37 -12.29 -5.75
CA TRP A 136 -47.18 -12.83 -4.67
C TRP A 136 -48.41 -13.57 -5.18
N ASN A 137 -49.03 -13.01 -6.21
CA ASN A 137 -50.21 -13.61 -6.83
C ASN A 137 -50.00 -15.09 -7.20
N ASP A 138 -48.79 -15.46 -7.62
CA ASP A 138 -48.49 -16.84 -8.01
C ASP A 138 -48.46 -17.84 -6.85
N GLY A 139 -48.59 -17.36 -5.61
CA GLY A 139 -48.71 -18.26 -4.46
C GLY A 139 -47.78 -17.81 -3.36
N GLU A 140 -48.32 -17.60 -2.17
CA GLU A 140 -47.51 -17.09 -1.06
C GLU A 140 -46.37 -18.05 -0.67
N GLU A 141 -46.62 -19.36 -0.75
CA GLU A 141 -45.60 -20.35 -0.42
C GLU A 141 -44.51 -20.44 -1.49
N VAL A 142 -44.89 -20.23 -2.74
CA VAL A 142 -43.99 -20.22 -3.89
C VAL A 142 -43.11 -18.99 -3.92
N TYR A 143 -43.74 -17.81 -3.89
CA TYR A 143 -43.03 -16.53 -3.91
C TYR A 143 -41.94 -16.48 -2.84
N LEU A 144 -42.29 -16.83 -1.62
CA LEU A 144 -41.32 -16.82 -0.51
C LEU A 144 -40.20 -17.87 -0.65
N SER A 145 -40.45 -18.96 -1.35
CA SER A 145 -39.41 -20.00 -1.44
C SER A 145 -38.29 -19.59 -2.42
N PHE A 146 -38.51 -18.54 -3.21
CA PHE A 146 -37.43 -17.95 -4.00
C PHE A 146 -36.34 -17.33 -3.16
N PHE A 147 -36.65 -16.91 -1.93
CA PHE A 147 -35.63 -16.35 -1.05
C PHE A 147 -34.59 -17.40 -0.68
N PRO A 148 -33.31 -17.05 -0.79
CA PRO A 148 -32.32 -17.99 -0.33
C PRO A 148 -32.45 -18.30 1.16
N GLY A 149 -32.14 -19.54 1.52
CA GLY A 149 -32.33 -20.06 2.88
C GLY A 149 -33.60 -20.88 3.01
N SER A 150 -34.55 -20.67 2.10
CA SER A 150 -35.81 -21.40 2.17
C SER A 150 -35.61 -22.92 2.15
N GLU A 151 -34.58 -23.39 1.46
CA GLU A 151 -34.27 -24.84 1.38
C GLU A 151 -34.00 -25.54 2.74
N MET A 152 -33.62 -24.77 3.76
CA MET A 152 -33.52 -25.29 5.11
C MET A 152 -34.84 -25.87 5.63
N PHE A 153 -35.95 -25.39 5.08
CA PHE A 153 -37.27 -25.75 5.56
C PHE A 153 -38.15 -26.31 4.45
N LEU A 154 -37.64 -27.29 3.71
CA LEU A 154 -38.42 -27.90 2.63
C LEU A 154 -39.81 -28.33 3.05
N GLY A 155 -39.93 -28.71 4.33
CA GLY A 155 -41.21 -29.04 4.94
C GLY A 155 -42.14 -27.85 4.83
N THR A 156 -41.82 -26.82 5.61
CA THR A 156 -42.59 -25.58 5.61
C THR A 156 -42.97 -25.07 4.22
N PHE A 157 -42.06 -25.13 3.26
CA PHE A 157 -42.30 -24.59 1.93
C PHE A 157 -42.74 -25.61 0.89
N ARG A 158 -43.02 -26.84 1.33
CA ARG A 158 -43.65 -27.82 0.45
C ARG A 158 -42.87 -27.97 -0.87
N PHE A 159 -41.61 -28.36 -0.73
CA PHE A 159 -40.70 -28.72 -1.83
C PHE A 159 -40.49 -27.71 -2.97
N TYR A 160 -41.01 -26.49 -2.85
CA TYR A 160 -40.83 -25.47 -3.88
C TYR A 160 -39.37 -24.99 -4.02
N PRO A 161 -38.64 -24.83 -2.89
CA PRO A 161 -37.22 -24.50 -3.03
C PRO A 161 -36.49 -25.45 -3.99
N LEU A 162 -36.73 -26.75 -3.84
CA LEU A 162 -36.16 -27.78 -4.72
C LEU A 162 -36.73 -27.73 -6.13
N ALA A 163 -38.05 -27.64 -6.23
CA ALA A 163 -38.71 -27.54 -7.54
C ALA A 163 -38.19 -26.36 -8.38
N ILE A 164 -38.05 -25.19 -7.74
CA ILE A 164 -37.55 -24.01 -8.43
C ILE A 164 -36.13 -24.27 -8.95
N GLY A 165 -35.28 -24.88 -8.13
CA GLY A 165 -33.94 -25.25 -8.54
C GLY A 165 -33.97 -26.19 -9.74
N ILE A 166 -34.72 -27.29 -9.61
CA ILE A 166 -34.77 -28.29 -10.65
C ILE A 166 -35.23 -27.68 -11.97
N TYR A 167 -36.23 -26.80 -11.91
CA TYR A 167 -36.74 -26.13 -13.12
C TYR A 167 -35.70 -25.22 -13.78
N LYS A 168 -34.78 -24.70 -12.97
CA LYS A 168 -33.75 -23.80 -13.48
C LYS A 168 -32.57 -24.55 -14.12
N VAL A 169 -32.11 -25.65 -13.52
CA VAL A 169 -30.98 -26.40 -14.09
C VAL A 169 -31.38 -27.01 -15.44
N GLN A 170 -32.58 -27.57 -15.51
CA GLN A 170 -33.05 -28.25 -16.72
C GLN A 170 -33.35 -27.28 -17.85
N ARG A 171 -33.48 -26.00 -17.53
CA ARG A 171 -33.57 -24.98 -18.54
C ARG A 171 -32.30 -24.12 -18.55
N LYS A 172 -31.18 -24.78 -18.24
CA LYS A 172 -29.82 -24.23 -18.39
C LYS A 172 -29.47 -22.95 -17.61
N GLU A 173 -30.39 -22.41 -16.81
CA GLU A 173 -30.17 -21.14 -16.11
C GLU A 173 -29.17 -21.26 -14.95
N MET A 174 -29.28 -22.33 -14.17
CA MET A 174 -28.45 -22.56 -13.01
C MET A 174 -27.58 -23.79 -13.26
N GLU A 175 -26.45 -23.87 -12.56
CA GLU A 175 -25.56 -25.00 -12.68
C GLU A 175 -25.94 -26.09 -11.69
N PRO A 176 -25.80 -27.36 -12.08
CA PRO A 176 -26.09 -28.52 -11.24
C PRO A 176 -25.61 -28.48 -9.79
N LYS A 177 -24.48 -27.83 -9.53
CA LYS A 177 -23.87 -27.87 -8.19
C LYS A 177 -24.67 -27.09 -7.13
N TYR A 178 -25.51 -26.16 -7.55
CA TYR A 178 -26.31 -25.38 -6.62
C TYR A 178 -27.45 -26.14 -5.95
N LEU A 179 -27.76 -27.34 -6.43
CA LEU A 179 -28.74 -28.20 -5.78
C LEU A 179 -28.11 -29.13 -4.73
N GLU A 180 -26.82 -28.94 -4.45
CA GLU A 180 -26.16 -29.83 -3.50
C GLU A 180 -26.73 -29.64 -2.11
N LYS A 181 -26.78 -28.39 -1.65
CA LYS A 181 -27.22 -28.09 -0.30
C LYS A 181 -28.65 -28.54 -0.02
N THR A 182 -29.50 -28.34 -1.02
CA THR A 182 -30.90 -28.72 -0.91
C THR A 182 -31.01 -30.21 -0.62
N MET A 183 -30.22 -31.02 -1.31
CA MET A 183 -30.30 -32.48 -1.18
C MET A 183 -29.79 -33.08 0.14
N ARG A 184 -29.18 -32.27 0.99
CA ARG A 184 -28.68 -32.76 2.26
C ARG A 184 -29.63 -32.34 3.37
N GLN A 185 -30.89 -32.18 3.04
CA GLN A 185 -31.87 -31.54 3.94
C GLN A 185 -33.05 -32.42 4.23
N ARG A 186 -33.62 -32.20 5.40
CA ARG A 186 -34.76 -32.99 5.89
C ARG A 186 -36.05 -32.58 5.18
N TYR A 187 -37.07 -33.43 5.32
CA TYR A 187 -38.42 -33.08 4.90
C TYR A 187 -39.40 -33.55 5.97
N MET A 188 -39.97 -32.59 6.71
CA MET A 188 -40.74 -32.87 7.92
C MET A 188 -39.73 -33.43 8.92
N GLY A 189 -39.61 -34.75 8.98
CA GLY A 189 -38.55 -35.43 9.75
C GLY A 189 -37.64 -36.26 8.88
N LEU A 190 -38.19 -36.85 7.82
CA LEU A 190 -37.49 -37.70 6.86
C LEU A 190 -36.14 -37.15 6.39
N GLU A 191 -35.15 -38.04 6.28
CA GLU A 191 -33.82 -37.67 5.79
C GLU A 191 -33.75 -37.86 4.29
N ALA A 192 -32.67 -37.35 3.68
CA ALA A 192 -32.47 -37.32 2.23
C ALA A 192 -32.98 -38.55 1.47
N ALA A 193 -32.34 -39.69 1.65
CA ALA A 193 -32.65 -40.90 0.88
C ALA A 193 -34.09 -41.40 1.05
N THR A 194 -34.61 -41.32 2.27
CA THR A 194 -35.97 -41.76 2.56
C THR A 194 -36.99 -40.96 1.73
N TRP A 195 -36.96 -39.62 1.83
CA TRP A 195 -37.93 -38.76 1.12
C TRP A 195 -37.75 -38.68 -0.39
N THR A 196 -36.52 -38.93 -0.85
CA THR A 196 -36.15 -38.90 -2.27
C THR A 196 -37.12 -39.64 -3.19
N VAL A 197 -37.65 -40.76 -2.69
CA VAL A 197 -38.72 -41.48 -3.37
C VAL A 197 -40.03 -41.53 -2.55
N SER A 198 -39.92 -41.72 -1.23
CA SER A 198 -41.09 -41.67 -0.33
C SER A 198 -42.04 -40.52 -0.71
N LYS A 199 -41.46 -39.34 -0.91
CA LYS A 199 -42.21 -38.14 -1.26
C LYS A 199 -41.85 -37.65 -2.67
N LEU A 200 -41.68 -38.56 -3.62
CA LEU A 200 -41.31 -38.16 -4.99
C LEU A 200 -42.46 -37.46 -5.69
N THR A 201 -43.68 -37.95 -5.50
CA THR A 201 -44.87 -37.37 -6.14
C THR A 201 -45.22 -35.98 -5.59
N GLU A 202 -44.82 -35.70 -4.35
CA GLU A 202 -44.94 -34.34 -3.81
C GLU A 202 -44.13 -33.37 -4.67
N VAL A 203 -42.84 -33.66 -4.82
CA VAL A 203 -41.95 -32.89 -5.68
C VAL A 203 -42.46 -32.82 -7.13
N GLN A 204 -43.04 -33.92 -7.61
CA GLN A 204 -43.55 -33.97 -8.99
C GLN A 204 -44.54 -32.85 -9.21
N SER A 205 -45.48 -32.74 -8.28
CA SER A 205 -46.55 -31.73 -8.35
C SER A 205 -45.98 -30.36 -8.12
N ALA A 206 -45.05 -30.24 -7.17
CA ALA A 206 -44.38 -28.97 -6.88
C ALA A 206 -43.70 -28.40 -8.11
N LEU A 207 -43.07 -29.25 -8.90
CA LEU A 207 -42.48 -28.83 -10.17
C LEU A 207 -43.57 -28.43 -11.15
N THR A 208 -44.64 -29.21 -11.19
CA THR A 208 -45.76 -28.93 -12.10
C THR A 208 -46.27 -27.52 -11.88
N VAL A 209 -46.38 -27.16 -10.61
CA VAL A 209 -46.83 -25.83 -10.22
C VAL A 209 -45.85 -24.80 -10.78
N VAL A 210 -44.56 -24.96 -10.47
CA VAL A 210 -43.57 -23.94 -10.83
C VAL A 210 -43.46 -23.80 -12.34
N SER A 211 -43.54 -24.92 -13.05
CA SER A 211 -43.40 -24.94 -14.50
C SER A 211 -44.48 -24.14 -15.23
N SER A 212 -45.65 -23.98 -14.60
CA SER A 212 -46.76 -23.21 -15.17
C SER A 212 -46.57 -21.70 -15.10
N LEU A 213 -45.76 -21.24 -14.15
CA LEU A 213 -45.72 -19.83 -13.77
C LEU A 213 -45.20 -18.86 -14.84
N GLY A 214 -44.26 -19.32 -15.68
CA GLY A 214 -43.75 -18.48 -16.76
C GLY A 214 -42.69 -17.49 -16.31
N TRP A 215 -41.43 -17.84 -16.56
CA TRP A 215 -40.29 -17.03 -16.17
C TRP A 215 -40.18 -15.78 -17.04
N LYS A 216 -39.25 -14.90 -16.67
CA LYS A 216 -38.99 -13.71 -17.44
C LYS A 216 -37.50 -13.64 -17.73
N LYS A 217 -37.16 -13.93 -18.98
CA LYS A 217 -35.79 -13.83 -19.46
C LYS A 217 -35.21 -12.44 -19.21
N THR A 218 -35.97 -11.40 -19.53
CA THR A 218 -35.52 -10.02 -19.32
C THR A 218 -36.52 -9.25 -18.45
N ASN A 219 -36.14 -8.05 -18.07
CA ASN A 219 -37.02 -7.14 -17.33
C ASN A 219 -37.67 -6.15 -18.28
N VAL A 220 -38.64 -6.65 -19.05
CA VAL A 220 -39.27 -5.88 -20.13
C VAL A 220 -40.78 -5.76 -19.95
N SER A 221 -41.43 -5.12 -20.93
CA SER A 221 -42.88 -4.97 -20.94
C SER A 221 -43.56 -6.29 -21.34
N ALA A 222 -44.89 -6.27 -21.37
CA ALA A 222 -45.69 -7.39 -21.86
C ALA A 222 -45.69 -7.40 -23.39
N ALA A 223 -45.98 -6.23 -23.98
CA ALA A 223 -45.98 -6.06 -25.43
C ALA A 223 -44.58 -6.29 -26.02
N ALA A 224 -43.56 -5.88 -25.26
CA ALA A 224 -42.17 -6.09 -25.61
C ALA A 224 -41.86 -7.58 -25.78
N ARG A 225 -42.26 -8.37 -24.79
CA ARG A 225 -42.08 -9.83 -24.83
C ARG A 225 -42.47 -10.33 -26.22
N ASP A 226 -43.73 -10.07 -26.57
CA ASP A 226 -44.31 -10.49 -27.83
C ASP A 226 -43.65 -9.81 -29.04
N PHE A 227 -43.59 -8.49 -29.01
CA PHE A 227 -43.08 -7.70 -30.14
C PHE A 227 -41.69 -8.16 -30.58
N LEU A 228 -40.76 -8.17 -29.64
CA LEU A 228 -39.39 -8.58 -29.94
C LEU A 228 -39.34 -10.01 -30.47
N ALA A 229 -40.12 -10.90 -29.84
CA ALA A 229 -40.21 -12.29 -30.28
C ALA A 229 -40.53 -12.44 -31.78
N LYS A 230 -41.28 -11.48 -32.35
CA LYS A 230 -41.63 -11.52 -33.77
C LYS A 230 -40.45 -11.44 -34.75
N PHE A 231 -39.27 -11.06 -34.27
CA PHE A 231 -38.07 -11.01 -35.10
C PHE A 231 -37.07 -12.11 -34.70
N GLY A 232 -37.44 -12.99 -33.77
CA GLY A 232 -36.62 -14.14 -33.35
C GLY A 232 -35.85 -13.90 -32.06
N ILE A 233 -36.58 -13.85 -30.94
CA ILE A 233 -36.04 -13.33 -29.69
C ILE A 233 -36.31 -14.17 -28.43
N ASN A 234 -35.53 -13.87 -27.38
CA ASN A 234 -35.70 -14.42 -26.03
C ASN A 234 -36.37 -13.47 -25.05
N GLY B 1 -11.14 -4.84 20.89
CA GLY B 1 -11.22 -4.68 19.40
C GLY B 1 -12.32 -3.73 18.98
N SER B 2 -12.88 -3.97 17.80
CA SER B 2 -14.04 -3.23 17.29
C SER B 2 -15.00 -4.14 16.53
N MET B 3 -16.18 -3.62 16.19
CA MET B 3 -17.20 -4.37 15.42
C MET B 3 -18.10 -3.38 14.69
N ILE B 4 -18.10 -3.42 13.35
CA ILE B 4 -18.83 -2.41 12.57
C ILE B 4 -20.33 -2.64 12.58
N GLU B 5 -21.09 -1.55 12.55
CA GLU B 5 -22.53 -1.57 12.26
C GLU B 5 -22.76 -0.75 11.01
N LEU B 6 -23.42 -1.35 10.02
CA LEU B 6 -23.72 -0.69 8.75
C LEU B 6 -25.23 -0.72 8.55
N GLU B 7 -25.78 0.41 8.08
CA GLU B 7 -27.22 0.66 8.13
C GLU B 7 -27.86 0.84 6.74
N PHE B 8 -29.18 0.57 6.68
CA PHE B 8 -29.94 0.70 5.44
C PHE B 8 -31.38 1.17 5.71
N HIS B 9 -32.07 1.62 4.66
CA HIS B 9 -33.42 2.20 4.78
C HIS B 9 -34.21 2.11 3.47
N ASP B 10 -35.53 2.26 3.53
CA ASP B 10 -36.46 2.01 2.41
C ASP B 10 -36.20 2.88 1.16
N VAL B 11 -36.99 2.70 0.10
CA VAL B 11 -36.99 3.59 -1.09
C VAL B 11 -38.44 3.97 -1.52
N ALA B 12 -38.99 3.36 -2.56
CA ALA B 12 -40.36 3.64 -3.07
C ALA B 12 -40.72 2.76 -4.28
N THR B 18 -40.09 10.19 -15.30
CA THR B 18 -39.55 11.35 -14.60
C THR B 18 -38.80 12.34 -15.51
N PHE B 19 -37.92 11.77 -16.34
CA PHE B 19 -36.99 12.50 -17.22
C PHE B 19 -37.43 12.30 -18.68
N ASP B 20 -37.49 13.38 -19.46
CA ASP B 20 -37.70 13.23 -20.91
C ASP B 20 -36.52 13.82 -21.66
N PRO B 21 -36.18 13.20 -22.80
CA PRO B 21 -34.96 13.60 -23.47
C PRO B 21 -35.08 14.96 -24.18
N GLU B 22 -36.15 15.19 -24.92
CA GLU B 22 -36.33 16.44 -25.68
C GLU B 22 -36.13 17.74 -24.89
N VAL B 23 -36.47 17.74 -23.61
CA VAL B 23 -36.29 18.93 -22.78
C VAL B 23 -34.85 19.02 -22.28
N ALA B 24 -34.26 17.88 -21.96
CA ALA B 24 -32.85 17.80 -21.53
C ALA B 24 -31.93 18.18 -22.68
N TYR B 25 -32.31 17.76 -23.88
CA TYR B 25 -31.61 18.10 -25.12
C TYR B 25 -31.75 19.59 -25.44
N ALA B 26 -32.98 20.07 -25.41
CA ALA B 26 -33.26 21.49 -25.58
C ALA B 26 -32.31 22.30 -24.71
N ASN B 27 -32.42 22.12 -23.39
CA ASN B 27 -31.58 22.84 -22.43
C ASN B 27 -30.08 22.75 -22.76
N PHE B 28 -29.61 21.55 -23.12
CA PHE B 28 -28.21 21.34 -23.47
C PHE B 28 -27.80 22.18 -24.67
N LYS B 29 -28.56 22.03 -25.77
CA LYS B 29 -28.31 22.79 -26.99
C LYS B 29 -28.25 24.28 -26.73
N ARG B 30 -29.19 24.80 -25.95
CA ARG B 30 -29.21 26.22 -25.64
C ARG B 30 -27.92 26.66 -24.97
N VAL B 31 -27.60 26.04 -23.84
CA VAL B 31 -26.49 26.50 -23.00
C VAL B 31 -25.12 26.20 -23.58
N HIS B 32 -24.93 24.95 -23.97
CA HIS B 32 -23.60 24.40 -24.19
C HIS B 32 -23.09 24.49 -25.64
N THR B 33 -23.96 24.27 -26.63
CA THR B 33 -23.48 24.24 -28.02
C THR B 33 -23.20 25.61 -28.66
N THR B 34 -22.91 26.62 -27.85
CA THR B 34 -22.54 27.94 -28.37
C THR B 34 -21.12 27.88 -28.92
N GLY B 35 -20.14 27.70 -28.02
CA GLY B 35 -18.74 27.60 -28.41
C GLY B 35 -18.35 26.16 -28.70
N LEU B 36 -18.82 25.63 -29.84
CA LEU B 36 -18.64 24.21 -30.18
C LEU B 36 -18.46 23.99 -31.67
N SER B 37 -17.63 23.00 -32.01
CA SER B 37 -17.17 22.76 -33.37
C SER B 37 -17.09 21.28 -33.72
N TYR B 38 -17.09 20.96 -35.01
CA TYR B 38 -17.02 19.58 -35.46
C TYR B 38 -15.70 18.90 -35.03
N ASP B 39 -14.64 19.68 -34.84
CA ASP B 39 -13.38 19.13 -34.33
C ASP B 39 -13.57 18.67 -32.88
N HIS B 40 -14.30 19.44 -32.10
CA HIS B 40 -14.54 19.10 -30.68
C HIS B 40 -15.32 17.79 -30.55
N ILE B 41 -16.29 17.59 -31.44
CA ILE B 41 -17.11 16.40 -31.41
C ILE B 41 -16.30 15.18 -31.78
N ARG B 42 -15.58 15.23 -32.91
CA ARG B 42 -14.85 14.04 -33.38
C ARG B 42 -13.92 13.57 -32.27
N ILE B 43 -13.33 14.51 -31.53
CA ILE B 43 -12.51 14.15 -30.38
C ILE B 43 -13.30 13.28 -29.40
N PHE B 44 -14.51 13.72 -29.06
CA PHE B 44 -15.33 13.03 -28.05
C PHE B 44 -15.64 11.60 -28.47
N TYR B 45 -16.04 11.43 -29.73
CA TYR B 45 -16.43 10.10 -30.20
C TYR B 45 -15.23 9.17 -30.39
N ILE B 46 -14.14 9.69 -30.95
CA ILE B 46 -12.94 8.88 -31.19
C ILE B 46 -12.34 8.38 -29.89
N LYS B 47 -12.11 9.29 -28.96
CA LYS B 47 -11.52 8.94 -27.67
C LYS B 47 -12.57 8.46 -26.65
N GLY B 48 -13.79 8.17 -27.11
CA GLY B 48 -14.85 7.70 -26.22
C GLY B 48 -14.44 6.52 -25.35
N ARG B 49 -13.71 5.58 -25.97
CA ARG B 49 -13.13 4.43 -25.28
C ARG B 49 -12.35 4.81 -24.02
N GLU B 50 -11.40 5.72 -24.21
CA GLU B 50 -10.49 6.15 -23.16
C GLU B 50 -11.19 7.02 -22.11
N ILE B 51 -12.11 7.86 -22.59
CA ILE B 51 -12.86 8.77 -21.72
C ILE B 51 -13.72 7.97 -20.74
N LYS B 52 -14.27 6.86 -21.19
CA LYS B 52 -15.06 6.00 -20.30
C LYS B 52 -14.19 5.42 -19.18
N THR B 53 -13.02 4.90 -19.55
CA THR B 53 -12.13 4.26 -18.58
C THR B 53 -11.60 5.28 -17.58
N SER B 54 -11.00 6.35 -18.09
CA SER B 54 -10.43 7.39 -17.22
C SER B 54 -11.47 7.93 -16.23
N LEU B 55 -12.73 8.04 -16.66
CA LEU B 55 -13.80 8.42 -15.74
C LEU B 55 -14.11 7.33 -14.74
N ALA B 56 -14.06 6.08 -15.18
CA ALA B 56 -14.33 4.94 -14.31
C ALA B 56 -13.26 4.74 -13.23
N LYS B 57 -12.07 5.29 -13.44
CA LYS B 57 -10.98 5.27 -12.44
C LYS B 57 -11.23 6.29 -11.32
N ARG B 58 -11.32 7.56 -11.69
CA ARG B 58 -11.55 8.64 -10.71
C ARG B 58 -12.86 8.44 -9.94
N SER B 59 -12.86 8.83 -8.68
CA SER B 59 -14.00 8.67 -7.78
C SER B 59 -14.84 9.94 -7.62
N GLU B 60 -14.40 11.03 -8.26
CA GLU B 60 -15.02 12.34 -8.10
C GLU B 60 -16.38 12.33 -8.77
N TRP B 61 -17.45 12.64 -8.04
CA TRP B 61 -18.82 12.54 -8.58
C TRP B 61 -19.11 13.48 -9.75
N GLU B 62 -18.52 14.68 -9.76
CA GLU B 62 -18.74 15.63 -10.84
C GLU B 62 -17.38 15.98 -11.47
N VAL B 63 -17.23 15.68 -12.76
CA VAL B 63 -15.97 15.85 -13.49
C VAL B 63 -16.22 16.63 -14.78
N THR B 64 -15.20 17.39 -15.20
CA THR B 64 -15.28 18.17 -16.43
C THR B 64 -14.36 17.62 -17.53
N LEU B 65 -14.86 17.64 -18.76
CA LEU B 65 -14.13 17.16 -19.91
C LEU B 65 -13.64 18.35 -20.71
N ASN B 66 -12.39 18.28 -21.14
CA ASN B 66 -11.79 19.31 -21.99
C ASN B 66 -11.45 18.70 -23.34
N LEU B 67 -12.43 18.76 -24.24
CA LEU B 67 -12.33 18.14 -25.55
C LEU B 67 -11.81 19.17 -26.56
N GLY B 68 -10.49 19.27 -26.68
CA GLY B 68 -9.88 20.35 -27.44
C GLY B 68 -10.24 21.63 -26.69
N GLY B 69 -10.73 22.62 -27.42
CA GLY B 69 -11.21 23.85 -26.79
C GLY B 69 -12.42 23.63 -25.90
N TRP B 70 -13.38 22.86 -26.41
CA TRP B 70 -14.68 22.62 -25.75
C TRP B 70 -14.50 22.00 -24.35
N LYS B 71 -15.34 22.43 -23.42
CA LYS B 71 -15.27 21.98 -22.04
C LYS B 71 -16.67 21.74 -21.46
N ILE B 72 -16.93 20.55 -20.93
CA ILE B 72 -18.23 20.24 -20.31
C ILE B 72 -18.07 19.59 -18.94
N THR B 73 -19.04 19.80 -18.06
CA THR B 73 -19.12 19.16 -16.75
C THR B 73 -20.09 17.99 -16.83
N VAL B 74 -19.62 16.82 -16.40
CA VAL B 74 -20.38 15.57 -16.48
C VAL B 74 -20.39 14.86 -15.13
N TYR B 75 -21.55 14.33 -14.74
CA TYR B 75 -21.65 13.51 -13.54
C TYR B 75 -21.02 12.13 -13.78
N ASN B 76 -19.92 11.85 -13.08
CA ASN B 76 -19.16 10.60 -13.28
C ASN B 76 -19.89 9.41 -12.69
N THR B 77 -20.83 8.93 -13.49
CA THR B 77 -21.67 7.80 -13.15
C THR B 77 -21.00 6.47 -13.57
N ASN B 78 -19.80 6.56 -14.12
CA ASN B 78 -19.04 5.40 -14.60
C ASN B 78 -18.30 4.70 -13.47
N PHE B 79 -17.68 5.47 -12.58
CA PHE B 79 -16.97 4.92 -11.42
C PHE B 79 -17.89 3.99 -10.61
N PRO B 80 -17.45 2.74 -10.38
CA PRO B 80 -18.24 1.73 -9.66
C PRO B 80 -19.00 2.25 -8.44
N GLY B 81 -18.30 2.93 -7.54
CA GLY B 81 -18.90 3.48 -6.32
C GLY B 81 -20.01 4.50 -6.56
N ASN B 82 -19.90 5.27 -7.65
CA ASN B 82 -20.83 6.35 -7.96
C ASN B 82 -22.12 5.88 -8.64
N ARG B 83 -22.14 4.64 -9.13
CA ARG B 83 -23.33 4.13 -9.82
C ARG B 83 -24.55 4.15 -8.92
N ASN B 84 -25.73 4.19 -9.55
CA ASN B 84 -27.01 4.15 -8.86
C ASN B 84 -27.17 5.18 -7.73
N ASN B 85 -26.74 6.42 -7.98
CA ASN B 85 -27.16 7.56 -7.19
C ASN B 85 -27.76 8.62 -8.13
N PRO B 86 -29.00 9.08 -7.85
CA PRO B 86 -29.77 9.92 -8.78
C PRO B 86 -28.99 11.01 -9.56
N VAL B 87 -29.33 11.14 -10.84
CA VAL B 87 -28.75 12.14 -11.73
C VAL B 87 -29.86 13.12 -12.11
N PRO B 88 -29.61 14.44 -11.95
CA PRO B 88 -30.65 15.43 -12.25
C PRO B 88 -31.22 15.30 -13.67
N ASP B 89 -32.48 15.67 -13.87
CA ASP B 89 -33.08 15.60 -15.20
C ASP B 89 -32.38 16.57 -16.18
N ASP B 90 -31.80 17.64 -15.64
CA ASP B 90 -31.01 18.60 -16.41
C ASP B 90 -29.50 18.31 -16.33
N GLY B 91 -29.14 17.09 -15.95
CA GLY B 91 -27.73 16.72 -15.79
C GLY B 91 -27.22 15.95 -16.99
N LEU B 92 -25.91 15.87 -17.12
CA LEU B 92 -25.28 15.15 -18.22
C LEU B 92 -24.49 13.97 -17.68
N THR B 93 -24.68 12.82 -18.31
CA THR B 93 -23.81 11.65 -18.11
C THR B 93 -23.09 11.43 -19.42
N LEU B 94 -22.04 10.63 -19.38
CA LEU B 94 -21.34 10.30 -20.61
C LEU B 94 -22.27 9.78 -21.68
N HIS B 95 -23.21 8.95 -21.25
CA HIS B 95 -24.16 8.35 -22.16
C HIS B 95 -25.03 9.41 -22.81
N ARG B 96 -25.69 10.20 -21.97
CA ARG B 96 -26.62 11.20 -22.46
C ARG B 96 -25.92 12.13 -23.42
N LEU B 97 -24.71 12.53 -23.04
CA LEU B 97 -23.90 13.40 -23.89
C LEU B 97 -23.72 12.80 -25.28
N SER B 98 -23.33 11.53 -25.33
CA SER B 98 -23.14 10.85 -26.60
C SER B 98 -24.40 10.87 -27.44
N GLY B 99 -25.55 10.67 -26.80
CA GLY B 99 -26.83 10.70 -27.50
C GLY B 99 -27.19 12.07 -28.02
N PHE B 100 -26.99 13.08 -27.17
CA PHE B 100 -27.31 14.45 -27.54
C PHE B 100 -26.50 14.85 -28.76
N LEU B 101 -25.19 14.65 -28.69
CA LEU B 101 -24.31 14.97 -29.79
C LEU B 101 -24.70 14.25 -31.06
N ALA B 102 -25.20 13.03 -30.97
CA ALA B 102 -25.65 12.32 -32.17
C ALA B 102 -26.90 12.98 -32.78
N ARG B 103 -27.79 13.47 -31.94
CA ARG B 103 -28.98 14.22 -32.37
C ARG B 103 -28.48 15.48 -33.06
N TYR B 104 -27.74 16.28 -32.30
CA TYR B 104 -27.15 17.54 -32.78
C TYR B 104 -26.56 17.47 -34.18
N LEU B 105 -25.80 16.40 -34.44
CA LEU B 105 -25.21 16.19 -35.76
C LEU B 105 -26.28 15.90 -36.77
N LEU B 106 -27.18 14.97 -36.45
CA LEU B 106 -28.20 14.59 -37.41
C LEU B 106 -29.00 15.81 -37.81
N GLU B 107 -29.22 16.73 -36.89
CA GLU B 107 -29.95 17.96 -37.21
C GLU B 107 -29.19 18.79 -38.21
N LYS B 108 -27.94 19.10 -37.90
CA LYS B 108 -27.04 19.78 -38.86
C LYS B 108 -27.07 19.09 -40.22
N MET B 109 -26.77 17.79 -40.23
CA MET B 109 -26.74 17.01 -41.47
C MET B 109 -27.98 17.12 -42.38
N LEU B 110 -29.07 17.68 -41.87
CA LEU B 110 -30.29 17.91 -42.65
C LEU B 110 -30.47 19.37 -43.04
N LYS B 111 -30.12 20.28 -42.13
CA LYS B 111 -30.30 21.72 -42.35
C LYS B 111 -29.08 22.48 -42.89
N VAL B 112 -28.01 21.80 -43.31
CA VAL B 112 -26.82 22.53 -43.75
C VAL B 112 -26.38 22.26 -45.18
N SER B 113 -25.47 23.14 -45.60
CA SER B 113 -24.86 23.21 -46.93
C SER B 113 -24.21 21.90 -47.36
N GLU B 114 -24.35 21.57 -48.65
CA GLU B 114 -23.75 20.35 -49.23
C GLU B 114 -22.23 20.19 -49.08
N PRO B 115 -21.47 21.29 -49.22
CA PRO B 115 -20.04 21.23 -48.85
C PRO B 115 -19.81 21.12 -47.35
N GLU B 116 -20.67 21.74 -46.53
CA GLU B 116 -20.56 21.63 -45.07
C GLU B 116 -20.74 20.17 -44.62
N LYS B 117 -21.68 19.45 -45.24
CA LYS B 117 -21.88 18.02 -44.97
C LYS B 117 -20.62 17.20 -45.18
N LEU B 118 -19.81 17.59 -46.15
CA LEU B 118 -18.57 16.89 -46.45
C LEU B 118 -17.53 17.13 -45.36
N ILE B 119 -17.59 18.29 -44.69
CA ILE B 119 -16.74 18.55 -43.52
C ILE B 119 -17.09 17.58 -42.39
N ILE B 120 -18.38 17.32 -42.20
CA ILE B 120 -18.83 16.38 -41.18
C ILE B 120 -18.30 14.99 -41.51
N LYS B 121 -18.65 14.49 -42.69
CA LYS B 121 -18.32 13.11 -43.07
C LYS B 121 -16.81 12.82 -43.07
N SER B 122 -16.00 13.86 -43.26
CA SER B 122 -14.55 13.74 -43.18
C SER B 122 -14.06 13.66 -41.74
N LYS B 123 -14.55 14.59 -40.91
CA LYS B 123 -14.07 14.78 -39.53
C LYS B 123 -14.60 13.77 -38.52
N ILE B 124 -15.91 13.56 -38.50
CA ILE B 124 -16.56 12.76 -37.47
C ILE B 124 -16.56 11.27 -37.81
N ILE B 125 -15.96 10.48 -36.92
CA ILE B 125 -15.88 9.04 -37.08
C ILE B 125 -16.64 8.40 -35.94
N ASN B 126 -17.41 7.36 -36.28
CA ASN B 126 -18.19 6.57 -35.33
C ASN B 126 -17.58 5.20 -35.11
N PRO B 127 -16.69 5.07 -34.11
CA PRO B 127 -16.03 3.82 -33.81
C PRO B 127 -16.88 2.56 -33.96
N LEU B 128 -18.06 2.55 -33.35
CA LEU B 128 -18.89 1.34 -33.31
C LEU B 128 -19.48 0.98 -34.67
N ALA B 129 -19.90 1.99 -35.43
CA ALA B 129 -20.42 1.76 -36.78
C ALA B 129 -19.33 1.25 -37.71
N GLU B 130 -18.15 1.86 -37.63
CA GLU B 130 -17.01 1.49 -38.48
C GLU B 130 -16.52 0.08 -38.19
N LYS B 131 -16.33 -0.26 -36.91
CA LYS B 131 -15.95 -1.62 -36.50
C LYS B 131 -16.83 -2.66 -37.16
N ASN B 132 -18.14 -2.38 -37.18
CA ASN B 132 -19.11 -3.28 -37.80
C ASN B 132 -19.33 -2.96 -39.29
N GLY B 133 -18.30 -2.42 -39.95
CA GLY B 133 -18.32 -2.19 -41.40
C GLY B 133 -19.49 -1.37 -41.93
N ILE B 134 -19.81 -0.30 -41.22
CA ILE B 134 -20.86 0.60 -41.65
C ILE B 134 -20.27 2.00 -41.66
N THR B 135 -20.51 2.74 -42.74
CA THR B 135 -19.95 4.06 -42.91
C THR B 135 -21.05 5.07 -43.20
N TRP B 136 -20.68 6.34 -43.24
CA TRP B 136 -21.60 7.43 -43.58
C TRP B 136 -22.41 7.13 -44.83
N ASN B 137 -21.74 6.56 -45.81
CA ASN B 137 -22.36 6.18 -47.07
C ASN B 137 -23.63 5.34 -46.89
N ASP B 138 -23.64 4.48 -45.88
CA ASP B 138 -24.82 3.63 -45.63
C ASP B 138 -26.07 4.38 -45.10
N GLY B 139 -25.95 5.68 -44.82
CA GLY B 139 -27.12 6.49 -44.44
C GLY B 139 -26.80 7.32 -43.22
N GLU B 140 -26.99 8.63 -43.31
CA GLU B 140 -26.61 9.52 -42.22
C GLU B 140 -27.42 9.24 -40.94
N GLU B 141 -28.68 8.87 -41.09
CA GLU B 141 -29.53 8.56 -39.93
C GLU B 141 -29.16 7.22 -39.29
N VAL B 142 -28.72 6.28 -40.12
CA VAL B 142 -28.27 4.95 -39.67
C VAL B 142 -26.92 5.03 -38.96
N TYR B 143 -25.92 5.60 -39.63
CA TYR B 143 -24.57 5.73 -39.10
C TYR B 143 -24.58 6.37 -37.71
N LEU B 144 -25.29 7.49 -37.57
CA LEU B 144 -25.37 8.19 -36.28
C LEU B 144 -26.15 7.42 -35.20
N SER B 145 -27.08 6.54 -35.57
CA SER B 145 -27.83 5.80 -34.55
C SER B 145 -27.01 4.68 -33.89
N PHE B 146 -25.86 4.34 -34.48
CA PHE B 146 -24.90 3.48 -33.79
C PHE B 146 -24.31 4.08 -32.52
N PHE B 147 -24.28 5.41 -32.42
CA PHE B 147 -23.75 6.05 -31.21
C PHE B 147 -24.64 5.75 -30.02
N PRO B 148 -24.04 5.37 -28.88
CA PRO B 148 -24.87 5.18 -27.71
C PRO B 148 -25.56 6.48 -27.30
N GLY B 149 -26.78 6.35 -26.79
CA GLY B 149 -27.61 7.48 -26.43
C GLY B 149 -28.66 7.75 -27.50
N SER B 150 -28.42 7.28 -28.72
CA SER B 150 -29.36 7.51 -29.80
C SER B 150 -30.78 7.00 -29.49
N GLU B 151 -30.88 5.92 -28.72
CA GLU B 151 -32.18 5.33 -28.35
C GLU B 151 -33.11 6.26 -27.57
N MET B 152 -32.56 7.28 -26.92
CA MET B 152 -33.38 8.33 -26.30
C MET B 152 -34.30 9.04 -27.31
N PHE B 153 -33.92 9.03 -28.58
CA PHE B 153 -34.62 9.77 -29.61
C PHE B 153 -35.05 8.88 -30.76
N LEU B 154 -35.72 7.78 -30.46
CA LEU B 154 -36.17 6.84 -31.51
C LEU B 154 -36.97 7.52 -32.62
N GLY B 155 -37.66 8.61 -32.24
CA GLY B 155 -38.35 9.47 -33.19
C GLY B 155 -37.35 10.03 -34.20
N THR B 156 -36.50 10.93 -33.71
CA THR B 156 -35.44 11.52 -34.53
C THR B 156 -34.71 10.53 -35.44
N PHE B 157 -34.37 9.35 -34.92
CA PHE B 157 -33.55 8.39 -35.67
C PHE B 157 -34.35 7.31 -36.37
N ARG B 158 -35.68 7.42 -36.36
CA ARG B 158 -36.52 6.54 -37.15
C ARG B 158 -36.20 5.06 -36.89
N PHE B 159 -36.36 4.67 -35.63
CA PHE B 159 -36.26 3.28 -35.15
C PHE B 159 -34.97 2.49 -35.46
N TYR B 160 -33.94 3.13 -35.99
CA TYR B 160 -32.68 2.43 -36.27
C TYR B 160 -31.94 1.99 -35.00
N PRO B 161 -31.93 2.82 -33.93
CA PRO B 161 -31.31 2.36 -32.68
C PRO B 161 -31.83 0.97 -32.26
N LEU B 162 -33.14 0.80 -32.31
CA LEU B 162 -33.80 -0.47 -32.00
C LEU B 162 -33.50 -1.55 -33.03
N ALA B 163 -33.61 -1.20 -34.31
CA ALA B 163 -33.34 -2.15 -35.39
C ALA B 163 -31.93 -2.71 -35.31
N ILE B 164 -30.95 -1.84 -35.05
CA ILE B 164 -29.57 -2.27 -34.91
C ILE B 164 -29.44 -3.28 -33.76
N GLY B 165 -30.08 -2.97 -32.63
CA GLY B 165 -30.09 -3.88 -31.47
C GLY B 165 -30.69 -5.23 -31.83
N ILE B 166 -31.90 -5.20 -32.38
CA ILE B 166 -32.62 -6.41 -32.74
C ILE B 166 -31.80 -7.27 -33.69
N TYR B 167 -31.14 -6.66 -34.67
CA TYR B 167 -30.30 -7.38 -35.59
C TYR B 167 -29.10 -8.05 -34.92
N LYS B 168 -28.62 -7.45 -33.83
CA LYS B 168 -27.45 -7.96 -33.13
C LYS B 168 -27.78 -9.12 -32.20
N VAL B 169 -28.91 -9.05 -31.48
CA VAL B 169 -29.29 -10.15 -30.57
C VAL B 169 -29.62 -11.43 -31.35
N GLN B 170 -30.37 -11.28 -32.44
CA GLN B 170 -30.79 -12.43 -33.24
C GLN B 170 -29.62 -13.07 -34.01
N ARG B 171 -28.50 -12.36 -34.12
CA ARG B 171 -27.28 -12.93 -34.66
C ARG B 171 -26.25 -13.08 -33.53
N LYS B 172 -26.75 -13.35 -32.33
CA LYS B 172 -25.96 -13.74 -31.15
C LYS B 172 -24.88 -12.78 -30.64
N GLU B 173 -24.73 -11.61 -31.28
CA GLU B 173 -23.64 -10.69 -30.94
C GLU B 173 -23.86 -9.98 -29.59
N MET B 174 -25.09 -9.58 -29.34
CA MET B 174 -25.46 -8.84 -28.13
C MET B 174 -26.41 -9.71 -27.32
N GLU B 175 -26.46 -9.48 -26.02
CA GLU B 175 -27.36 -10.20 -25.14
C GLU B 175 -28.71 -9.49 -25.05
N PRO B 176 -29.81 -10.26 -24.96
CA PRO B 176 -31.18 -9.75 -24.83
C PRO B 176 -31.41 -8.59 -23.87
N LYS B 177 -30.66 -8.53 -22.77
CA LYS B 177 -30.92 -7.53 -21.74
C LYS B 177 -30.58 -6.10 -22.16
N TYR B 178 -29.74 -5.94 -23.18
CA TYR B 178 -29.36 -4.61 -23.64
C TYR B 178 -30.44 -3.86 -24.40
N LEU B 179 -31.51 -4.54 -24.78
CA LEU B 179 -32.66 -3.89 -25.39
C LEU B 179 -33.69 -3.42 -24.35
N GLU B 180 -33.35 -3.52 -23.07
CA GLU B 180 -34.29 -3.10 -22.04
C GLU B 180 -34.55 -1.61 -22.08
N LYS B 181 -33.48 -0.82 -22.09
CA LYS B 181 -33.58 0.65 -22.07
C LYS B 181 -34.32 1.20 -23.27
N THR B 182 -34.05 0.63 -24.43
CA THR B 182 -34.69 1.05 -25.66
C THR B 182 -36.20 0.92 -25.52
N MET B 183 -36.67 -0.18 -24.94
CA MET B 183 -38.10 -0.47 -24.83
C MET B 183 -38.89 0.38 -23.83
N ARG B 184 -38.21 1.19 -23.05
CA ARG B 184 -38.89 2.05 -22.09
C ARG B 184 -38.92 3.49 -22.63
N GLN B 185 -38.93 3.63 -23.96
CA GLN B 185 -38.73 4.93 -24.61
C GLN B 185 -39.88 5.28 -25.54
N ARG B 186 -40.06 6.59 -25.70
CA ARG B 186 -41.14 7.14 -26.50
C ARG B 186 -40.81 7.02 -27.99
N TYR B 187 -41.83 7.21 -28.82
CA TYR B 187 -41.64 7.35 -30.26
C TYR B 187 -42.55 8.48 -30.77
N MET B 188 -41.93 9.61 -31.12
CA MET B 188 -42.64 10.87 -31.38
C MET B 188 -43.24 11.30 -30.04
N GLY B 189 -44.49 10.94 -29.79
CA GLY B 189 -45.13 11.10 -28.48
C GLY B 189 -45.54 9.78 -27.85
N LEU B 190 -45.94 8.82 -28.69
CA LEU B 190 -46.37 7.48 -28.29
C LEU B 190 -45.48 6.80 -27.24
N GLU B 191 -46.11 6.12 -26.28
CA GLU B 191 -45.39 5.38 -25.24
C GLU B 191 -45.19 3.93 -25.68
N ALA B 192 -44.37 3.20 -24.93
CA ALA B 192 -43.93 1.84 -25.26
C ALA B 192 -44.99 0.94 -25.91
N ALA B 193 -46.00 0.54 -25.14
CA ALA B 193 -47.01 -0.41 -25.60
C ALA B 193 -47.77 0.05 -26.85
N THR B 194 -48.11 1.34 -26.89
CA THR B 194 -48.87 1.90 -28.02
C THR B 194 -48.09 1.71 -29.33
N TRP B 195 -46.85 2.19 -29.39
CA TRP B 195 -46.03 2.11 -30.63
C TRP B 195 -45.54 0.70 -30.99
N THR B 196 -45.43 -0.17 -29.99
CA THR B 196 -44.97 -1.55 -30.14
C THR B 196 -45.61 -2.29 -31.31
N VAL B 197 -46.89 -2.01 -31.54
CA VAL B 197 -47.62 -2.52 -32.71
C VAL B 197 -48.11 -1.39 -33.63
N SER B 198 -48.60 -0.29 -33.05
CA SER B 198 -49.01 0.90 -33.82
C SER B 198 -48.01 1.18 -34.95
N LYS B 199 -46.72 1.18 -34.58
CA LYS B 199 -45.64 1.45 -35.51
C LYS B 199 -44.75 0.22 -35.72
N LEU B 200 -45.35 -0.97 -35.80
CA LEU B 200 -44.57 -2.20 -35.99
C LEU B 200 -43.93 -2.27 -37.37
N THR B 201 -44.69 -1.87 -38.39
CA THR B 201 -44.20 -1.91 -39.77
C THR B 201 -43.08 -0.90 -40.02
N GLU B 202 -43.04 0.18 -39.25
CA GLU B 202 -41.92 1.11 -39.30
C GLU B 202 -40.63 0.36 -38.94
N VAL B 203 -40.63 -0.27 -37.76
CA VAL B 203 -39.51 -1.08 -37.29
C VAL B 203 -39.19 -2.22 -38.26
N GLN B 204 -40.22 -2.80 -38.88
CA GLN B 204 -40.03 -3.89 -39.84
C GLN B 204 -39.09 -3.44 -40.96
N SER B 205 -39.40 -2.28 -41.54
CA SER B 205 -38.61 -1.72 -42.63
C SER B 205 -37.24 -1.26 -42.13
N ALA B 206 -37.21 -0.65 -40.95
CA ALA B 206 -35.95 -0.22 -40.34
C ALA B 206 -34.98 -1.38 -40.20
N LEU B 207 -35.48 -2.55 -39.79
CA LEU B 207 -34.64 -3.76 -39.71
C LEU B 207 -34.20 -4.19 -41.10
N THR B 208 -35.13 -4.13 -42.06
CA THR B 208 -34.84 -4.50 -43.44
C THR B 208 -33.64 -3.71 -43.95
N VAL B 209 -33.64 -2.42 -43.66
CA VAL B 209 -32.55 -1.53 -44.05
C VAL B 209 -31.24 -2.03 -43.41
N VAL B 210 -31.24 -2.20 -42.08
CA VAL B 210 -29.98 -2.53 -41.36
C VAL B 210 -29.47 -3.90 -41.80
N SER B 211 -30.37 -4.85 -42.03
CA SER B 211 -30.00 -6.22 -42.41
C SER B 211 -29.27 -6.31 -43.76
N SER B 212 -29.49 -5.33 -44.63
CA SER B 212 -28.82 -5.28 -45.92
C SER B 212 -27.34 -4.85 -45.84
N LEU B 213 -26.99 -4.10 -44.80
CA LEU B 213 -25.73 -3.35 -44.76
C LEU B 213 -24.45 -4.18 -44.72
N GLY B 214 -24.50 -5.36 -44.11
CA GLY B 214 -23.35 -6.26 -44.09
C GLY B 214 -22.30 -5.91 -43.03
N TRP B 215 -22.34 -6.62 -41.91
CA TRP B 215 -21.45 -6.38 -40.77
C TRP B 215 -20.01 -6.84 -41.08
N LYS B 216 -19.06 -6.54 -40.19
CA LYS B 216 -17.65 -6.96 -40.38
C LYS B 216 -17.18 -7.67 -39.11
N LYS B 217 -16.99 -8.98 -39.22
CA LYS B 217 -16.50 -9.81 -38.12
C LYS B 217 -15.16 -9.28 -37.57
N THR B 218 -14.22 -8.97 -38.45
CA THR B 218 -12.92 -8.42 -38.05
C THR B 218 -12.65 -7.08 -38.72
N ASN B 219 -11.57 -6.43 -38.33
CA ASN B 219 -11.11 -5.19 -38.95
C ASN B 219 -10.01 -5.49 -39.95
N VAL B 220 -10.42 -6.05 -41.09
CA VAL B 220 -9.48 -6.53 -42.10
C VAL B 220 -9.70 -5.86 -43.47
N SER B 221 -8.92 -6.27 -44.45
CA SER B 221 -9.04 -5.79 -45.83
C SER B 221 -10.25 -6.42 -46.52
N ALA B 222 -10.47 -6.03 -47.78
CA ALA B 222 -11.50 -6.63 -48.63
C ALA B 222 -11.01 -7.99 -49.16
N ALA B 223 -9.79 -7.99 -49.70
CA ALA B 223 -9.16 -9.21 -50.22
C ALA B 223 -8.93 -10.23 -49.10
N ALA B 224 -8.61 -9.72 -47.92
CA ALA B 224 -8.44 -10.54 -46.72
C ALA B 224 -9.71 -11.31 -46.39
N ARG B 225 -10.84 -10.60 -46.37
CA ARG B 225 -12.15 -11.22 -46.11
C ARG B 225 -12.23 -12.50 -46.93
N ASP B 226 -12.10 -12.35 -48.25
CA ASP B 226 -12.19 -13.44 -49.22
C ASP B 226 -11.05 -14.45 -49.07
N PHE B 227 -9.82 -13.95 -49.10
CA PHE B 227 -8.65 -14.82 -49.05
C PHE B 227 -8.66 -15.79 -47.88
N LEU B 228 -8.80 -15.26 -46.68
CA LEU B 228 -8.86 -16.09 -45.48
C LEU B 228 -10.00 -17.08 -45.53
N ALA B 229 -11.17 -16.62 -45.97
CA ALA B 229 -12.35 -17.49 -46.11
C ALA B 229 -12.06 -18.75 -46.94
N LYS B 230 -11.12 -18.67 -47.89
CA LYS B 230 -10.76 -19.84 -48.72
C LYS B 230 -10.15 -21.03 -47.97
N PHE B 231 -9.75 -20.83 -46.71
CA PHE B 231 -9.23 -21.92 -45.88
C PHE B 231 -10.20 -22.27 -44.72
N GLY B 232 -11.38 -21.64 -44.69
CA GLY B 232 -12.42 -21.93 -43.71
C GLY B 232 -12.48 -20.95 -42.56
N ILE B 233 -12.92 -19.73 -42.85
CA ILE B 233 -12.74 -18.58 -41.95
C ILE B 233 -13.97 -17.68 -41.70
N ASN B 234 -13.88 -16.89 -40.63
CA ASN B 234 -14.84 -15.85 -40.28
C ASN B 234 -14.20 -14.51 -40.63
N GLY C 1 -13.04 21.00 -0.95
CA GLY C 1 -12.54 19.99 -1.93
C GLY C 1 -12.19 20.57 -3.29
N SER C 2 -12.27 19.74 -4.33
CA SER C 2 -11.86 20.11 -5.68
C SER C 2 -12.70 19.41 -6.75
N MET C 3 -12.46 19.77 -8.03
CA MET C 3 -13.07 19.10 -9.20
C MET C 3 -12.04 19.04 -10.34
N ILE C 4 -11.73 17.83 -10.79
CA ILE C 4 -10.71 17.61 -11.81
C ILE C 4 -11.23 17.98 -13.20
N GLU C 5 -10.32 18.49 -14.04
CA GLU C 5 -10.54 18.62 -15.47
C GLU C 5 -9.47 17.80 -16.18
N LEU C 6 -9.91 16.91 -17.07
CA LEU C 6 -9.00 16.04 -17.82
C LEU C 6 -9.24 16.29 -19.30
N GLU C 7 -8.16 16.36 -20.06
CA GLU C 7 -8.17 16.92 -21.43
C GLU C 7 -7.78 15.92 -22.52
N PHE C 8 -8.26 16.18 -23.74
CA PHE C 8 -7.99 15.33 -24.89
C PHE C 8 -7.91 16.17 -26.17
N HIS C 9 -7.35 15.59 -27.23
CA HIS C 9 -7.11 16.31 -28.49
C HIS C 9 -7.05 15.37 -29.69
N ASP C 10 -7.21 15.93 -30.89
CA ASP C 10 -7.40 15.15 -32.14
C ASP C 10 -6.23 14.20 -32.46
N VAL C 11 -6.36 13.46 -33.56
CA VAL C 11 -5.26 12.68 -34.15
C VAL C 11 -5.41 12.91 -35.67
N ALA C 12 -4.44 12.58 -36.50
CA ALA C 12 -4.53 12.86 -37.94
C ALA C 12 -5.87 12.40 -38.48
N THR C 18 3.45 3.68 -42.74
CA THR C 18 4.40 4.59 -42.09
C THR C 18 5.80 4.00 -41.94
N PHE C 19 5.85 2.76 -41.43
CA PHE C 19 7.08 2.04 -41.07
C PHE C 19 7.29 0.87 -42.04
N ASP C 20 8.49 0.71 -42.57
CA ASP C 20 8.81 -0.49 -43.36
C ASP C 20 9.96 -1.24 -42.69
N PRO C 21 9.93 -2.59 -42.81
CA PRO C 21 10.87 -3.38 -42.04
C PRO C 21 12.28 -3.31 -42.61
N GLU C 22 12.43 -3.48 -43.93
CA GLU C 22 13.76 -3.51 -44.56
C GLU C 22 14.69 -2.36 -44.19
N VAL C 23 14.14 -1.17 -43.96
CA VAL C 23 14.96 -0.01 -43.59
C VAL C 23 15.29 -0.04 -42.10
N ALA C 24 14.32 -0.46 -41.29
CA ALA C 24 14.52 -0.61 -39.85
C ALA C 24 15.54 -1.70 -39.56
N TYR C 25 15.46 -2.77 -40.36
CA TYR C 25 16.41 -3.89 -40.30
C TYR C 25 17.81 -3.46 -40.74
N ALA C 26 17.86 -2.80 -41.89
CA ALA C 26 19.11 -2.22 -42.40
C ALA C 26 19.81 -1.45 -41.29
N ASN C 27 19.16 -0.41 -40.79
CA ASN C 27 19.70 0.42 -39.72
C ASN C 27 20.17 -0.39 -38.50
N PHE C 28 19.36 -1.36 -38.08
CA PHE C 28 19.70 -2.23 -36.94
C PHE C 28 20.98 -3.02 -37.19
N LYS C 29 21.02 -3.74 -38.30
CA LYS C 29 22.20 -4.51 -38.70
C LYS C 29 23.46 -3.64 -38.72
N ARG C 30 23.37 -2.45 -39.29
CA ARG C 30 24.52 -1.56 -39.38
C ARG C 30 25.05 -1.23 -37.98
N VAL C 31 24.19 -0.67 -37.14
CA VAL C 31 24.63 -0.14 -35.84
C VAL C 31 24.95 -1.22 -34.81
N HIS C 32 24.03 -2.16 -34.66
CA HIS C 32 24.01 -3.02 -33.49
C HIS C 32 24.75 -4.36 -33.65
N THR C 33 24.66 -5.00 -34.82
CA THR C 33 25.25 -6.33 -34.98
C THR C 33 26.77 -6.36 -35.16
N THR C 34 27.47 -5.34 -34.68
CA THR C 34 28.93 -5.33 -34.74
C THR C 34 29.47 -6.29 -33.68
N GLY C 35 29.28 -5.95 -32.41
CA GLY C 35 29.74 -6.78 -31.30
C GLY C 35 28.68 -7.78 -30.90
N LEU C 36 28.47 -8.80 -31.73
CA LEU C 36 27.38 -9.77 -31.53
C LEU C 36 27.76 -11.17 -31.98
N SER C 37 27.22 -12.17 -31.27
CA SER C 37 27.64 -13.56 -31.41
C SER C 37 26.46 -14.51 -31.31
N TYR C 38 26.63 -15.72 -31.82
CA TYR C 38 25.58 -16.73 -31.75
C TYR C 38 25.20 -17.13 -30.31
N ASP C 39 26.13 -16.99 -29.37
CA ASP C 39 25.82 -17.21 -27.96
C ASP C 39 24.85 -16.15 -27.45
N HIS C 40 25.05 -14.91 -27.86
CA HIS C 40 24.19 -13.80 -27.44
C HIS C 40 22.76 -14.01 -27.92
N ILE C 41 22.61 -14.50 -29.15
CA ILE C 41 21.29 -14.73 -29.72
C ILE C 41 20.57 -15.84 -29.01
N ARG C 42 21.21 -17.00 -28.85
CA ARG C 42 20.54 -18.14 -28.24
C ARG C 42 19.99 -17.74 -26.89
N ILE C 43 20.75 -16.92 -26.16
CA ILE C 43 20.25 -16.38 -24.89
C ILE C 43 18.91 -15.67 -25.06
N PHE C 44 18.84 -14.80 -26.05
CA PHE C 44 17.65 -14.00 -26.27
C PHE C 44 16.43 -14.87 -26.55
N TYR C 45 16.59 -15.85 -27.44
CA TYR C 45 15.46 -16.69 -27.82
C TYR C 45 15.05 -17.67 -26.72
N ILE C 46 16.02 -18.27 -26.05
CA ILE C 46 15.72 -19.23 -24.97
C ILE C 46 15.00 -18.56 -23.81
N LYS C 47 15.55 -17.45 -23.32
CA LYS C 47 14.94 -16.73 -22.21
C LYS C 47 13.86 -15.74 -22.66
N GLY C 48 13.41 -15.84 -23.91
CA GLY C 48 12.36 -14.95 -24.44
C GLY C 48 11.13 -14.88 -23.57
N ARG C 49 10.73 -16.04 -23.06
CA ARG C 49 9.63 -16.17 -22.10
C ARG C 49 9.76 -15.20 -20.92
N GLU C 50 10.91 -15.28 -20.25
CA GLU C 50 11.18 -14.51 -19.03
C GLU C 50 11.37 -13.04 -19.33
N ILE C 51 12.03 -12.76 -20.45
CA ILE C 51 12.32 -11.40 -20.87
C ILE C 51 11.03 -10.64 -21.12
N LYS C 52 10.03 -11.31 -21.66
CA LYS C 52 8.73 -10.69 -21.90
C LYS C 52 8.07 -10.29 -20.58
N THR C 53 8.08 -11.21 -19.62
CA THR C 53 7.42 -10.98 -18.33
C THR C 53 8.14 -9.88 -17.57
N SER C 54 9.45 -10.03 -17.37
CA SER C 54 10.22 -9.05 -16.62
C SER C 54 10.06 -7.64 -17.20
N LEU C 55 9.95 -7.53 -18.52
CA LEU C 55 9.67 -6.23 -19.14
C LEU C 55 8.24 -5.76 -18.87
N ALA C 56 7.30 -6.70 -18.85
CA ALA C 56 5.89 -6.38 -18.58
C ALA C 56 5.64 -5.93 -17.14
N LYS C 57 6.56 -6.25 -16.21
CA LYS C 57 6.50 -5.80 -14.82
C LYS C 57 6.94 -4.34 -14.70
N ARG C 58 8.18 -4.05 -15.09
CA ARG C 58 8.74 -2.70 -15.01
C ARG C 58 7.91 -1.71 -15.83
N SER C 59 7.81 -0.48 -15.33
CA SER C 59 7.03 0.59 -15.96
C SER C 59 7.87 1.57 -16.80
N GLU C 60 9.18 1.37 -16.80
CA GLU C 60 10.13 2.28 -17.45
C GLU C 60 9.94 2.17 -18.97
N TRP C 61 9.65 3.27 -19.64
CA TRP C 61 9.37 3.23 -21.08
C TRP C 61 10.53 2.77 -21.97
N GLU C 62 11.77 3.08 -21.59
CA GLU C 62 12.95 2.67 -22.36
C GLU C 62 13.88 1.85 -21.47
N VAL C 63 14.09 0.58 -21.84
CA VAL C 63 14.86 -0.37 -21.04
C VAL C 63 15.94 -1.02 -21.91
N THR C 64 17.05 -1.39 -21.27
CA THR C 64 18.16 -2.06 -21.96
C THR C 64 18.31 -3.53 -21.53
N LEU C 65 18.62 -4.36 -22.51
CA LEU C 65 18.80 -5.79 -22.28
C LEU C 65 20.28 -6.09 -22.32
N ASN C 66 20.73 -6.90 -21.36
CA ASN C 66 22.10 -7.37 -21.32
C ASN C 66 22.13 -8.88 -21.50
N LEU C 67 22.23 -9.27 -22.77
CA LEU C 67 22.17 -10.68 -23.17
C LEU C 67 23.57 -11.26 -23.26
N GLY C 68 24.09 -11.75 -22.14
CA GLY C 68 25.49 -12.11 -22.05
C GLY C 68 26.27 -10.82 -22.21
N GLY C 69 27.27 -10.82 -23.08
CA GLY C 69 28.01 -9.59 -23.38
C GLY C 69 27.16 -8.53 -24.07
N TRP C 70 26.37 -8.97 -25.05
CA TRP C 70 25.56 -8.09 -25.90
C TRP C 70 24.57 -7.26 -25.08
N LYS C 71 24.37 -6.01 -25.49
CA LYS C 71 23.51 -5.07 -24.78
C LYS C 71 22.70 -4.23 -25.76
N ILE C 72 21.37 -4.20 -25.63
CA ILE C 72 20.50 -3.39 -26.50
C ILE C 72 19.49 -2.58 -25.68
N THR C 73 19.09 -1.43 -26.22
CA THR C 73 18.05 -0.60 -25.65
C THR C 73 16.75 -0.83 -26.41
N VAL C 74 15.68 -1.14 -25.66
CA VAL C 74 14.38 -1.51 -26.23
C VAL C 74 13.28 -0.69 -25.59
N TYR C 75 12.33 -0.23 -26.40
CA TYR C 75 11.14 0.47 -25.87
C TYR C 75 10.19 -0.55 -25.23
N ASN C 76 10.02 -0.46 -23.92
CA ASN C 76 9.19 -1.42 -23.16
C ASN C 76 7.71 -1.21 -23.42
N THR C 77 7.28 -1.77 -24.53
CA THR C 77 5.91 -1.69 -25.00
C THR C 77 5.08 -2.84 -24.42
N ASN C 78 5.70 -3.67 -23.58
CA ASN C 78 5.06 -4.83 -22.98
C ASN C 78 4.24 -4.44 -21.75
N PHE C 79 4.80 -3.57 -20.92
CA PHE C 79 4.11 -3.08 -19.72
C PHE C 79 2.73 -2.50 -20.07
N PRO C 80 1.66 -3.01 -19.42
CA PRO C 80 0.28 -2.59 -19.71
C PRO C 80 0.09 -1.08 -19.93
N GLY C 81 0.59 -0.27 -19.00
CA GLY C 81 0.49 1.19 -19.09
C GLY C 81 1.15 1.79 -20.31
N ASN C 82 2.25 1.19 -20.76
CA ASN C 82 3.04 1.71 -21.87
C ASN C 82 2.50 1.38 -23.26
N ARG C 83 1.56 0.45 -23.35
CA ARG C 83 1.02 0.03 -24.64
C ARG C 83 0.37 1.20 -25.36
N ASN C 84 0.30 1.07 -26.68
CA ASN C 84 -0.35 2.06 -27.54
C ASN C 84 0.12 3.52 -27.34
N ASN C 85 1.43 3.71 -27.20
CA ASN C 85 2.04 5.04 -27.36
C ASN C 85 3.16 4.92 -28.43
N PRO C 86 3.13 5.78 -29.47
CA PRO C 86 3.97 5.61 -30.66
C PRO C 86 5.42 5.17 -30.44
N VAL C 87 5.88 4.27 -31.31
CA VAL C 87 7.24 3.76 -31.29
C VAL C 87 7.93 4.23 -32.58
N PRO C 88 9.12 4.85 -32.46
CA PRO C 88 9.80 5.38 -33.65
C PRO C 88 10.01 4.33 -34.74
N ASP C 89 10.04 4.75 -36.01
CA ASP C 89 10.28 3.79 -37.09
C ASP C 89 11.69 3.18 -37.01
N ASP C 90 12.61 3.90 -36.39
CA ASP C 90 13.96 3.41 -36.13
C ASP C 90 14.12 2.85 -34.70
N GLY C 91 13.01 2.51 -34.06
CA GLY C 91 13.03 2.02 -32.69
C GLY C 91 12.90 0.51 -32.64
N LEU C 92 13.28 -0.06 -31.50
CA LEU C 92 13.20 -1.50 -31.30
C LEU C 92 12.17 -1.84 -30.23
N THR C 93 11.30 -2.80 -30.53
CA THR C 93 10.48 -3.44 -29.53
C THR C 93 10.94 -4.87 -29.41
N LEU C 94 10.51 -5.55 -28.34
CA LEU C 94 10.87 -6.95 -28.20
C LEU C 94 10.50 -7.76 -29.42
N HIS C 95 9.33 -7.46 -29.97
CA HIS C 95 8.85 -8.17 -31.13
C HIS C 95 9.77 -7.95 -32.32
N ARG C 96 9.98 -6.69 -32.66
CA ARG C 96 10.79 -6.35 -33.82
C ARG C 96 12.15 -6.98 -33.71
N LEU C 97 12.73 -6.88 -32.52
CA LEU C 97 14.03 -7.47 -32.27
C LEU C 97 14.03 -8.95 -32.63
N SER C 98 13.03 -9.68 -32.13
CA SER C 98 12.92 -11.12 -32.40
C SER C 98 12.87 -11.38 -33.89
N GLY C 99 12.14 -10.56 -34.63
CA GLY C 99 12.03 -10.70 -36.08
C GLY C 99 13.36 -10.43 -36.77
N PHE C 100 14.01 -9.35 -36.36
CA PHE C 100 15.26 -8.94 -36.99
C PHE C 100 16.29 -10.05 -36.83
N LEU C 101 16.45 -10.52 -35.60
CA LEU C 101 17.40 -11.59 -35.32
C LEU C 101 17.08 -12.85 -36.12
N ALA C 102 15.81 -13.13 -36.38
CA ALA C 102 15.47 -14.29 -37.21
C ALA C 102 15.90 -14.10 -38.66
N ARG C 103 15.77 -12.87 -39.17
CA ARG C 103 16.27 -12.51 -40.51
C ARG C 103 17.77 -12.68 -40.52
N TYR C 104 18.45 -11.96 -39.63
CA TYR C 104 19.90 -12.00 -39.46
C TYR C 104 20.50 -13.41 -39.51
N LEU C 105 19.87 -14.34 -38.80
CA LEU C 105 20.30 -15.74 -38.80
C LEU C 105 20.07 -16.36 -40.16
N LEU C 106 18.88 -16.21 -40.72
CA LEU C 106 18.59 -16.82 -41.99
C LEU C 106 19.57 -16.35 -43.04
N GLU C 107 20.00 -15.09 -42.95
CA GLU C 107 21.00 -14.58 -43.89
C GLU C 107 22.33 -15.32 -43.73
N LYS C 108 22.87 -15.32 -42.52
CA LYS C 108 24.05 -16.12 -42.21
C LYS C 108 23.91 -17.56 -42.72
N MET C 109 22.84 -18.23 -42.31
CA MET C 109 22.59 -19.62 -42.71
C MET C 109 22.64 -19.92 -44.21
N LEU C 110 22.65 -18.89 -45.04
CA LEU C 110 22.77 -19.02 -46.50
C LEU C 110 24.17 -18.65 -47.00
N LYS C 111 24.77 -17.61 -46.43
CA LYS C 111 26.08 -17.10 -46.86
C LYS C 111 27.29 -17.63 -46.08
N VAL C 112 27.13 -18.64 -45.22
CA VAL C 112 28.28 -19.09 -44.42
C VAL C 112 28.69 -20.54 -44.61
N SER C 113 29.87 -20.82 -44.08
CA SER C 113 30.56 -22.10 -44.10
C SER C 113 29.74 -23.25 -43.53
N GLU C 114 29.87 -24.43 -44.15
CA GLU C 114 29.15 -25.64 -43.71
C GLU C 114 29.39 -26.09 -42.28
N PRO C 115 30.64 -25.99 -41.78
CA PRO C 115 30.87 -26.18 -40.34
C PRO C 115 30.31 -25.06 -39.48
N GLU C 116 30.34 -23.83 -39.98
CA GLU C 116 29.75 -22.70 -39.25
C GLU C 116 28.24 -22.90 -39.05
N LYS C 117 27.54 -23.41 -40.06
CA LYS C 117 26.11 -23.73 -39.96
C LYS C 117 25.83 -24.67 -38.79
N LEU C 118 26.75 -25.58 -38.55
CA LEU C 118 26.57 -26.56 -37.48
C LEU C 118 26.70 -25.87 -36.12
N ILE C 119 27.48 -24.80 -36.03
CA ILE C 119 27.55 -24.01 -34.79
C ILE C 119 26.19 -23.38 -34.52
N ILE C 120 25.53 -22.90 -35.56
CA ILE C 120 24.21 -22.30 -35.40
C ILE C 120 23.25 -23.38 -34.89
N LYS C 121 23.11 -24.46 -35.65
CA LYS C 121 22.11 -25.49 -35.34
C LYS C 121 22.28 -26.11 -33.95
N SER C 122 23.50 -26.08 -33.44
CA SER C 122 23.80 -26.55 -32.10
C SER C 122 23.36 -25.55 -31.04
N LYS C 123 23.73 -24.29 -31.25
CA LYS C 123 23.55 -23.23 -30.25
C LYS C 123 22.15 -22.64 -30.15
N ILE C 124 21.59 -22.28 -31.30
CA ILE C 124 20.33 -21.55 -31.35
C ILE C 124 19.12 -22.47 -31.33
N ILE C 125 18.28 -22.27 -30.31
CA ILE C 125 17.10 -23.07 -30.12
C ILE C 125 15.91 -22.16 -30.24
N ASN C 126 14.88 -22.64 -30.95
CA ASN C 126 13.61 -21.93 -31.15
C ASN C 126 12.47 -22.54 -30.33
N PRO C 127 12.27 -22.06 -29.10
CA PRO C 127 11.25 -22.60 -28.20
C PRO C 127 9.94 -22.99 -28.88
N LEU C 128 9.37 -22.10 -29.68
CA LEU C 128 8.04 -22.32 -30.25
C LEU C 128 8.04 -23.42 -31.32
N ALA C 129 9.08 -23.46 -32.14
CA ALA C 129 9.20 -24.50 -33.15
C ALA C 129 9.39 -25.88 -32.51
N GLU C 130 10.25 -25.94 -31.48
CA GLU C 130 10.56 -27.19 -30.78
C GLU C 130 9.34 -27.74 -30.05
N LYS C 131 8.65 -26.88 -29.28
CA LYS C 131 7.41 -27.28 -28.60
C LYS C 131 6.47 -27.99 -29.57
N ASN C 132 6.34 -27.45 -30.77
CA ASN C 132 5.49 -28.03 -31.82
C ASN C 132 6.24 -29.05 -32.68
N GLY C 133 7.25 -29.69 -32.11
CA GLY C 133 7.97 -30.78 -32.77
C GLY C 133 8.52 -30.47 -34.13
N ILE C 134 9.13 -29.30 -34.25
CA ILE C 134 9.78 -28.92 -35.49
C ILE C 134 11.20 -28.51 -35.12
N THR C 135 12.16 -29.03 -35.88
CA THR C 135 13.56 -28.78 -35.61
C THR C 135 14.22 -28.20 -36.84
N TRP C 136 15.48 -27.80 -36.69
CA TRP C 136 16.30 -27.29 -37.81
C TRP C 136 16.23 -28.21 -39.02
N ASN C 137 16.28 -29.50 -38.76
CA ASN C 137 16.21 -30.51 -39.80
C ASN C 137 15.03 -30.29 -40.77
N ASP C 138 13.91 -29.82 -40.26
CA ASP C 138 12.72 -29.59 -41.09
C ASP C 138 12.85 -28.42 -42.07
N GLY C 139 13.93 -27.67 -42.01
CA GLY C 139 14.17 -26.60 -42.99
C GLY C 139 14.58 -25.32 -42.29
N GLU C 140 15.72 -24.76 -42.66
CA GLU C 140 16.23 -23.57 -41.98
C GLU C 140 15.30 -22.37 -42.14
N GLU C 141 14.64 -22.24 -43.29
CA GLU C 141 13.72 -21.12 -43.51
C GLU C 141 12.42 -21.30 -42.74
N VAL C 142 12.00 -22.55 -42.57
CA VAL C 142 10.80 -22.91 -41.81
C VAL C 142 10.99 -22.74 -40.30
N TYR C 143 12.02 -23.39 -39.76
CA TYR C 143 12.33 -23.32 -38.34
C TYR C 143 12.41 -21.88 -37.86
N LEU C 144 13.15 -21.03 -38.57
CA LEU C 144 13.29 -19.63 -38.18
C LEU C 144 12.03 -18.81 -38.32
N SER C 145 11.11 -19.19 -39.21
CA SER C 145 9.87 -18.41 -39.36
C SER C 145 8.88 -18.63 -38.19
N PHE C 146 9.12 -19.64 -37.36
CA PHE C 146 8.37 -19.77 -36.11
C PHE C 146 8.64 -18.64 -35.11
N PHE C 147 9.80 -17.98 -35.21
CA PHE C 147 10.11 -16.86 -34.30
C PHE C 147 9.16 -15.70 -34.56
N PRO C 148 8.60 -15.12 -33.49
CA PRO C 148 7.77 -13.94 -33.71
C PRO C 148 8.58 -12.80 -34.31
N GLY C 149 7.92 -12.03 -35.17
CA GLY C 149 8.56 -10.96 -35.94
C GLY C 149 8.87 -11.38 -37.36
N SER C 150 8.95 -12.69 -37.61
CA SER C 150 9.28 -13.19 -38.94
C SER C 150 8.30 -12.69 -40.00
N GLU C 151 7.03 -12.49 -39.63
CA GLU C 151 5.99 -12.00 -40.56
C GLU C 151 6.27 -10.61 -41.18
N MET C 152 7.12 -9.81 -40.54
CA MET C 152 7.60 -8.57 -41.15
C MET C 152 8.32 -8.79 -42.48
N PHE C 153 8.87 -9.98 -42.67
CA PHE C 153 9.69 -10.28 -43.85
C PHE C 153 9.18 -11.50 -44.60
N LEU C 154 7.89 -11.52 -44.93
CA LEU C 154 7.30 -12.65 -45.66
C LEU C 154 8.08 -13.01 -46.91
N GLY C 155 8.72 -12.00 -47.51
CA GLY C 155 9.60 -12.18 -48.66
C GLY C 155 10.74 -13.09 -48.26
N THR C 156 11.62 -12.58 -47.41
CA THR C 156 12.75 -13.35 -46.89
C THR C 156 12.40 -14.77 -46.47
N PHE C 157 11.26 -14.98 -45.79
CA PHE C 157 10.90 -16.31 -45.27
C PHE C 157 9.93 -17.10 -46.15
N ARG C 158 9.65 -16.59 -47.35
CA ARG C 158 8.90 -17.37 -48.34
C ARG C 158 7.60 -17.91 -47.75
N PHE C 159 6.76 -16.97 -47.32
CA PHE C 159 5.37 -17.22 -46.85
C PHE C 159 5.15 -18.24 -45.72
N TYR C 160 6.21 -18.74 -45.09
CA TYR C 160 6.05 -19.70 -44.00
C TYR C 160 5.43 -19.10 -42.75
N PRO C 161 5.82 -17.86 -42.38
CA PRO C 161 5.13 -17.23 -41.25
C PRO C 161 3.61 -17.31 -41.36
N LEU C 162 3.09 -16.98 -42.54
CA LEU C 162 1.66 -17.06 -42.83
C LEU C 162 1.15 -18.50 -42.88
N ALA C 163 1.87 -19.37 -43.57
CA ALA C 163 1.49 -20.78 -43.67
C ALA C 163 1.37 -21.43 -42.29
N ILE C 164 2.33 -21.16 -41.41
CA ILE C 164 2.30 -21.70 -40.06
C ILE C 164 1.04 -21.23 -39.34
N GLY C 165 0.73 -19.94 -39.47
CA GLY C 165 -0.48 -19.39 -38.86
C GLY C 165 -1.72 -20.07 -39.38
N ILE C 166 -1.85 -20.13 -40.70
CA ILE C 166 -3.03 -20.71 -41.33
C ILE C 166 -3.22 -22.14 -40.90
N TYR C 167 -2.13 -22.91 -40.81
CA TYR C 167 -2.20 -24.30 -40.36
C TYR C 167 -2.68 -24.44 -38.91
N LYS C 168 -2.39 -23.42 -38.10
CA LYS C 168 -2.75 -23.45 -36.69
C LYS C 168 -4.22 -23.08 -36.46
N VAL C 169 -4.74 -22.06 -37.16
CA VAL C 169 -6.14 -21.66 -36.97
C VAL C 169 -7.10 -22.75 -37.42
N GLN C 170 -6.80 -23.35 -38.57
CA GLN C 170 -7.65 -24.39 -39.15
C GLN C 170 -7.61 -25.70 -38.36
N ARG C 171 -6.61 -25.86 -37.50
CA ARG C 171 -6.59 -26.97 -36.55
C ARG C 171 -6.82 -26.45 -35.13
N LYS C 172 -7.63 -25.39 -35.04
CA LYS C 172 -8.16 -24.85 -33.78
C LYS C 172 -7.16 -24.38 -32.71
N GLU C 173 -5.86 -24.44 -32.99
CA GLU C 173 -4.83 -24.11 -31.99
C GLU C 173 -4.75 -22.60 -31.71
N MET C 174 -4.84 -21.80 -32.76
CA MET C 174 -4.71 -20.35 -32.66
C MET C 174 -6.05 -19.72 -33.04
N GLU C 175 -6.31 -18.52 -32.55
CA GLU C 175 -7.51 -17.79 -32.90
C GLU C 175 -7.32 -16.96 -34.16
N PRO C 176 -8.35 -16.84 -35.00
CA PRO C 176 -8.34 -16.06 -36.24
C PRO C 176 -7.71 -14.67 -36.19
N LYS C 177 -7.82 -13.98 -35.06
CA LYS C 177 -7.37 -12.60 -34.97
C LYS C 177 -5.84 -12.43 -35.03
N TYR C 178 -5.09 -13.50 -34.74
CA TYR C 178 -3.63 -13.43 -34.76
C TYR C 178 -3.02 -13.38 -36.15
N LEU C 179 -3.82 -13.63 -37.18
CA LEU C 179 -3.36 -13.46 -38.57
C LEU C 179 -3.59 -12.04 -39.09
N GLU C 180 -4.03 -11.13 -38.23
CA GLU C 180 -4.33 -9.79 -38.70
C GLU C 180 -3.05 -9.10 -39.15
N LYS C 181 -2.03 -9.11 -38.29
CA LYS C 181 -0.78 -8.39 -38.55
C LYS C 181 -0.07 -8.89 -39.80
N THR C 182 -0.10 -10.20 -39.97
CA THR C 182 0.52 -10.83 -41.13
C THR C 182 -0.09 -10.27 -42.42
N MET C 183 -1.41 -10.12 -42.44
CA MET C 183 -2.12 -9.68 -43.65
C MET C 183 -1.94 -8.21 -44.05
N ARG C 184 -1.30 -7.41 -43.21
CA ARG C 184 -1.07 -6.01 -43.51
C ARG C 184 0.38 -5.81 -43.95
N GLN C 185 0.97 -6.86 -44.53
CA GLN C 185 2.41 -6.89 -44.79
C GLN C 185 2.72 -7.12 -46.26
N ARG C 186 3.88 -6.61 -46.66
CA ARG C 186 4.35 -6.68 -48.03
C ARG C 186 4.87 -8.09 -48.36
N TYR C 187 5.03 -8.36 -49.65
CA TYR C 187 5.71 -9.55 -50.11
C TYR C 187 6.64 -9.18 -51.27
N MET C 188 7.94 -9.19 -51.01
CA MET C 188 8.94 -8.61 -51.91
C MET C 188 8.67 -7.10 -51.94
N GLY C 189 7.91 -6.63 -52.92
CA GLY C 189 7.41 -5.26 -52.95
C GLY C 189 5.89 -5.18 -52.87
N LEU C 190 5.22 -6.18 -53.46
CA LEU C 190 3.75 -6.30 -53.53
C LEU C 190 3.03 -6.02 -52.20
N GLU C 191 1.91 -5.30 -52.27
CA GLU C 191 1.10 -5.00 -51.09
C GLU C 191 0.02 -6.07 -50.92
N ALA C 192 -0.65 -6.02 -49.76
CA ALA C 192 -1.62 -7.05 -49.35
C ALA C 192 -2.50 -7.62 -50.46
N ALA C 193 -3.41 -6.82 -50.99
CA ALA C 193 -4.40 -7.28 -51.97
C ALA C 193 -3.78 -7.86 -53.25
N THR C 194 -2.71 -7.22 -53.73
CA THR C 194 -2.03 -7.68 -54.94
C THR C 194 -1.52 -9.12 -54.79
N TRP C 195 -0.69 -9.37 -53.76
CA TRP C 195 -0.10 -10.71 -53.54
C TRP C 195 -1.07 -11.79 -53.07
N THR C 196 -2.17 -11.37 -52.44
CA THR C 196 -3.21 -12.27 -51.92
C THR C 196 -3.64 -13.35 -52.90
N VAL C 197 -3.71 -12.99 -54.18
CA VAL C 197 -3.96 -13.95 -55.26
C VAL C 197 -2.77 -14.06 -56.23
N SER C 198 -2.13 -12.93 -56.56
CA SER C 198 -0.92 -12.91 -57.41
C SER C 198 0.03 -14.05 -57.04
N LYS C 199 0.27 -14.18 -55.73
CA LYS C 199 1.15 -15.20 -55.18
C LYS C 199 0.39 -16.22 -54.32
N LEU C 200 -0.81 -16.61 -54.74
CA LEU C 200 -1.62 -17.56 -53.96
C LEU C 200 -1.02 -18.96 -53.97
N THR C 201 -0.53 -19.38 -55.12
CA THR C 201 0.07 -20.71 -55.27
C THR C 201 1.40 -20.86 -54.51
N GLU C 202 2.10 -19.75 -54.29
CA GLU C 202 3.27 -19.75 -53.41
C GLU C 202 2.84 -20.21 -52.01
N VAL C 203 1.89 -19.49 -51.42
CA VAL C 203 1.31 -19.84 -50.12
C VAL C 203 0.72 -21.25 -50.09
N GLN C 204 0.12 -21.67 -51.20
CA GLN C 204 -0.44 -23.02 -51.31
C GLN C 204 0.62 -24.08 -51.01
N SER C 205 1.76 -23.95 -51.68
CA SER C 205 2.88 -24.88 -51.51
C SER C 205 3.52 -24.72 -50.13
N ALA C 206 3.65 -23.47 -49.66
CA ALA C 206 4.19 -23.18 -48.34
C ALA C 206 3.39 -23.91 -47.26
N LEU C 207 2.07 -23.92 -47.38
CA LEU C 207 1.22 -24.67 -46.45
C LEU C 207 1.44 -26.16 -46.60
N THR C 208 1.56 -26.62 -47.85
CA THR C 208 1.79 -28.03 -48.13
C THR C 208 3.02 -28.51 -47.35
N VAL C 209 4.08 -27.69 -47.40
CA VAL C 209 5.31 -28.00 -46.70
C VAL C 209 5.01 -28.12 -45.20
N VAL C 210 4.40 -27.09 -44.61
CA VAL C 210 4.22 -27.06 -43.15
C VAL C 210 3.31 -28.20 -42.70
N SER C 211 2.29 -28.50 -43.48
CA SER C 211 1.32 -29.56 -43.15
C SER C 211 1.92 -30.95 -43.06
N SER C 212 3.03 -31.17 -43.75
CA SER C 212 3.73 -32.45 -43.69
C SER C 212 4.53 -32.70 -42.40
N LEU C 213 4.93 -31.60 -41.74
CA LEU C 213 5.95 -31.65 -40.69
C LEU C 213 5.58 -32.43 -39.43
N GLY C 214 4.30 -32.41 -39.07
CA GLY C 214 3.83 -33.17 -37.91
C GLY C 214 4.09 -32.47 -36.60
N TRP C 215 3.04 -31.84 -36.07
CA TRP C 215 3.12 -31.09 -34.83
C TRP C 215 3.27 -32.03 -33.63
N LYS C 216 3.49 -31.46 -32.45
CA LYS C 216 3.59 -32.23 -31.22
C LYS C 216 2.62 -31.67 -30.21
N LYS C 217 1.54 -32.40 -29.98
CA LYS C 217 0.53 -32.05 -28.98
C LYS C 217 1.16 -31.86 -27.60
N THR C 218 2.01 -32.80 -27.19
CA THR C 218 2.69 -32.72 -25.89
C THR C 218 4.20 -32.77 -26.08
N ASN C 219 4.93 -32.55 -24.97
CA ASN C 219 6.38 -32.67 -24.95
C ASN C 219 6.78 -34.02 -24.40
N VAL C 220 6.61 -35.05 -25.23
CA VAL C 220 6.79 -36.45 -24.81
C VAL C 220 7.83 -37.17 -25.67
N SER C 221 8.03 -38.46 -25.40
CA SER C 221 8.94 -39.30 -26.17
C SER C 221 8.33 -39.67 -27.53
N ALA C 222 9.09 -40.43 -28.32
CA ALA C 222 8.60 -40.99 -29.58
C ALA C 222 7.73 -42.21 -29.31
N ALA C 223 8.24 -43.12 -28.47
CA ALA C 223 7.51 -44.32 -28.07
C ALA C 223 6.24 -43.97 -27.29
N ALA C 224 6.33 -42.91 -26.49
CA ALA C 224 5.19 -42.37 -25.75
C ALA C 224 4.06 -41.96 -26.68
N ARG C 225 4.38 -41.21 -27.73
CA ARG C 225 3.40 -40.78 -28.72
C ARG C 225 2.54 -41.98 -29.11
N ASP C 226 3.22 -43.02 -29.59
CA ASP C 226 2.58 -44.25 -30.04
C ASP C 226 1.91 -45.01 -28.91
N PHE C 227 2.67 -45.29 -27.85
CA PHE C 227 2.20 -46.09 -26.73
C PHE C 227 0.88 -45.58 -26.15
N LEU C 228 0.88 -44.31 -25.77
CA LEU C 228 -0.33 -43.70 -25.22
C LEU C 228 -1.50 -43.74 -26.21
N ALA C 229 -1.21 -43.45 -27.48
CA ALA C 229 -2.22 -43.51 -28.52
C ALA C 229 -2.97 -44.85 -28.57
N LYS C 230 -2.31 -45.94 -28.19
CA LYS C 230 -2.94 -47.28 -28.16
C LYS C 230 -4.14 -47.43 -27.20
N PHE C 231 -4.33 -46.49 -26.28
CA PHE C 231 -5.46 -46.50 -25.37
C PHE C 231 -6.47 -45.37 -25.70
N GLY C 232 -6.22 -44.61 -26.78
CA GLY C 232 -7.12 -43.55 -27.25
C GLY C 232 -6.69 -42.16 -26.84
N ILE C 233 -5.60 -41.67 -27.42
CA ILE C 233 -4.88 -40.49 -26.92
C ILE C 233 -4.48 -39.41 -27.95
N ASN C 234 -4.15 -38.23 -27.43
CA ASN C 234 -3.60 -37.10 -28.21
C ASN C 234 -2.10 -36.90 -28.06
N GLY D 1 15.46 11.18 -13.90
CA GLY D 1 15.03 9.76 -13.86
C GLY D 1 16.17 8.77 -14.05
N SER D 2 15.83 7.58 -14.55
CA SER D 2 16.77 6.45 -14.68
C SER D 2 16.46 5.56 -15.88
N MET D 3 17.34 4.59 -16.14
CA MET D 3 17.12 3.53 -17.14
C MET D 3 17.69 2.21 -16.61
N ILE D 4 16.84 1.20 -16.47
CA ILE D 4 17.25 -0.10 -15.95
C ILE D 4 17.99 -0.91 -17.00
N GLU D 5 18.96 -1.71 -16.54
CA GLU D 5 19.58 -2.76 -17.34
C GLU D 5 19.32 -4.09 -16.62
N LEU D 6 18.76 -5.04 -17.35
CA LEU D 6 18.46 -6.37 -16.80
C LEU D 6 19.19 -7.41 -17.66
N GLU D 7 19.78 -8.40 -16.98
CA GLU D 7 20.76 -9.30 -17.60
C GLU D 7 20.34 -10.77 -17.61
N PHE D 8 20.91 -11.52 -18.56
CA PHE D 8 20.61 -12.94 -18.72
C PHE D 8 21.84 -13.71 -19.24
N HIS D 9 21.82 -15.04 -19.12
CA HIS D 9 22.97 -15.89 -19.46
C HIS D 9 22.54 -17.33 -19.79
N ASP D 10 23.42 -18.08 -20.45
CA ASP D 10 23.10 -19.41 -21.02
C ASP D 10 22.66 -20.46 -20.00
N VAL D 11 22.33 -21.67 -20.46
CA VAL D 11 22.10 -22.84 -19.57
C VAL D 11 22.82 -24.11 -20.08
N THR D 18 19.23 -37.29 -13.37
CA THR D 18 19.98 -36.72 -12.26
C THR D 18 19.57 -37.27 -10.87
N PHE D 19 18.26 -37.31 -10.65
CA PHE D 19 17.63 -37.67 -9.37
C PHE D 19 16.92 -39.02 -9.52
N ASP D 20 17.11 -39.94 -8.58
CA ASP D 20 16.30 -41.16 -8.57
C ASP D 20 15.50 -41.25 -7.26
N PRO D 21 14.29 -41.81 -7.35
CA PRO D 21 13.41 -41.77 -6.19
C PRO D 21 13.85 -42.73 -5.08
N GLU D 22 14.18 -43.98 -5.41
CA GLU D 22 14.53 -44.99 -4.40
C GLU D 22 15.61 -44.56 -3.39
N VAL D 23 16.56 -43.74 -3.83
CA VAL D 23 17.61 -43.27 -2.91
C VAL D 23 17.12 -42.10 -2.08
N ALA D 24 16.32 -41.22 -2.69
CA ALA D 24 15.72 -40.09 -1.99
C ALA D 24 14.72 -40.59 -0.95
N TYR D 25 14.00 -41.66 -1.30
CA TYR D 25 13.06 -42.31 -0.40
C TYR D 25 13.80 -43.01 0.74
N ALA D 26 14.81 -43.78 0.39
CA ALA D 26 15.67 -44.43 1.37
C ALA D 26 16.09 -43.41 2.43
N ASN D 27 16.80 -42.38 2.00
CA ASN D 27 17.28 -41.32 2.90
C ASN D 27 16.18 -40.72 3.76
N PHE D 28 15.02 -40.46 3.15
CA PHE D 28 13.87 -39.91 3.87
C PHE D 28 13.41 -40.85 4.98
N LYS D 29 13.13 -42.09 4.60
CA LYS D 29 12.70 -43.11 5.57
C LYS D 29 13.66 -43.24 6.74
N ARG D 30 14.95 -43.26 6.45
CA ARG D 30 15.96 -43.39 7.50
C ARG D 30 15.86 -42.24 8.49
N VAL D 31 15.97 -41.01 7.99
CA VAL D 31 16.08 -39.85 8.87
C VAL D 31 14.77 -39.46 9.55
N HIS D 32 13.71 -39.37 8.74
CA HIS D 32 12.50 -38.66 9.14
C HIS D 32 11.41 -39.55 9.76
N THR D 33 11.21 -40.75 9.24
CA THR D 33 10.11 -41.59 9.74
C THR D 33 10.35 -42.26 11.10
N THR D 34 11.22 -41.71 11.93
CA THR D 34 11.45 -42.25 13.27
C THR D 34 10.27 -41.88 14.16
N GLY D 35 10.13 -40.57 14.44
CA GLY D 35 9.02 -40.08 15.26
C GLY D 35 7.81 -39.73 14.40
N LEU D 36 7.12 -40.76 13.91
CA LEU D 36 6.01 -40.59 12.96
C LEU D 36 4.89 -41.62 13.15
N SER D 37 3.65 -41.19 12.91
CA SER D 37 2.45 -41.96 13.25
C SER D 37 1.37 -41.81 12.17
N TYR D 38 0.44 -42.77 12.15
CA TYR D 38 -0.66 -42.72 11.18
C TYR D 38 -1.56 -41.49 11.35
N ASP D 39 -1.61 -40.93 12.57
CA ASP D 39 -2.36 -39.69 12.78
C ASP D 39 -1.66 -38.53 12.07
N HIS D 40 -0.33 -38.50 12.10
CA HIS D 40 0.45 -37.44 11.46
C HIS D 40 0.24 -37.44 9.94
N ILE D 41 0.16 -38.63 9.37
CA ILE D 41 -0.02 -38.77 7.93
C ILE D 41 -1.41 -38.32 7.51
N ARG D 42 -2.45 -38.82 8.16
CA ARG D 42 -3.81 -38.49 7.75
C ARG D 42 -3.98 -36.96 7.75
N ILE D 43 -3.36 -36.29 8.71
CA ILE D 43 -3.36 -34.83 8.71
C ILE D 43 -2.82 -34.28 7.39
N PHE D 44 -1.67 -34.80 6.96
CA PHE D 44 -1.00 -34.29 5.78
C PHE D 44 -1.87 -34.44 4.53
N TYR D 45 -2.48 -35.60 4.37
CA TYR D 45 -3.27 -35.87 3.17
C TYR D 45 -4.61 -35.13 3.18
N ILE D 46 -5.27 -35.09 4.33
CA ILE D 46 -6.56 -34.41 4.45
C ILE D 46 -6.43 -32.91 4.20
N LYS D 47 -5.50 -32.27 4.90
CA LYS D 47 -5.28 -30.83 4.74
C LYS D 47 -4.33 -30.51 3.57
N GLY D 48 -4.06 -31.46 2.70
CA GLY D 48 -3.20 -31.24 1.54
C GLY D 48 -3.60 -30.04 0.70
N ARG D 49 -4.90 -29.88 0.51
CA ARG D 49 -5.50 -28.74 -0.18
C ARG D 49 -4.97 -27.41 0.37
N GLU D 50 -5.12 -27.25 1.68
CA GLU D 50 -4.80 -26.00 2.37
C GLU D 50 -3.30 -25.78 2.45
N ILE D 51 -2.58 -26.88 2.66
CA ILE D 51 -1.13 -26.84 2.77
C ILE D 51 -0.51 -26.34 1.48
N LYS D 52 -1.09 -26.72 0.35
CA LYS D 52 -0.59 -26.27 -0.95
C LYS D 52 -0.76 -24.76 -1.10
N THR D 53 -1.95 -24.26 -0.74
CA THR D 53 -2.26 -22.83 -0.88
C THR D 53 -1.39 -22.00 0.07
N SER D 54 -1.44 -22.34 1.36
CA SER D 54 -0.68 -21.58 2.36
C SER D 54 0.81 -21.52 2.00
N LEU D 55 1.36 -22.58 1.42
CA LEU D 55 2.74 -22.55 0.93
C LEU D 55 2.88 -21.66 -0.29
N ALA D 56 1.88 -21.67 -1.17
CA ALA D 56 1.91 -20.84 -2.38
C ALA D 56 1.81 -19.35 -2.09
N LYS D 57 1.30 -18.97 -0.91
CA LYS D 57 1.25 -17.58 -0.47
C LYS D 57 2.62 -17.09 -0.02
N ARG D 58 3.18 -17.74 1.01
CA ARG D 58 4.49 -17.36 1.55
C ARG D 58 5.59 -17.44 0.48
N SER D 59 6.55 -16.52 0.57
CA SER D 59 7.65 -16.41 -0.38
C SER D 59 8.97 -17.06 0.10
N GLU D 60 8.96 -17.57 1.33
CA GLU D 60 10.14 -18.13 1.96
C GLU D 60 10.52 -19.43 1.26
N TRP D 61 11.75 -19.52 0.74
CA TRP D 61 12.18 -20.68 -0.05
C TRP D 61 12.19 -22.01 0.73
N GLU D 62 12.51 -21.99 2.01
CA GLU D 62 12.54 -23.20 2.82
C GLU D 62 11.59 -23.03 4.01
N VAL D 63 10.57 -23.88 4.08
CA VAL D 63 9.51 -23.81 5.09
C VAL D 63 9.33 -25.16 5.79
N THR D 64 8.91 -25.12 7.05
CA THR D 64 8.68 -26.33 7.83
C THR D 64 7.20 -26.54 8.12
N LEU D 65 6.79 -27.81 8.07
CA LEU D 65 5.42 -28.19 8.33
C LEU D 65 5.35 -28.84 9.69
N ASN D 66 4.32 -28.47 10.45
CA ASN D 66 4.05 -29.07 11.76
C ASN D 66 2.72 -29.80 11.72
N LEU D 67 2.79 -31.06 11.35
CA LEU D 67 1.62 -31.91 11.13
C LEU D 67 1.30 -32.67 12.41
N GLY D 68 0.52 -32.05 13.30
CA GLY D 68 0.35 -32.58 14.64
C GLY D 68 1.71 -32.51 15.30
N GLY D 69 2.13 -33.61 15.92
CA GLY D 69 3.47 -33.68 16.50
C GLY D 69 4.57 -33.59 15.46
N TRP D 70 4.39 -34.34 14.36
CA TRP D 70 5.40 -34.48 13.30
C TRP D 70 5.76 -33.13 12.67
N LYS D 71 7.03 -32.95 12.34
CA LYS D 71 7.56 -31.70 11.79
C LYS D 71 8.57 -31.98 10.69
N ILE D 72 8.37 -31.41 9.49
CA ILE D 72 9.31 -31.55 8.38
C ILE D 72 9.64 -30.22 7.74
N THR D 73 10.84 -30.12 7.18
CA THR D 73 11.30 -28.96 6.40
C THR D 73 11.15 -29.28 4.91
N VAL D 74 10.47 -28.39 4.19
CA VAL D 74 10.15 -28.57 2.77
C VAL D 74 10.56 -27.34 1.97
N TYR D 75 11.15 -27.54 0.79
CA TYR D 75 11.46 -26.45 -0.12
C TYR D 75 10.17 -25.95 -0.78
N ASN D 76 9.77 -24.71 -0.47
CA ASN D 76 8.52 -24.13 -0.96
C ASN D 76 8.63 -23.78 -2.44
N THR D 77 8.42 -24.82 -3.24
CA THR D 77 8.46 -24.74 -4.68
C THR D 77 7.09 -24.36 -5.26
N ASN D 78 6.11 -24.15 -4.38
CA ASN D 78 4.74 -23.82 -4.76
C ASN D 78 4.57 -22.34 -5.08
N PHE D 79 5.18 -21.48 -4.26
CA PHE D 79 5.13 -20.04 -4.46
C PHE D 79 5.60 -19.67 -5.88
N PRO D 80 4.77 -18.93 -6.64
CA PRO D 80 5.09 -18.57 -8.03
C PRO D 80 6.53 -18.14 -8.29
N GLY D 81 7.04 -17.21 -7.49
CA GLY D 81 8.42 -16.72 -7.63
C GLY D 81 9.50 -17.79 -7.44
N ASN D 82 9.22 -18.76 -6.58
CA ASN D 82 10.20 -19.80 -6.23
C ASN D 82 10.28 -20.95 -7.24
N ARG D 83 9.31 -21.06 -8.14
CA ARG D 83 9.29 -22.14 -9.12
C ARG D 83 10.54 -22.12 -9.99
N ASN D 84 10.87 -23.29 -10.54
CA ASN D 84 12.00 -23.46 -11.45
C ASN D 84 13.34 -22.92 -10.94
N ASN D 85 13.64 -23.17 -9.66
CA ASN D 85 15.01 -23.04 -9.15
C ASN D 85 15.41 -24.37 -8.50
N PRO D 86 16.55 -24.97 -8.92
CA PRO D 86 16.92 -26.35 -8.56
C PRO D 86 16.61 -26.77 -7.11
N VAL D 87 16.14 -28.02 -6.99
CA VAL D 87 15.85 -28.64 -5.70
C VAL D 87 16.83 -29.81 -5.52
N PRO D 88 17.51 -29.87 -4.37
CA PRO D 88 18.52 -30.93 -4.16
C PRO D 88 17.95 -32.33 -4.35
N ASP D 89 18.78 -33.29 -4.77
CA ASP D 89 18.31 -34.66 -4.95
C ASP D 89 17.88 -35.29 -3.61
N ASP D 90 18.46 -34.79 -2.52
CA ASP D 90 18.10 -35.20 -1.17
C ASP D 90 17.10 -34.22 -0.51
N GLY D 91 16.42 -33.41 -1.32
CA GLY D 91 15.49 -32.41 -0.80
C GLY D 91 14.05 -32.88 -0.91
N LEU D 92 13.16 -32.24 -0.16
CA LEU D 92 11.75 -32.58 -0.16
C LEU D 92 10.94 -31.42 -0.73
N THR D 93 10.03 -31.74 -1.64
CA THR D 93 8.98 -30.82 -2.07
C THR D 93 7.67 -31.42 -1.61
N LEU D 94 6.64 -30.60 -1.63
CA LEU D 94 5.32 -31.09 -1.23
C LEU D 94 4.95 -32.33 -2.01
N HIS D 95 5.27 -32.31 -3.30
CA HIS D 95 4.94 -33.40 -4.18
C HIS D 95 5.67 -34.66 -3.75
N ARG D 96 7.00 -34.55 -3.66
CA ARG D 96 7.82 -35.71 -3.33
C ARG D 96 7.38 -36.31 -2.00
N LEU D 97 7.13 -35.44 -1.04
CA LEU D 97 6.65 -35.87 0.27
C LEU D 97 5.38 -36.72 0.15
N SER D 98 4.41 -36.22 -0.61
CA SER D 98 3.17 -36.95 -0.83
C SER D 98 3.42 -38.33 -1.41
N GLY D 99 4.35 -38.42 -2.36
CA GLY D 99 4.70 -39.69 -2.99
C GLY D 99 5.37 -40.64 -2.01
N PHE D 100 6.32 -40.11 -1.25
CA PHE D 100 7.07 -40.92 -0.30
C PHE D 100 6.12 -41.53 0.71
N LEU D 101 5.28 -40.69 1.30
CA LEU D 101 4.30 -41.16 2.27
C LEU D 101 3.38 -42.21 1.68
N ALA D 102 3.05 -42.11 0.40
CA ALA D 102 2.19 -43.14 -0.22
C ALA D 102 2.91 -44.48 -0.35
N ARG D 103 4.21 -44.43 -0.63
CA ARG D 103 5.07 -45.62 -0.65
C ARG D 103 5.09 -46.20 0.76
N TYR D 104 5.56 -45.40 1.70
CA TYR D 104 5.65 -45.75 3.12
C TYR D 104 4.43 -46.51 3.65
N LEU D 105 3.24 -46.04 3.31
CA LEU D 105 2.01 -46.68 3.73
C LEU D 105 1.85 -48.01 3.03
N LEU D 106 2.03 -48.02 1.71
CA LEU D 106 1.86 -49.27 0.97
C LEU D 106 2.78 -50.35 1.51
N GLU D 107 3.98 -49.95 1.95
CA GLU D 107 4.91 -50.91 2.54
C GLU D 107 4.34 -51.50 3.81
N LYS D 108 3.97 -50.63 4.77
CA LYS D 108 3.28 -51.07 5.98
C LYS D 108 2.11 -51.99 5.65
N MET D 109 1.20 -51.51 4.81
CA MET D 109 0.00 -52.27 4.41
C MET D 109 0.25 -53.70 3.90
N LEU D 110 1.50 -54.05 3.63
CA LEU D 110 1.88 -55.41 3.22
C LEU D 110 2.60 -56.18 4.33
N LYS D 111 3.44 -55.50 5.10
CA LYS D 111 4.22 -56.13 6.17
C LYS D 111 3.61 -56.06 7.58
N VAL D 112 2.36 -55.64 7.76
CA VAL D 112 1.83 -55.49 9.11
C VAL D 112 0.58 -56.31 9.41
N SER D 113 0.29 -56.36 10.70
CA SER D 113 -0.81 -57.08 11.33
C SER D 113 -2.18 -56.73 10.77
N GLU D 114 -3.04 -57.75 10.65
CA GLU D 114 -4.41 -57.57 10.14
C GLU D 114 -5.30 -56.57 10.89
N PRO D 115 -5.21 -56.52 12.23
CA PRO D 115 -5.85 -55.42 12.97
C PRO D 115 -5.16 -54.07 12.76
N GLU D 116 -3.84 -54.06 12.61
CA GLU D 116 -3.11 -52.82 12.33
C GLU D 116 -3.56 -52.20 11.01
N LYS D 117 -3.78 -53.04 9.99
CA LYS D 117 -4.31 -52.57 8.69
C LYS D 117 -5.63 -51.83 8.84
N LEU D 118 -6.45 -52.25 9.78
CA LEU D 118 -7.74 -51.61 10.00
C LEU D 118 -7.56 -50.23 10.63
N ILE D 119 -6.47 -50.03 11.39
CA ILE D 119 -6.15 -48.69 11.90
C ILE D 119 -5.82 -47.75 10.73
N ILE D 120 -5.10 -48.26 9.74
CA ILE D 120 -4.76 -47.46 8.57
C ILE D 120 -6.07 -47.09 7.86
N LYS D 121 -6.85 -48.09 7.45
CA LYS D 121 -8.03 -47.85 6.62
C LYS D 121 -9.07 -46.94 7.28
N SER D 122 -9.06 -46.91 8.62
CA SER D 122 -9.92 -46.00 9.36
C SER D 122 -9.39 -44.56 9.34
N LYS D 123 -8.10 -44.41 9.63
CA LYS D 123 -7.48 -43.10 9.84
C LYS D 123 -7.14 -42.34 8.56
N ILE D 124 -6.49 -43.01 7.62
CA ILE D 124 -5.96 -42.34 6.43
C ILE D 124 -6.98 -42.24 5.30
N ILE D 125 -7.25 -41.00 4.89
CA ILE D 125 -8.22 -40.73 3.84
C ILE D 125 -7.49 -40.08 2.68
N ASN D 126 -7.83 -40.52 1.48
CA ASN D 126 -7.25 -40.02 0.22
C ASN D 126 -8.24 -39.16 -0.54
N PRO D 127 -8.23 -37.84 -0.29
CA PRO D 127 -9.15 -36.92 -0.92
C PRO D 127 -9.45 -37.19 -2.39
N LEU D 128 -8.42 -37.37 -3.20
CA LEU D 128 -8.59 -37.51 -4.64
C LEU D 128 -9.27 -38.84 -5.04
N ALA D 129 -8.90 -39.91 -4.37
CA ALA D 129 -9.51 -41.21 -4.63
C ALA D 129 -10.99 -41.21 -4.23
N GLU D 130 -11.29 -40.62 -3.06
CA GLU D 130 -12.66 -40.56 -2.54
C GLU D 130 -13.56 -39.69 -3.42
N LYS D 131 -13.11 -38.49 -3.78
CA LYS D 131 -13.84 -37.61 -4.70
C LYS D 131 -14.30 -38.37 -5.93
N ASN D 132 -13.41 -39.19 -6.48
CA ASN D 132 -13.74 -40.01 -7.65
C ASN D 132 -14.31 -41.38 -7.28
N GLY D 133 -14.99 -41.45 -6.14
CA GLY D 133 -15.72 -42.65 -5.73
C GLY D 133 -14.88 -43.91 -5.67
N ILE D 134 -13.67 -43.83 -5.13
CA ILE D 134 -12.82 -45.00 -4.97
C ILE D 134 -12.34 -45.03 -3.52
N THR D 135 -12.42 -46.20 -2.89
CA THR D 135 -12.10 -46.36 -1.48
C THR D 135 -11.07 -47.45 -1.30
N TRP D 136 -10.59 -47.60 -0.07
CA TRP D 136 -9.64 -48.65 0.28
C TRP D 136 -10.07 -50.01 -0.23
N ASN D 137 -11.37 -50.27 -0.11
CA ASN D 137 -11.98 -51.53 -0.54
C ASN D 137 -11.60 -51.89 -1.98
N ASP D 138 -11.47 -50.88 -2.84
CA ASP D 138 -11.12 -51.12 -4.25
C ASP D 138 -9.67 -51.60 -4.48
N GLY D 139 -8.84 -51.64 -3.43
CA GLY D 139 -7.48 -52.19 -3.55
C GLY D 139 -6.48 -51.26 -2.91
N GLU D 140 -5.70 -51.78 -1.98
CA GLU D 140 -4.75 -50.93 -1.25
C GLU D 140 -3.69 -50.30 -2.16
N GLU D 141 -3.25 -51.04 -3.18
CA GLU D 141 -2.26 -50.51 -4.12
C GLU D 141 -2.86 -49.46 -5.06
N VAL D 142 -4.13 -49.63 -5.40
CA VAL D 142 -4.87 -48.70 -6.25
C VAL D 142 -5.19 -47.40 -5.52
N TYR D 143 -5.86 -47.53 -4.38
CA TYR D 143 -6.25 -46.37 -3.56
C TYR D 143 -5.05 -45.44 -3.31
N LEU D 144 -3.92 -46.00 -2.89
CA LEU D 144 -2.73 -45.20 -2.60
C LEU D 144 -2.10 -44.59 -3.84
N SER D 145 -2.26 -45.19 -5.01
CA SER D 145 -1.63 -44.62 -6.20
C SER D 145 -2.35 -43.36 -6.71
N PHE D 146 -3.55 -43.08 -6.19
CA PHE D 146 -4.20 -41.79 -6.44
C PHE D 146 -3.46 -40.61 -5.83
N PHE D 147 -2.67 -40.83 -4.79
CA PHE D 147 -1.89 -39.75 -4.17
C PHE D 147 -0.84 -39.24 -5.15
N PRO D 148 -0.73 -37.90 -5.28
CA PRO D 148 0.34 -37.39 -6.14
C PRO D 148 1.71 -37.76 -5.59
N GLY D 149 2.63 -38.01 -6.50
CA GLY D 149 3.96 -38.49 -6.17
C GLY D 149 4.09 -39.98 -6.40
N SER D 150 2.96 -40.70 -6.41
CA SER D 150 3.01 -42.15 -6.59
C SER D 150 3.71 -42.57 -7.89
N GLU D 151 3.61 -41.75 -8.94
CA GLU D 151 4.27 -42.03 -10.23
C GLU D 151 5.80 -42.14 -10.19
N MET D 152 6.43 -41.58 -9.17
CA MET D 152 7.86 -41.82 -8.92
C MET D 152 8.21 -43.30 -8.73
N PHE D 153 7.24 -44.09 -8.29
CA PHE D 153 7.46 -45.49 -7.96
C PHE D 153 6.53 -46.42 -8.71
N LEU D 154 6.46 -46.28 -10.02
CA LEU D 154 5.58 -47.14 -10.85
C LEU D 154 5.77 -48.62 -10.57
N GLY D 155 6.99 -48.99 -10.18
CA GLY D 155 7.34 -50.34 -9.75
C GLY D 155 6.50 -50.72 -8.56
N THR D 156 6.79 -50.08 -7.43
CA THR D 156 6.03 -50.28 -6.20
C THR D 156 4.51 -50.33 -6.37
N PHE D 157 3.94 -49.43 -7.19
CA PHE D 157 2.49 -49.34 -7.35
C PHE D 157 1.94 -50.07 -8.57
N ARG D 158 2.78 -50.84 -9.26
CA ARG D 158 2.30 -51.72 -10.32
C ARG D 158 1.43 -50.97 -11.35
N PHE D 159 2.05 -49.97 -11.97
CA PHE D 159 1.49 -49.19 -13.08
C PHE D 159 0.13 -48.51 -12.89
N TYR D 160 -0.43 -48.50 -11.67
CA TYR D 160 -1.71 -47.85 -11.44
C TYR D 160 -1.65 -46.32 -11.57
N PRO D 161 -0.54 -45.69 -11.12
CA PRO D 161 -0.45 -44.23 -11.31
C PRO D 161 -0.68 -43.84 -12.77
N LEU D 162 -0.04 -44.58 -13.67
CA LEU D 162 -0.20 -44.39 -15.11
C LEU D 162 -1.60 -44.77 -15.60
N ALA D 163 -2.10 -45.93 -15.18
CA ALA D 163 -3.43 -46.40 -15.58
C ALA D 163 -4.52 -45.40 -15.21
N ILE D 164 -4.43 -44.86 -13.99
CA ILE D 164 -5.39 -43.88 -13.54
C ILE D 164 -5.35 -42.65 -14.45
N GLY D 165 -4.15 -42.18 -14.78
CA GLY D 165 -3.98 -41.06 -15.69
C GLY D 165 -4.59 -41.34 -17.06
N ILE D 166 -4.21 -42.46 -17.64
CA ILE D 166 -4.69 -42.84 -18.97
C ILE D 166 -6.22 -42.91 -19.00
N TYR D 167 -6.81 -43.47 -17.95
CA TYR D 167 -8.27 -43.56 -17.86
C TYR D 167 -8.94 -42.19 -17.78
N LYS D 168 -8.24 -41.21 -17.22
CA LYS D 168 -8.79 -39.87 -17.06
C LYS D 168 -8.70 -39.03 -18.33
N VAL D 169 -7.58 -39.11 -19.06
CA VAL D 169 -7.43 -38.33 -20.31
C VAL D 169 -8.42 -38.81 -21.37
N GLN D 170 -8.55 -40.12 -21.51
CA GLN D 170 -9.44 -40.71 -22.52
C GLN D 170 -10.92 -40.50 -22.21
N ARG D 171 -11.24 -40.13 -20.97
CA ARG D 171 -12.58 -39.73 -20.62
C ARG D 171 -12.60 -38.23 -20.32
N LYS D 172 -11.74 -37.50 -21.04
CA LYS D 172 -11.73 -36.03 -21.08
C LYS D 172 -11.51 -35.27 -19.77
N GLU D 173 -11.32 -35.97 -18.65
CA GLU D 173 -11.23 -35.32 -17.33
C GLU D 173 -9.92 -34.56 -17.13
N MET D 174 -8.82 -35.16 -17.58
CA MET D 174 -7.50 -34.59 -17.43
C MET D 174 -6.96 -34.26 -18.82
N GLU D 175 -6.03 -33.30 -18.88
CA GLU D 175 -5.40 -32.94 -20.14
C GLU D 175 -4.16 -33.80 -20.39
N PRO D 176 -3.89 -34.14 -21.66
CA PRO D 176 -2.75 -34.94 -22.09
C PRO D 176 -1.40 -34.61 -21.46
N LYS D 177 -1.15 -33.34 -21.15
CA LYS D 177 0.17 -32.91 -20.70
C LYS D 177 0.53 -33.41 -19.31
N TYR D 178 -0.47 -33.78 -18.52
CA TYR D 178 -0.21 -34.28 -17.16
C TYR D 178 0.40 -35.68 -17.09
N LEU D 179 0.42 -36.40 -18.22
CA LEU D 179 1.09 -37.70 -18.28
C LEU D 179 2.56 -37.56 -18.69
N GLU D 180 3.05 -36.34 -18.78
CA GLU D 180 4.44 -36.15 -19.20
C GLU D 180 5.41 -36.70 -18.17
N LYS D 181 5.24 -36.29 -16.91
CA LYS D 181 6.14 -36.69 -15.83
C LYS D 181 6.19 -38.20 -15.63
N THR D 182 5.01 -38.83 -15.72
CA THR D 182 4.90 -40.26 -15.55
C THR D 182 5.79 -40.97 -16.56
N MET D 183 5.77 -40.49 -17.81
CA MET D 183 6.50 -41.15 -18.89
C MET D 183 8.01 -41.02 -18.87
N ARG D 184 8.55 -40.22 -17.97
CA ARG D 184 10.00 -40.05 -17.86
C ARG D 184 10.51 -40.84 -16.66
N GLN D 185 9.79 -41.92 -16.31
CA GLN D 185 10.02 -42.65 -15.06
C GLN D 185 10.35 -44.12 -15.28
N ARG D 186 11.10 -44.67 -14.34
CA ARG D 186 11.58 -46.04 -14.40
C ARG D 186 10.46 -47.01 -14.04
N TYR D 187 10.67 -48.28 -14.35
CA TYR D 187 9.80 -49.35 -13.88
C TYR D 187 10.65 -50.54 -13.43
N MET D 188 10.72 -50.74 -12.12
CA MET D 188 11.68 -51.66 -11.50
C MET D 188 13.07 -51.04 -11.75
N GLY D 189 13.74 -51.46 -12.83
CA GLY D 189 14.97 -50.81 -13.30
C GLY D 189 14.82 -50.22 -14.70
N LEU D 190 14.02 -50.87 -15.53
CA LEU D 190 13.75 -50.46 -16.92
C LEU D 190 13.47 -48.97 -17.12
N GLU D 191 14.03 -48.40 -18.18
CA GLU D 191 13.80 -47.00 -18.53
C GLU D 191 12.61 -46.88 -19.48
N ALA D 192 12.16 -45.63 -19.69
CA ALA D 192 10.94 -45.31 -20.45
C ALA D 192 10.67 -46.19 -21.68
N ALA D 193 11.49 -46.06 -22.71
CA ALA D 193 11.27 -46.76 -23.99
C ALA D 193 11.24 -48.27 -23.85
N THR D 194 12.13 -48.83 -23.02
CA THR D 194 12.21 -50.28 -22.83
C THR D 194 10.89 -50.84 -22.30
N TRP D 195 10.40 -50.30 -21.18
CA TRP D 195 9.15 -50.79 -20.54
C TRP D 195 7.86 -50.46 -21.29
N THR D 196 7.90 -49.39 -22.09
CA THR D 196 6.77 -48.90 -22.88
C THR D 196 6.03 -50.01 -23.64
N VAL D 197 6.80 -50.97 -24.15
CA VAL D 197 6.25 -52.17 -24.78
C VAL D 197 6.62 -53.45 -24.02
N SER D 198 7.87 -53.56 -23.55
CA SER D 198 8.32 -54.69 -22.72
C SER D 198 7.25 -55.09 -21.70
N LYS D 199 6.71 -54.08 -21.00
CA LYS D 199 5.69 -54.26 -19.99
C LYS D 199 4.35 -53.62 -20.40
N LEU D 200 3.98 -53.71 -21.68
CA LEU D 200 2.72 -53.11 -22.15
C LEU D 200 1.51 -53.83 -21.59
N THR D 201 1.56 -55.17 -21.55
CA THR D 201 0.44 -55.97 -21.05
C THR D 201 0.20 -55.80 -19.55
N GLU D 202 1.25 -55.44 -18.81
CA GLU D 202 1.10 -55.08 -17.40
C GLU D 202 0.15 -53.90 -17.29
N VAL D 203 0.50 -52.82 -17.97
CA VAL D 203 -0.32 -51.61 -17.99
C VAL D 203 -1.73 -51.89 -18.58
N GLN D 204 -1.84 -52.82 -19.54
CA GLN D 204 -3.13 -53.21 -20.13
C GLN D 204 -4.08 -53.70 -19.04
N SER D 205 -3.59 -54.61 -18.22
CA SER D 205 -4.37 -55.17 -17.12
C SER D 205 -4.62 -54.12 -16.03
N ALA D 206 -3.60 -53.32 -15.73
CA ALA D 206 -3.72 -52.24 -14.76
C ALA D 206 -4.87 -51.30 -15.12
N LEU D 207 -5.01 -50.97 -16.40
CA LEU D 207 -6.11 -50.13 -16.86
C LEU D 207 -7.45 -50.88 -16.72
N THR D 208 -7.43 -52.17 -17.06
CA THR D 208 -8.62 -53.01 -16.95
C THR D 208 -9.18 -52.94 -15.52
N VAL D 209 -8.28 -53.03 -14.55
CA VAL D 209 -8.64 -52.94 -13.14
C VAL D 209 -9.29 -51.57 -12.87
N VAL D 210 -8.61 -50.48 -13.22
CA VAL D 210 -9.10 -49.15 -12.87
C VAL D 210 -10.43 -48.85 -13.57
N SER D 211 -10.56 -49.29 -14.83
CA SER D 211 -11.77 -49.06 -15.61
C SER D 211 -13.04 -49.69 -15.03
N SER D 212 -12.88 -50.75 -14.23
CA SER D 212 -14.00 -51.40 -13.56
C SER D 212 -14.56 -50.62 -12.36
N LEU D 213 -13.74 -49.79 -11.74
CA LEU D 213 -14.02 -49.23 -10.42
C LEU D 213 -15.21 -48.27 -10.32
N GLY D 214 -15.47 -47.51 -11.38
CA GLY D 214 -16.63 -46.62 -11.41
C GLY D 214 -16.42 -45.30 -10.69
N TRP D 215 -16.15 -44.26 -11.46
CA TRP D 215 -15.88 -42.89 -10.94
C TRP D 215 -17.16 -42.20 -10.40
N LYS D 216 -17.06 -40.99 -9.81
CA LYS D 216 -18.25 -40.18 -9.28
C LYS D 216 -18.15 -38.70 -9.75
N LYS D 217 -19.10 -38.25 -10.59
CA LYS D 217 -19.16 -36.86 -11.10
C LYS D 217 -19.21 -35.84 -9.95
N THR D 218 -20.07 -36.06 -8.97
CA THR D 218 -20.19 -35.18 -7.81
C THR D 218 -19.97 -35.95 -6.51
N ASN D 219 -19.94 -35.21 -5.40
CA ASN D 219 -19.87 -35.81 -4.06
C ASN D 219 -21.25 -35.85 -3.44
N VAL D 220 -22.07 -36.77 -3.93
CA VAL D 220 -23.48 -36.86 -3.54
C VAL D 220 -23.81 -38.23 -2.94
N SER D 221 -25.07 -38.39 -2.59
CA SER D 221 -25.59 -39.65 -2.08
C SER D 221 -25.75 -40.69 -3.20
N ALA D 222 -26.20 -41.88 -2.82
CA ALA D 222 -26.54 -42.93 -3.78
C ALA D 222 -27.90 -42.64 -4.40
N ALA D 223 -28.89 -42.35 -3.55
CA ALA D 223 -30.26 -42.01 -3.98
C ALA D 223 -30.27 -40.71 -4.79
N ALA D 224 -29.40 -39.78 -4.40
CA ALA D 224 -29.20 -38.51 -5.12
C ALA D 224 -28.77 -38.76 -6.57
N ARG D 225 -27.76 -39.61 -6.76
CA ARG D 225 -27.28 -39.98 -8.09
C ARG D 225 -28.49 -40.26 -8.98
N ASP D 226 -29.29 -41.24 -8.55
CA ASP D 226 -30.47 -41.69 -9.27
C ASP D 226 -31.56 -40.61 -9.35
N PHE D 227 -31.94 -40.08 -8.20
CA PHE D 227 -33.03 -39.12 -8.11
C PHE D 227 -32.86 -37.93 -9.05
N LEU D 228 -31.72 -37.26 -8.94
CA LEU D 228 -31.45 -36.12 -9.79
C LEU D 228 -31.45 -36.51 -11.27
N ALA D 229 -30.84 -37.65 -11.57
CA ALA D 229 -30.81 -38.17 -12.94
C ALA D 229 -32.21 -38.24 -13.59
N LYS D 230 -33.25 -38.45 -12.78
CA LYS D 230 -34.64 -38.53 -13.28
C LYS D 230 -35.19 -37.24 -13.92
N PHE D 231 -34.50 -36.12 -13.74
CA PHE D 231 -34.88 -34.87 -14.39
C PHE D 231 -33.86 -34.44 -15.46
N GLY D 232 -32.85 -35.27 -15.73
CA GLY D 232 -31.85 -35.02 -16.78
C GLY D 232 -30.54 -34.47 -16.25
N ILE D 233 -29.77 -35.31 -15.55
CA ILE D 233 -28.63 -34.87 -14.73
C ILE D 233 -27.31 -35.66 -14.86
N ASN D 234 -26.23 -35.04 -14.39
CA ASN D 234 -24.91 -35.64 -14.25
C ASN D 234 -24.70 -35.93 -12.76
N GLY E 1 -2.72 13.94 -19.19
CA GLY E 1 -2.86 14.02 -17.71
C GLY E 1 -4.10 14.79 -17.29
N SER E 2 -4.01 15.43 -16.12
CA SER E 2 -5.09 16.30 -15.60
C SER E 2 -4.53 17.51 -14.89
N MET E 3 -5.40 18.46 -14.56
CA MET E 3 -5.04 19.72 -13.92
C MET E 3 -6.12 20.15 -12.94
N ILE E 4 -5.81 20.12 -11.65
CA ILE E 4 -6.84 20.31 -10.62
C ILE E 4 -7.23 21.77 -10.42
N GLU E 5 -8.50 22.01 -10.09
CA GLU E 5 -8.97 23.28 -9.54
C GLU E 5 -9.57 23.00 -8.15
N LEU E 6 -9.10 23.72 -7.15
CA LEU E 6 -9.57 23.56 -5.76
C LEU E 6 -10.11 24.89 -5.28
N GLU E 7 -11.25 24.83 -4.58
CA GLU E 7 -12.08 26.02 -4.30
C GLU E 7 -12.24 26.34 -2.82
N PHE E 8 -12.52 27.61 -2.53
CA PHE E 8 -12.69 28.09 -1.15
C PHE E 8 -13.74 29.19 -1.09
N HIS E 9 -14.21 29.51 0.12
CA HIS E 9 -15.30 30.48 0.33
C HIS E 9 -15.27 31.09 1.73
N ASP E 10 -15.96 32.22 1.91
CA ASP E 10 -15.88 33.05 3.13
C ASP E 10 -16.29 32.31 4.43
N VAL E 11 -16.22 33.01 5.56
CA VAL E 11 -16.80 32.54 6.85
C VAL E 11 -17.64 33.64 7.54
N ALA E 12 -17.10 34.34 8.54
CA ALA E 12 -17.80 35.43 9.27
C ALA E 12 -16.95 36.12 10.36
N THR E 18 -20.93 31.18 21.92
CA THR E 18 -21.93 30.39 21.19
C THR E 18 -22.49 29.25 22.03
N PHE E 19 -21.57 28.53 22.70
CA PHE E 19 -21.83 27.32 23.47
C PHE E 19 -21.62 27.62 24.96
N ASP E 20 -22.56 27.20 25.81
CA ASP E 20 -22.32 27.27 27.26
C ASP E 20 -22.38 25.87 27.86
N PRO E 21 -21.56 25.63 28.87
CA PRO E 21 -21.44 24.27 29.39
C PRO E 21 -22.67 23.82 30.18
N GLU E 22 -23.18 24.65 31.11
CA GLU E 22 -24.31 24.28 31.97
C GLU E 22 -25.53 23.71 31.24
N VAL E 23 -25.79 24.19 30.03
CA VAL E 23 -26.94 23.68 29.25
C VAL E 23 -26.59 22.38 28.55
N ALA E 24 -25.35 22.28 28.06
CA ALA E 24 -24.86 21.06 27.42
C ALA E 24 -24.75 19.93 28.43
N TYR E 25 -24.34 20.30 29.66
CA TYR E 25 -24.29 19.39 30.79
C TYR E 25 -25.69 18.93 31.22
N ALA E 26 -26.57 19.91 31.41
CA ALA E 26 -27.96 19.64 31.72
C ALA E 26 -28.49 18.57 30.78
N ASN E 27 -28.51 18.89 29.49
CA ASN E 27 -29.01 17.96 28.46
C ASN E 27 -28.37 16.56 28.56
N PHE E 28 -27.06 16.52 28.76
CA PHE E 28 -26.32 15.25 28.88
C PHE E 28 -26.83 14.43 30.06
N LYS E 29 -26.82 15.06 31.23
CA LYS E 29 -27.29 14.41 32.45
C LYS E 29 -28.69 13.85 32.28
N ARG E 30 -29.59 14.63 31.68
CA ARG E 30 -30.96 14.18 31.49
C ARG E 30 -31.01 12.91 30.65
N VAL E 31 -30.45 12.96 29.45
CA VAL E 31 -30.61 11.87 28.50
C VAL E 31 -29.79 10.64 28.85
N HIS E 32 -28.51 10.87 29.12
CA HIS E 32 -27.51 9.80 29.09
C HIS E 32 -27.24 9.13 30.44
N THR E 33 -27.21 9.89 31.53
CA THR E 33 -26.86 9.29 32.83
C THR E 33 -27.96 8.46 33.50
N THR E 34 -28.90 7.93 32.73
CA THR E 34 -29.94 7.05 33.28
C THR E 34 -29.33 5.69 33.59
N GLY E 35 -28.93 4.95 32.55
CA GLY E 35 -28.29 3.65 32.71
C GLY E 35 -26.78 3.77 32.84
N LEU E 36 -26.32 4.25 33.99
CA LEU E 36 -24.91 4.54 34.21
C LEU E 36 -24.46 4.28 35.65
N SER E 37 -23.21 3.84 35.80
CA SER E 37 -22.68 3.33 37.07
C SER E 37 -21.23 3.74 37.29
N TYR E 38 -20.79 3.70 38.54
CA TYR E 38 -19.42 4.07 38.86
C TYR E 38 -18.37 3.16 38.22
N ASP E 39 -18.75 1.92 37.91
CA ASP E 39 -17.86 1.03 37.18
C ASP E 39 -17.66 1.54 35.75
N HIS E 40 -18.73 2.04 35.13
CA HIS E 40 -18.67 2.52 33.75
C HIS E 40 -17.73 3.74 33.65
N ILE E 41 -17.79 4.60 34.65
CA ILE E 41 -16.96 5.80 34.68
C ILE E 41 -15.49 5.45 34.85
N ARG E 42 -15.16 4.62 35.84
CA ARG E 42 -13.75 4.32 36.11
C ARG E 42 -13.12 3.76 34.84
N ILE E 43 -13.88 2.96 34.08
CA ILE E 43 -13.39 2.47 32.80
C ILE E 43 -12.96 3.62 31.90
N PHE E 44 -13.84 4.61 31.78
CA PHE E 44 -13.60 5.75 30.86
C PHE E 44 -12.33 6.49 31.22
N TYR E 45 -12.17 6.78 32.51
CA TYR E 45 -11.00 7.55 32.93
C TYR E 45 -9.70 6.76 32.89
N ILE E 46 -9.73 5.49 33.31
CA ILE E 46 -8.54 4.63 33.31
C ILE E 46 -8.02 4.39 31.91
N LYS E 47 -8.91 3.97 31.01
CA LYS E 47 -8.52 3.74 29.62
C LYS E 47 -8.56 5.01 28.75
N GLY E 48 -8.65 6.19 29.37
CA GLY E 48 -8.69 7.46 28.63
C GLY E 48 -7.54 7.60 27.64
N ARG E 49 -6.36 7.18 28.07
CA ARG E 49 -5.15 7.15 27.25
C ARG E 49 -5.40 6.47 25.91
N GLU E 50 -5.88 5.23 26.00
CA GLU E 50 -6.08 4.36 24.84
C GLU E 50 -7.24 4.83 23.99
N ILE E 51 -8.29 5.31 24.65
CA ILE E 51 -9.49 5.77 23.97
C ILE E 51 -9.17 6.97 23.07
N LYS E 52 -8.26 7.83 23.53
CA LYS E 52 -7.84 8.98 22.74
C LYS E 52 -7.14 8.54 21.47
N THR E 53 -6.20 7.59 21.62
CA THR E 53 -5.41 7.12 20.48
C THR E 53 -6.30 6.39 19.49
N SER E 54 -7.03 5.37 19.96
CA SER E 54 -7.88 4.58 19.07
C SER E 54 -8.86 5.46 18.30
N LEU E 55 -9.36 6.52 18.93
CA LEU E 55 -10.19 7.47 18.20
C LEU E 55 -9.40 8.28 17.18
N ALA E 56 -8.17 8.63 17.54
CA ALA E 56 -7.30 9.41 16.64
C ALA E 56 -6.85 8.63 15.41
N LYS E 57 -6.94 7.30 15.46
CA LYS E 57 -6.65 6.44 14.32
C LYS E 57 -7.82 6.45 13.33
N ARG E 58 -8.99 6.02 13.78
CA ARG E 58 -10.18 5.95 12.93
C ARG E 58 -10.54 7.32 12.35
N SER E 59 -11.04 7.32 11.11
CA SER E 59 -11.40 8.55 10.40
C SER E 59 -12.90 8.88 10.45
N GLU E 60 -13.69 8.00 11.07
CA GLU E 60 -15.14 8.10 11.10
C GLU E 60 -15.53 9.29 11.97
N TRP E 61 -16.27 10.25 11.42
CA TRP E 61 -16.60 11.49 12.15
C TRP E 61 -17.45 11.28 13.42
N GLU E 62 -18.33 10.30 13.42
CA GLU E 62 -19.18 10.03 14.59
C GLU E 62 -18.96 8.58 15.02
N VAL E 63 -18.46 8.40 16.24
CA VAL E 63 -18.12 7.08 16.79
C VAL E 63 -18.78 6.87 18.16
N THR E 64 -19.07 5.61 18.48
CA THR E 64 -19.68 5.26 19.75
C THR E 64 -18.73 4.47 20.65
N LEU E 65 -18.80 4.78 21.94
CA LEU E 65 -17.97 4.14 22.93
C LEU E 65 -18.81 3.16 23.71
N ASN E 66 -18.27 1.97 23.94
CA ASN E 66 -18.91 0.95 24.76
C ASN E 66 -18.07 0.69 26.01
N LEU E 67 -18.37 1.46 27.04
CA LEU E 67 -17.61 1.44 28.29
C LEU E 67 -18.25 0.48 29.29
N GLY E 68 -17.88 -0.80 29.20
CA GLY E 68 -18.59 -1.84 29.93
C GLY E 68 -19.98 -1.88 29.34
N GLY E 69 -21.00 -1.86 30.20
CA GLY E 69 -22.39 -1.79 29.72
C GLY E 69 -22.70 -0.47 29.01
N TRP E 70 -22.26 0.63 29.61
CA TRP E 70 -22.57 1.98 29.13
C TRP E 70 -22.09 2.21 27.69
N LYS E 71 -22.88 2.94 26.92
CA LYS E 71 -22.60 3.21 25.51
C LYS E 71 -22.94 4.65 25.15
N ILE E 72 -21.98 5.39 24.58
CA ILE E 72 -22.22 6.78 24.14
C ILE E 72 -21.70 7.01 22.72
N THR E 73 -22.35 7.95 22.02
CA THR E 73 -21.94 8.40 20.69
C THR E 73 -21.17 9.71 20.84
N VAL E 74 -19.97 9.76 20.26
CA VAL E 74 -19.07 10.90 20.38
C VAL E 74 -18.58 11.34 19.01
N TYR E 75 -18.52 12.65 18.78
CA TYR E 75 -17.92 13.18 17.56
C TYR E 75 -16.40 13.05 17.61
N ASN E 76 -15.82 12.22 16.73
CA ASN E 76 -14.37 11.94 16.72
C ASN E 76 -13.58 13.13 16.17
N THR E 77 -13.36 14.07 17.07
CA THR E 77 -12.65 15.30 16.79
C THR E 77 -11.14 15.12 17.01
N ASN E 78 -10.74 13.90 17.38
CA ASN E 78 -9.35 13.58 17.67
C ASN E 78 -8.56 13.28 16.41
N PHE E 79 -9.16 12.53 15.49
CA PHE E 79 -8.55 12.21 14.19
C PHE E 79 -8.10 13.50 13.47
N PRO E 80 -6.80 13.58 13.12
CA PRO E 80 -6.22 14.77 12.46
C PRO E 80 -7.11 15.42 11.40
N GLY E 81 -7.61 14.62 10.46
CA GLY E 81 -8.46 15.12 9.37
C GLY E 81 -9.76 15.74 9.85
N ASN E 82 -10.31 15.23 10.96
CA ASN E 82 -11.61 15.67 11.47
C ASN E 82 -11.55 16.94 12.31
N ARG E 83 -10.36 17.36 12.71
CA ARG E 83 -10.21 18.56 13.54
C ARG E 83 -10.77 19.80 12.84
N ASN E 84 -11.14 20.78 13.65
CA ASN E 84 -11.62 22.07 13.15
C ASN E 84 -12.76 21.97 12.12
N ASN E 85 -13.73 21.10 12.38
CA ASN E 85 -15.05 21.17 11.72
C ASN E 85 -16.13 21.23 12.81
N PRO E 86 -17.03 22.24 12.76
CA PRO E 86 -17.95 22.53 13.87
C PRO E 86 -18.60 21.35 14.58
N VAL E 87 -18.70 21.46 15.89
CA VAL E 87 -19.32 20.45 16.75
C VAL E 87 -20.58 21.09 17.36
N PRO E 88 -21.73 20.40 17.26
CA PRO E 88 -22.98 20.98 17.79
C PRO E 88 -22.88 21.39 19.26
N ASP E 89 -23.64 22.40 19.66
CA ASP E 89 -23.63 22.81 21.07
C ASP E 89 -24.18 21.71 21.99
N ASP E 90 -25.03 20.85 21.44
CA ASP E 90 -25.56 19.69 22.15
C ASP E 90 -24.80 18.40 21.81
N GLY E 91 -23.57 18.54 21.30
CA GLY E 91 -22.76 17.39 20.91
C GLY E 91 -21.72 17.04 21.96
N LEU E 92 -21.19 15.82 21.88
CA LEU E 92 -20.18 15.37 22.83
C LEU E 92 -18.86 15.12 22.11
N THR E 93 -17.79 15.65 22.68
CA THR E 93 -16.43 15.29 22.27
C THR E 93 -15.81 14.55 23.43
N LEU E 94 -14.70 13.88 23.18
CA LEU E 94 -14.01 13.20 24.26
C LEU E 94 -13.74 14.13 25.42
N HIS E 95 -13.32 15.34 25.08
CA HIS E 95 -12.98 16.32 26.08
C HIS E 95 -14.21 16.68 26.92
N ARG E 96 -15.26 17.10 26.25
CA ARG E 96 -16.46 17.53 26.94
C ARG E 96 -16.97 16.42 27.84
N LEU E 97 -16.99 15.21 27.29
CA LEU E 97 -17.42 14.05 28.07
C LEU E 97 -16.62 13.93 29.38
N SER E 98 -15.30 14.02 29.29
CA SER E 98 -14.45 13.93 30.46
C SER E 98 -14.81 14.99 31.47
N GLY E 99 -15.10 16.21 31.01
CA GLY E 99 -15.48 17.32 31.90
C GLY E 99 -16.82 17.09 32.55
N PHE E 100 -17.78 16.65 31.76
CA PHE E 100 -19.12 16.42 32.28
C PHE E 100 -19.08 15.37 33.38
N LEU E 101 -18.45 14.24 33.10
CA LEU E 101 -18.32 13.17 34.08
C LEU E 101 -17.63 13.65 35.34
N ALA E 102 -16.67 14.56 35.24
CA ALA E 102 -16.02 15.08 36.43
C ALA E 102 -16.98 15.92 37.28
N ARG E 103 -17.85 16.68 36.61
CA ARG E 103 -18.91 17.45 37.27
C ARG E 103 -19.85 16.47 37.96
N TYR E 104 -20.44 15.59 37.16
CA TYR E 104 -21.34 14.53 37.63
C TYR E 104 -20.88 13.85 38.91
N LEU E 105 -19.60 13.49 38.98
CA LEU E 105 -19.04 12.86 40.17
C LEU E 105 -19.02 13.84 41.31
N LEU E 106 -18.50 15.04 41.07
CA LEU E 106 -18.38 16.01 42.14
C LEU E 106 -19.74 16.29 42.75
N GLU E 107 -20.79 16.27 41.92
CA GLU E 107 -22.14 16.47 42.43
C GLU E 107 -22.54 15.33 43.38
N LYS E 108 -22.45 14.09 42.90
CA LYS E 108 -22.65 12.93 43.76
C LYS E 108 -21.85 13.04 45.05
N MET E 109 -20.54 13.23 44.93
CA MET E 109 -19.64 13.33 46.08
C MET E 109 -20.05 14.33 47.18
N LEU E 110 -21.03 15.20 46.88
CA LEU E 110 -21.56 16.15 47.85
C LEU E 110 -22.95 15.75 48.36
N LYS E 111 -23.79 15.20 47.48
CA LYS E 111 -25.17 14.83 47.82
C LYS E 111 -25.39 13.36 48.21
N VAL E 112 -24.34 12.56 48.43
CA VAL E 112 -24.56 11.14 48.73
C VAL E 112 -24.01 10.67 50.07
N SER E 113 -24.46 9.46 50.41
CA SER E 113 -24.14 8.73 51.62
C SER E 113 -22.64 8.54 51.86
N GLU E 114 -22.23 8.63 53.13
CA GLU E 114 -20.82 8.45 53.52
C GLU E 114 -20.16 7.12 53.15
N PRO E 115 -20.89 5.98 53.25
CA PRO E 115 -20.40 4.74 52.66
C PRO E 115 -20.41 4.73 51.13
N GLU E 116 -21.37 5.39 50.50
CA GLU E 116 -21.40 5.52 49.04
C GLU E 116 -20.16 6.26 48.52
N LYS E 117 -19.74 7.31 49.22
CA LYS E 117 -18.50 8.04 48.89
C LYS E 117 -17.28 7.14 48.84
N LEU E 118 -17.25 6.15 49.72
CA LEU E 118 -16.14 5.22 49.76
C LEU E 118 -16.13 4.29 48.54
N ILE E 119 -17.31 4.02 47.96
CA ILE E 119 -17.40 3.26 46.70
C ILE E 119 -16.75 4.07 45.58
N ILE E 120 -16.98 5.38 45.57
CA ILE E 120 -16.38 6.24 44.57
C ILE E 120 -14.86 6.20 44.72
N LYS E 121 -14.37 6.57 45.90
CA LYS E 121 -12.93 6.70 46.12
C LYS E 121 -12.15 5.41 45.87
N SER E 122 -12.81 4.28 46.01
CA SER E 122 -12.21 2.98 45.70
C SER E 122 -12.14 2.72 44.20
N LYS E 123 -13.26 2.95 43.53
CA LYS E 123 -13.43 2.60 42.12
C LYS E 123 -12.78 3.58 41.12
N ILE E 124 -13.05 4.86 41.30
CA ILE E 124 -12.65 5.87 40.31
C ILE E 124 -11.25 6.38 40.53
N ILE E 125 -10.42 6.22 39.50
CA ILE E 125 -9.04 6.62 39.56
C ILE E 125 -8.83 7.68 38.51
N ASN E 126 -8.07 8.72 38.88
CA ASN E 126 -7.73 9.83 38.00
C ASN E 126 -6.26 9.78 37.59
N PRO E 127 -5.96 9.12 36.46
CA PRO E 127 -4.60 8.98 35.99
C PRO E 127 -3.71 10.21 36.17
N LEU E 128 -4.17 11.37 35.74
CA LEU E 128 -3.33 12.57 35.74
C LEU E 128 -3.05 13.07 37.16
N ALA E 129 -4.03 13.01 38.04
CA ALA E 129 -3.83 13.42 39.42
C ALA E 129 -2.86 12.48 40.15
N GLU E 130 -3.03 11.18 39.94
CA GLU E 130 -2.20 10.16 40.57
C GLU E 130 -0.74 10.24 40.11
N LYS E 131 -0.52 10.32 38.79
CA LYS E 131 0.83 10.50 38.24
C LYS E 131 1.57 11.64 38.93
N ASN E 132 0.87 12.75 39.17
CA ASN E 132 1.43 13.89 39.87
C ASN E 132 1.24 13.81 41.38
N GLY E 133 1.18 12.59 41.91
CA GLY E 133 1.16 12.35 43.35
C GLY E 133 0.06 13.06 44.11
N ILE E 134 -1.14 13.05 43.56
CA ILE E 134 -2.30 13.65 44.21
C ILE E 134 -3.41 12.61 44.23
N THR E 135 -4.05 12.45 45.39
CA THR E 135 -5.07 11.43 45.57
C THR E 135 -6.35 12.06 46.09
N TRP E 136 -7.41 11.26 46.17
CA TRP E 136 -8.70 11.69 46.71
C TRP E 136 -8.54 12.40 48.05
N ASN E 137 -7.67 11.86 48.88
CA ASN E 137 -7.37 12.43 50.19
C ASN E 137 -7.06 13.93 50.13
N ASP E 138 -6.38 14.37 49.07
CA ASP E 138 -6.02 15.79 48.95
C ASP E 138 -7.20 16.72 48.69
N GLY E 139 -8.40 16.18 48.51
CA GLY E 139 -9.59 17.01 48.36
C GLY E 139 -10.41 16.53 47.17
N GLU E 140 -11.69 16.24 47.39
CA GLU E 140 -12.54 15.75 46.30
C GLU E 140 -12.73 16.76 45.15
N GLU E 141 -12.78 18.06 45.46
CA GLU E 141 -12.91 19.08 44.42
C GLU E 141 -11.61 19.29 43.64
N VAL E 142 -10.48 19.11 44.32
CA VAL E 142 -9.15 19.22 43.72
C VAL E 142 -8.85 18.03 42.81
N TYR E 143 -8.95 16.83 43.36
CA TYR E 143 -8.66 15.61 42.63
C TYR E 143 -9.44 15.57 41.31
N LEU E 144 -10.74 15.86 41.36
CA LEU E 144 -11.57 15.81 40.15
C LEU E 144 -11.27 16.92 39.15
N SER E 145 -10.73 18.04 39.62
CA SER E 145 -10.42 19.12 38.67
C SER E 145 -9.17 18.82 37.81
N PHE E 146 -8.39 17.80 38.17
CA PHE E 146 -7.33 17.31 37.30
C PHE E 146 -7.84 16.71 36.00
N PHE E 147 -9.08 16.22 35.99
CA PHE E 147 -9.65 15.65 34.77
C PHE E 147 -9.81 16.74 33.71
N PRO E 148 -9.39 16.46 32.47
CA PRO E 148 -9.63 17.44 31.42
C PRO E 148 -11.13 17.66 31.21
N GLY E 149 -11.49 18.91 30.89
CA GLY E 149 -12.87 19.33 30.77
C GLY E 149 -13.35 20.07 31.99
N SER E 150 -12.69 19.88 33.13
CA SER E 150 -13.10 20.53 34.37
C SER E 150 -13.11 22.04 34.25
N GLU E 151 -12.24 22.61 33.44
CA GLU E 151 -12.20 24.07 33.21
C GLU E 151 -13.49 24.71 32.63
N MET E 152 -14.32 23.91 31.96
CA MET E 152 -15.65 24.37 31.56
C MET E 152 -16.51 24.84 32.75
N PHE E 153 -16.20 24.35 33.95
CA PHE E 153 -17.01 24.60 35.11
C PHE E 153 -16.17 25.17 36.26
N LEU E 154 -15.41 26.23 35.98
CA LEU E 154 -14.58 26.86 37.02
C LEU E 154 -15.36 27.20 38.29
N GLY E 155 -16.65 27.50 38.11
CA GLY E 155 -17.57 27.73 39.21
C GLY E 155 -17.63 26.50 40.08
N THR E 156 -18.25 25.45 39.53
CA THR E 156 -18.35 24.16 40.21
C THR E 156 -17.06 23.71 40.92
N PHE E 157 -15.91 23.88 40.29
CA PHE E 157 -14.63 23.37 40.84
C PHE E 157 -13.81 24.41 41.59
N ARG E 158 -14.38 25.60 41.79
CA ARG E 158 -13.73 26.60 42.62
C ARG E 158 -12.27 26.84 42.21
N PHE E 159 -12.12 27.30 40.96
CA PHE E 159 -10.85 27.75 40.38
C PHE E 159 -9.64 26.81 40.41
N TYR E 160 -9.82 25.55 40.83
CA TYR E 160 -8.70 24.61 40.86
C TYR E 160 -8.19 24.22 39.46
N PRO E 161 -9.09 24.04 38.47
CA PRO E 161 -8.60 23.80 37.12
C PRO E 161 -7.54 24.82 36.68
N LEU E 162 -7.83 26.10 36.91
CA LEU E 162 -6.90 27.19 36.62
C LEU E 162 -5.66 27.19 37.51
N ALA E 163 -5.87 27.02 38.82
CA ALA E 163 -4.76 26.96 39.76
C ALA E 163 -3.76 25.86 39.40
N ILE E 164 -4.28 24.69 39.05
CA ILE E 164 -3.43 23.57 38.69
C ILE E 164 -2.59 23.94 37.47
N GLY E 165 -3.23 24.56 36.48
CA GLY E 165 -2.52 25.02 35.29
C GLY E 165 -1.42 26.00 35.63
N ILE E 166 -1.79 27.04 36.36
CA ILE E 166 -0.85 28.09 36.72
C ILE E 166 0.35 27.52 37.46
N TYR E 167 0.11 26.58 38.36
CA TYR E 167 1.19 25.94 39.11
C TYR E 167 2.13 25.15 38.22
N LYS E 168 1.60 24.63 37.13
CA LYS E 168 2.40 23.82 36.22
C LYS E 168 3.26 24.65 35.28
N VAL E 169 2.72 25.75 34.74
CA VAL E 169 3.51 26.59 33.80
C VAL E 169 4.68 27.24 34.52
N GLN E 170 4.42 27.75 35.72
CA GLN E 170 5.44 28.45 36.50
C GLN E 170 6.52 27.51 37.04
N ARG E 171 6.26 26.21 37.02
CA ARG E 171 7.28 25.23 37.32
C ARG E 171 7.63 24.45 36.05
N LYS E 172 7.56 25.15 34.91
CA LYS E 172 8.06 24.68 33.61
C LYS E 172 7.46 23.41 33.02
N GLU E 173 6.51 22.78 33.71
CA GLU E 173 5.96 21.49 33.27
C GLU E 173 5.06 21.60 32.03
N MET E 174 4.22 22.63 32.00
CA MET E 174 3.27 22.84 30.92
C MET E 174 3.66 24.13 30.19
N GLU E 175 3.26 24.24 28.93
CA GLU E 175 3.52 25.42 28.13
C GLU E 175 2.39 26.44 28.30
N PRO E 176 2.73 27.74 28.28
CA PRO E 176 1.78 28.85 28.43
C PRO E 176 0.49 28.76 27.61
N LYS E 177 0.54 28.17 26.42
CA LYS E 177 -0.61 28.17 25.53
C LYS E 177 -1.76 27.29 26.00
N TYR E 178 -1.51 26.33 26.89
CA TYR E 178 -2.56 25.47 27.40
C TYR E 178 -3.53 26.14 28.38
N LEU E 179 -3.21 27.34 28.85
CA LEU E 179 -4.12 28.12 29.68
C LEU E 179 -5.05 29.01 28.85
N GLU E 180 -5.01 28.87 27.54
CA GLU E 180 -5.83 29.73 26.70
C GLU E 180 -7.29 29.46 26.90
N LYS E 181 -7.67 28.18 26.79
CA LYS E 181 -9.08 27.78 26.89
C LYS E 181 -9.71 28.12 28.22
N THR E 182 -8.93 27.93 29.29
CA THR E 182 -9.38 28.24 30.63
C THR E 182 -9.80 29.71 30.73
N MET E 183 -8.98 30.60 30.16
CA MET E 183 -9.23 32.05 30.26
C MET E 183 -10.40 32.59 29.46
N ARG E 184 -11.03 31.77 28.64
CA ARG E 184 -12.18 32.21 27.85
C ARG E 184 -13.47 31.67 28.48
N GLN E 185 -13.43 31.45 29.80
CA GLN E 185 -14.49 30.73 30.50
C GLN E 185 -15.10 31.57 31.62
N ARG E 186 -16.37 31.26 31.89
CA ARG E 186 -17.15 31.97 32.89
C ARG E 186 -16.75 31.53 34.30
N TYR E 187 -17.16 32.32 35.30
CA TYR E 187 -17.05 31.92 36.70
C TYR E 187 -18.36 32.29 37.43
N MET E 188 -19.16 31.28 37.76
CA MET E 188 -20.55 31.46 38.21
C MET E 188 -21.33 32.03 37.02
N GLY E 189 -21.44 33.36 36.93
CA GLY E 189 -21.96 34.06 35.75
C GLY E 189 -20.93 34.98 35.10
N LEU E 190 -20.07 35.57 35.92
CA LEU E 190 -19.00 36.50 35.51
C LEU E 190 -18.19 36.04 34.28
N GLU E 191 -17.88 36.98 33.38
CA GLU E 191 -17.08 36.68 32.20
C GLU E 191 -15.62 36.96 32.50
N ALA E 192 -14.75 36.54 31.57
CA ALA E 192 -13.29 36.58 31.73
C ALA E 192 -12.71 37.80 32.47
N ALA E 193 -12.79 38.97 31.85
CA ALA E 193 -12.17 40.18 32.40
C ALA E 193 -12.71 40.56 33.77
N THR E 194 -14.02 40.42 33.97
CA THR E 194 -14.67 40.79 35.23
C THR E 194 -14.06 39.99 36.39
N TRP E 195 -14.10 38.66 36.30
CA TRP E 195 -13.60 37.78 37.37
C TRP E 195 -12.08 37.76 37.56
N THR E 196 -11.35 38.10 36.48
CA THR E 196 -9.88 38.14 36.48
C THR E 196 -9.27 38.85 37.68
N VAL E 197 -9.93 39.93 38.13
CA VAL E 197 -9.56 40.64 39.35
C VAL E 197 -10.67 40.57 40.41
N SER E 198 -11.94 40.70 39.99
CA SER E 198 -13.09 40.58 40.90
C SER E 198 -12.88 39.41 41.88
N LYS E 199 -12.48 38.27 41.32
CA LYS E 199 -12.26 37.05 42.09
C LYS E 199 -10.79 36.63 42.07
N LEU E 200 -9.88 37.60 42.15
CA LEU E 200 -8.45 37.30 42.13
C LEU E 200 -7.99 36.56 43.38
N THR E 201 -8.49 36.99 44.53
CA THR E 201 -8.13 36.38 45.82
C THR E 201 -8.66 34.95 45.96
N GLU E 202 -9.76 34.64 45.28
CA GLU E 202 -10.24 33.25 45.20
C GLU E 202 -9.13 32.38 44.59
N VAL E 203 -8.70 32.75 43.39
CA VAL E 203 -7.62 32.05 42.68
C VAL E 203 -6.31 32.03 43.50
N GLN E 204 -6.04 33.12 44.23
CA GLN E 204 -4.85 33.21 45.07
C GLN E 204 -4.81 32.05 46.06
N SER E 205 -5.92 31.85 46.75
CA SER E 205 -6.04 30.80 47.75
C SER E 205 -6.06 29.42 47.08
N ALA E 206 -6.78 29.32 45.96
CA ALA E 206 -6.83 28.08 45.19
C ALA E 206 -5.42 27.61 44.82
N LEU E 207 -4.56 28.53 44.43
CA LEU E 207 -3.17 28.19 44.12
C LEU E 207 -2.44 27.78 45.40
N THR E 208 -2.70 28.50 46.47
CA THR E 208 -2.07 28.21 47.75
C THR E 208 -2.34 26.75 48.14
N VAL E 209 -3.59 26.32 47.95
CA VAL E 209 -3.98 24.96 48.22
C VAL E 209 -3.15 24.01 47.35
N VAL E 210 -3.16 24.21 46.04
CA VAL E 210 -2.51 23.26 45.11
C VAL E 210 -1.01 23.21 45.35
N SER E 211 -0.41 24.36 45.65
CA SER E 211 1.03 24.46 45.87
C SER E 211 1.53 23.65 47.08
N SER E 212 0.66 23.41 48.04
CA SER E 212 1.00 22.60 49.21
C SER E 212 1.09 21.10 48.94
N LEU E 213 0.38 20.63 47.92
CA LEU E 213 0.10 19.20 47.74
C LEU E 213 1.31 18.32 47.43
N GLY E 214 2.32 18.86 46.75
CA GLY E 214 3.55 18.13 46.49
C GLY E 214 3.46 17.18 45.32
N TRP E 215 3.96 17.62 44.18
CA TRP E 215 3.89 16.85 42.93
C TRP E 215 4.85 15.68 42.96
N LYS E 216 4.78 14.83 41.95
CA LYS E 216 5.67 13.70 41.81
C LYS E 216 6.31 13.69 40.43
N LYS E 217 7.57 14.07 40.37
CA LYS E 217 8.36 14.08 39.13
C LYS E 217 8.33 12.69 38.47
N THR E 218 8.56 11.64 39.26
CA THR E 218 8.53 10.27 38.75
C THR E 218 7.52 9.42 39.51
N ASN E 219 7.31 8.20 39.03
CA ASN E 219 6.45 7.23 39.70
C ASN E 219 7.31 6.27 40.54
N VAL E 220 7.82 6.79 41.66
CA VAL E 220 8.79 6.06 42.50
C VAL E 220 8.30 5.90 43.94
N SER E 221 9.14 5.30 44.79
CA SER E 221 8.86 5.10 46.21
C SER E 221 9.01 6.42 46.98
N ALA E 222 8.76 6.37 48.28
CA ALA E 222 9.01 7.49 49.18
C ALA E 222 10.50 7.59 49.51
N ALA E 223 11.10 6.45 49.90
CA ALA E 223 12.53 6.37 50.19
C ALA E 223 13.38 6.67 48.96
N ALA E 224 12.87 6.24 47.80
CA ALA E 224 13.51 6.51 46.52
C ALA E 224 13.64 8.00 46.29
N ARG E 225 12.54 8.72 46.48
CA ARG E 225 12.52 10.18 46.32
C ARG E 225 13.77 10.74 47.00
N ASP E 226 13.87 10.46 48.30
CA ASP E 226 14.95 10.94 49.15
C ASP E 226 16.30 10.36 48.75
N PHE E 227 16.36 9.04 48.68
CA PHE E 227 17.61 8.34 48.40
C PHE E 227 18.32 8.86 47.15
N LEU E 228 17.60 8.85 46.03
CA LEU E 228 18.16 9.32 44.77
C LEU E 228 18.60 10.77 44.85
N ALA E 229 17.76 11.60 45.48
CA ALA E 229 18.09 13.00 45.68
C ALA E 229 19.46 13.22 46.33
N LYS E 230 19.91 12.28 47.16
CA LYS E 230 21.23 12.39 47.81
C LYS E 230 22.44 12.39 46.88
N PHE E 231 22.25 12.03 45.61
CA PHE E 231 23.32 12.09 44.61
C PHE E 231 23.08 13.20 43.56
N GLY E 232 22.03 14.00 43.75
CA GLY E 232 21.72 15.14 42.88
C GLY E 232 20.64 14.86 41.84
N ILE E 233 19.40 14.71 42.31
CA ILE E 233 18.32 14.13 41.51
C ILE E 233 16.98 14.89 41.51
N ASN E 234 16.14 14.55 40.52
CA ASN E 234 14.76 15.00 40.42
C ASN E 234 13.81 13.88 40.82
N GLY F 1 -23.04 4.33 4.48
CA GLY F 1 -21.79 4.15 5.28
C GLY F 1 -22.00 3.34 6.55
N SER F 2 -21.15 3.59 7.54
CA SER F 2 -21.13 2.81 8.79
C SER F 2 -20.71 3.66 9.99
N MET F 3 -20.79 3.07 11.18
CA MET F 3 -20.34 3.69 12.44
C MET F 3 -19.76 2.62 13.36
N ILE F 4 -18.49 2.79 13.74
CA ILE F 4 -17.80 1.81 14.58
C ILE F 4 -18.22 1.94 16.05
N GLU F 5 -18.23 0.80 16.74
CA GLU F 5 -18.31 0.74 18.20
C GLU F 5 -17.06 0.04 18.70
N LEU F 6 -16.35 0.68 19.61
CA LEU F 6 -15.12 0.14 20.18
C LEU F 6 -15.30 0.06 21.70
N GLU F 7 -14.85 -1.05 22.28
CA GLU F 7 -15.22 -1.44 23.65
C GLU F 7 -14.06 -1.54 24.62
N PHE F 8 -14.35 -1.38 25.92
CA PHE F 8 -13.35 -1.43 26.97
C PHE F 8 -13.95 -2.01 28.25
N HIS F 9 -13.09 -2.42 29.19
CA HIS F 9 -13.51 -3.08 30.44
C HIS F 9 -12.47 -2.94 31.57
N ASP F 10 -12.91 -3.18 32.81
CA ASP F 10 -12.11 -2.90 34.03
C ASP F 10 -10.78 -3.68 34.11
N VAL F 11 -10.01 -3.46 35.18
CA VAL F 11 -8.83 -4.29 35.50
C VAL F 11 -8.82 -4.74 36.99
N ALA F 12 -8.04 -4.09 37.87
CA ALA F 12 -7.96 -4.43 39.31
C ALA F 12 -7.02 -3.49 40.10
N THR F 18 4.19 -9.74 42.18
CA THR F 18 3.64 -10.91 41.49
C THR F 18 4.70 -11.91 41.04
N PHE F 19 5.76 -11.37 40.41
CA PHE F 19 6.84 -12.13 39.77
C PHE F 19 8.13 -11.91 40.57
N ASP F 20 8.85 -13.00 40.85
CA ASP F 20 10.18 -12.86 41.45
C ASP F 20 11.21 -13.49 40.52
N PRO F 21 12.41 -12.89 40.49
CA PRO F 21 13.40 -13.33 39.52
C PRO F 21 14.03 -14.70 39.86
N GLU F 22 14.46 -14.89 41.11
CA GLU F 22 15.11 -16.14 41.52
C GLU F 22 14.39 -17.43 41.12
N VAL F 23 13.06 -17.42 41.12
CA VAL F 23 12.30 -18.61 40.72
C VAL F 23 12.21 -18.75 39.21
N ALA F 24 12.07 -17.60 38.53
CA ALA F 24 12.03 -17.57 37.07
C ALA F 24 13.39 -17.98 36.50
N TYR F 25 14.45 -17.55 37.19
CA TYR F 25 15.83 -17.92 36.86
C TYR F 25 16.09 -19.39 37.12
N ALA F 26 15.71 -19.85 38.31
CA ALA F 26 15.78 -21.25 38.64
C ALA F 26 15.19 -22.08 37.52
N ASN F 27 13.90 -21.90 37.26
CA ASN F 27 13.21 -22.64 36.21
C ASN F 27 13.96 -22.60 34.86
N PHE F 28 14.43 -21.42 34.48
CA PHE F 28 15.15 -21.23 33.21
C PHE F 28 16.42 -22.08 33.17
N LYS F 29 17.27 -21.91 34.18
CA LYS F 29 18.50 -22.69 34.29
C LYS F 29 18.24 -24.18 34.21
N ARG F 30 17.22 -24.67 34.90
CA ARG F 30 16.91 -26.09 34.90
C ARG F 30 16.60 -26.56 33.48
N VAL F 31 15.61 -25.94 32.85
CA VAL F 31 15.10 -26.45 31.57
C VAL F 31 16.03 -26.18 30.39
N HIS F 32 16.48 -24.93 30.28
CA HIS F 32 17.06 -24.43 29.05
C HIS F 32 18.58 -24.53 28.96
N THR F 33 19.30 -24.29 30.05
CA THR F 33 20.77 -24.28 29.98
C THR F 33 21.45 -25.66 29.92
N THR F 34 20.73 -26.67 29.44
CA THR F 34 21.33 -28.00 29.26
C THR F 34 22.24 -27.98 28.03
N GLY F 35 21.65 -27.82 26.85
CA GLY F 35 22.42 -27.75 25.60
C GLY F 35 22.82 -26.33 25.28
N LEU F 36 23.79 -25.79 26.01
CA LEU F 36 24.19 -24.39 25.90
C LEU F 36 25.68 -24.18 26.13
N SER F 37 26.24 -23.19 25.41
CA SER F 37 27.69 -22.97 25.34
C SER F 37 28.05 -21.49 25.32
N TYR F 38 29.29 -21.18 25.66
CA TYR F 38 29.75 -19.79 25.67
C TYR F 38 29.72 -19.15 24.27
N ASP F 39 29.81 -19.96 23.23
CA ASP F 39 29.67 -19.43 21.86
C ASP F 39 28.23 -18.96 21.64
N HIS F 40 27.27 -19.72 22.16
CA HIS F 40 25.84 -19.38 21.98
C HIS F 40 25.52 -18.04 22.66
N ILE F 41 26.11 -17.83 23.83
CA ILE F 41 25.85 -16.61 24.58
C ILE F 41 26.44 -15.40 23.87
N ARG F 42 27.73 -15.47 23.49
CA ARG F 42 28.38 -14.31 22.88
C ARG F 42 27.59 -13.87 21.65
N ILE F 43 27.02 -14.83 20.91
CA ILE F 43 26.13 -14.48 19.81
C ILE F 43 24.98 -13.59 20.26
N PHE F 44 24.32 -14.01 21.35
CA PHE F 44 23.14 -13.29 21.85
C PHE F 44 23.46 -11.85 22.24
N TYR F 45 24.56 -11.66 22.96
CA TYR F 45 24.91 -10.33 23.42
C TYR F 45 25.44 -9.43 22.31
N ILE F 46 26.27 -9.98 21.42
CA ILE F 46 26.84 -9.20 20.32
C ILE F 46 25.75 -8.72 19.36
N LYS F 47 24.91 -9.64 18.91
CA LYS F 47 23.83 -9.28 18.01
C LYS F 47 22.57 -8.78 18.72
N GLY F 48 22.68 -8.45 20.01
CA GLY F 48 21.54 -7.95 20.78
C GLY F 48 20.84 -6.78 20.13
N ARG F 49 21.63 -5.87 19.56
CA ARG F 49 21.15 -4.72 18.80
C ARG F 49 20.14 -5.13 17.73
N GLU F 50 20.57 -6.06 16.89
CA GLU F 50 19.79 -6.51 15.73
C GLU F 50 18.59 -7.35 16.14
N ILE F 51 18.80 -8.18 17.17
CA ILE F 51 17.76 -9.05 17.67
C ILE F 51 16.58 -8.24 18.20
N LYS F 52 16.87 -7.10 18.82
CA LYS F 52 15.82 -6.23 19.33
C LYS F 52 14.99 -5.66 18.20
N THR F 53 15.66 -5.17 17.16
CA THR F 53 14.98 -4.55 16.01
C THR F 53 14.16 -5.59 15.26
N SER F 54 14.80 -6.68 14.83
CA SER F 54 14.11 -7.73 14.07
C SER F 54 12.87 -8.24 14.82
N LEU F 55 12.93 -8.32 16.15
CA LEU F 55 11.75 -8.68 16.93
C LEU F 55 10.71 -7.58 16.93
N ALA F 56 11.17 -6.33 16.97
CA ALA F 56 10.27 -5.17 16.97
C ALA F 56 9.52 -4.99 15.64
N LYS F 57 10.04 -5.59 14.56
CA LYS F 57 9.38 -5.59 13.26
C LYS F 57 8.22 -6.59 13.23
N ARG F 58 8.54 -7.87 13.44
CA ARG F 58 7.54 -8.95 13.41
C ARG F 58 6.44 -8.71 14.45
N SER F 59 5.22 -9.09 14.10
CA SER F 59 4.04 -8.91 14.96
C SER F 59 3.64 -10.16 15.74
N GLU F 60 4.35 -11.25 15.51
CA GLU F 60 4.03 -12.56 16.10
C GLU F 60 4.31 -12.51 17.59
N TRP F 61 3.31 -12.79 18.42
CA TRP F 61 3.45 -12.66 19.89
C TRP F 61 4.49 -13.59 20.52
N GLU F 62 4.65 -14.79 19.97
CA GLU F 62 5.63 -15.75 20.50
C GLU F 62 6.60 -16.13 19.38
N VAL F 63 7.88 -15.83 19.58
CA VAL F 63 8.93 -16.04 18.58
C VAL F 63 10.10 -16.82 19.18
N THR F 64 10.77 -17.59 18.34
CA THR F 64 11.93 -18.38 18.77
C THR F 64 13.24 -17.85 18.18
N LEU F 65 14.28 -17.88 18.99
CA LEU F 65 15.59 -17.42 18.59
C LEU F 65 16.47 -18.63 18.36
N ASN F 66 17.24 -18.60 17.28
CA ASN F 66 18.21 -19.63 16.97
C ASN F 66 19.61 -19.04 16.99
N LEU F 67 20.21 -19.08 18.18
CA LEU F 67 21.52 -18.47 18.44
C LEU F 67 22.63 -19.49 18.24
N GLY F 68 23.10 -19.63 17.00
CA GLY F 68 23.98 -20.74 16.65
C GLY F 68 23.15 -21.99 16.82
N GLY F 69 23.70 -22.98 17.52
CA GLY F 69 22.94 -24.21 17.83
C GLY F 69 21.77 -23.96 18.75
N TRP F 70 22.00 -23.16 19.80
CA TRP F 70 21.01 -22.88 20.86
C TRP F 70 19.72 -22.26 20.29
N LYS F 71 18.59 -22.66 20.84
CA LYS F 71 17.29 -22.20 20.38
C LYS F 71 16.35 -21.94 21.56
N ILE F 72 15.77 -20.74 21.65
CA ILE F 72 14.81 -20.40 22.72
C ILE F 72 13.55 -19.75 22.17
N THR F 73 12.44 -19.94 22.87
CA THR F 73 11.16 -19.29 22.57
C THR F 73 10.98 -18.09 23.51
N VAL F 74 10.70 -16.93 22.91
CA VAL F 74 10.60 -15.66 23.63
C VAL F 74 9.29 -14.96 23.26
N TYR F 75 8.61 -14.38 24.25
CA TYR F 75 7.43 -13.56 24.00
C TYR F 75 7.86 -12.21 23.42
N ASN F 76 7.50 -11.95 22.16
CA ASN F 76 7.90 -10.72 21.45
C ASN F 76 7.14 -9.51 21.98
N THR F 77 7.66 -9.00 23.08
CA THR F 77 7.10 -7.84 23.77
C THR F 77 7.70 -6.54 23.22
N ASN F 78 8.56 -6.66 22.21
CA ASN F 78 9.24 -5.53 21.59
C ASN F 78 8.36 -4.83 20.55
N PHE F 79 7.67 -5.63 19.73
CA PHE F 79 6.75 -5.10 18.72
C PHE F 79 5.73 -4.13 19.35
N PRO F 80 5.65 -2.88 18.84
CA PRO F 80 4.74 -1.85 19.38
C PRO F 80 3.33 -2.34 19.77
N GLY F 81 2.66 -3.05 18.87
CA GLY F 81 1.33 -3.59 19.13
C GLY F 81 1.25 -4.58 20.28
N ASN F 82 2.33 -5.36 20.49
CA ASN F 82 2.36 -6.41 21.51
C ASN F 82 2.67 -5.92 22.93
N ARG F 83 3.15 -4.68 23.06
CA ARG F 83 3.50 -4.14 24.37
C ARG F 83 2.29 -4.13 25.30
N ASN F 84 2.59 -4.13 26.60
CA ASN F 84 1.57 -4.06 27.65
C ASN F 84 0.42 -5.08 27.51
N ASN F 85 0.76 -6.32 27.19
CA ASN F 85 -0.13 -7.46 27.40
C ASN F 85 0.60 -8.51 28.27
N PRO F 86 -0.01 -8.93 29.39
CA PRO F 86 0.69 -9.74 30.41
C PRO F 86 1.63 -10.84 29.90
N VAL F 87 2.77 -10.97 30.58
CA VAL F 87 3.77 -11.99 30.30
C VAL F 87 3.82 -12.94 31.50
N PRO F 88 3.73 -14.27 31.25
CA PRO F 88 3.73 -15.23 32.37
C PRO F 88 4.94 -15.07 33.30
N ASP F 89 4.77 -15.41 34.58
CA ASP F 89 5.91 -15.34 35.50
C ASP F 89 7.03 -16.32 35.13
N ASP F 90 6.65 -17.41 34.45
CA ASP F 90 7.60 -18.39 33.93
C ASP F 90 7.96 -18.14 32.45
N GLY F 91 7.70 -16.93 31.96
CA GLY F 91 7.92 -16.60 30.55
C GLY F 91 9.20 -15.83 30.36
N LEU F 92 9.69 -15.81 29.12
CA LEU F 92 10.92 -15.12 28.80
C LEU F 92 10.64 -13.96 27.87
N THR F 93 11.20 -12.80 28.21
CA THR F 93 11.26 -11.66 27.29
C THR F 93 12.72 -11.46 26.95
N LEU F 94 12.98 -10.68 25.91
CA LEU F 94 14.36 -10.38 25.56
C LEU F 94 15.12 -9.84 26.74
N HIS F 95 14.46 -8.98 27.50
CA HIS F 95 15.08 -8.35 28.65
C HIS F 95 15.46 -9.38 29.71
N ARG F 96 14.46 -10.15 30.13
CA ARG F 96 14.69 -11.15 31.18
C ARG F 96 15.77 -12.12 30.77
N LEU F 97 15.72 -12.56 29.52
CA LEU F 97 16.76 -13.43 28.98
C LEU F 97 18.16 -12.83 29.17
N SER F 98 18.32 -11.57 28.77
CA SER F 98 19.60 -10.91 28.93
C SER F 98 20.06 -10.92 30.37
N GLY F 99 19.14 -10.68 31.30
CA GLY F 99 19.48 -10.66 32.73
C GLY F 99 19.88 -12.03 33.23
N PHE F 100 19.11 -13.02 32.83
CA PHE F 100 19.37 -14.37 33.29
C PHE F 100 20.76 -14.79 32.85
N LEU F 101 21.04 -14.63 31.56
CA LEU F 101 22.34 -15.00 31.03
C LEU F 101 23.46 -14.27 31.74
N ALA F 102 23.23 -13.04 32.19
CA ALA F 102 24.28 -12.32 32.90
C ALA F 102 24.53 -12.93 34.27
N ARG F 103 23.45 -13.38 34.92
CA ARG F 103 23.55 -14.12 36.19
C ARG F 103 24.33 -15.41 35.95
N TYR F 104 23.79 -16.23 35.06
CA TYR F 104 24.41 -17.49 34.63
C TYR F 104 25.93 -17.43 34.43
N LEU F 105 26.40 -16.38 33.74
CA LEU F 105 27.82 -16.20 33.53
C LEU F 105 28.50 -15.87 34.84
N LEU F 106 27.96 -14.91 35.59
CA LEU F 106 28.61 -14.50 36.81
C LEU F 106 28.77 -15.69 37.74
N GLU F 107 27.81 -16.61 37.71
CA GLU F 107 27.91 -17.82 38.54
C GLU F 107 29.09 -18.66 38.11
N LYS F 108 29.12 -19.03 36.82
CA LYS F 108 30.27 -19.72 36.25
C LYS F 108 31.57 -19.03 36.63
N MET F 109 31.68 -17.74 36.32
CA MET F 109 32.89 -16.95 36.60
C MET F 109 33.43 -17.02 38.04
N LEU F 110 32.63 -17.56 38.97
CA LEU F 110 33.05 -17.75 40.35
C LEU F 110 33.36 -19.22 40.67
N LYS F 111 32.58 -20.14 40.11
CA LYS F 111 32.73 -21.58 40.38
C LYS F 111 33.58 -22.37 39.38
N VAL F 112 34.28 -21.72 38.44
CA VAL F 112 35.02 -22.49 37.43
C VAL F 112 36.53 -22.24 37.40
N SER F 113 37.17 -23.15 36.67
CA SER F 113 38.62 -23.22 36.44
C SER F 113 39.22 -21.93 35.89
N GLU F 114 40.43 -21.59 36.36
CA GLU F 114 41.16 -20.40 35.93
C GLU F 114 41.43 -20.27 34.42
N PRO F 115 41.78 -21.39 33.75
CA PRO F 115 41.80 -21.37 32.29
C PRO F 115 40.42 -21.27 31.65
N GLU F 116 39.40 -21.88 32.25
CA GLU F 116 38.02 -21.75 31.76
C GLU F 116 37.55 -20.29 31.78
N LYS F 117 37.89 -19.54 32.83
CA LYS F 117 37.59 -18.11 32.92
C LYS F 117 38.14 -17.32 31.74
N LEU F 118 39.30 -17.74 31.24
CA LEU F 118 39.93 -17.06 30.10
C LEU F 118 39.15 -17.34 28.81
N ILE F 119 38.49 -18.49 28.71
CA ILE F 119 37.60 -18.77 27.58
C ILE F 119 36.42 -17.79 27.59
N ILE F 120 35.88 -17.51 28.78
CA ILE F 120 34.78 -16.55 28.90
C ILE F 120 35.27 -15.17 28.45
N LYS F 121 36.30 -14.65 29.10
CA LYS F 121 36.77 -13.29 28.84
C LYS F 121 37.19 -13.04 27.39
N SER F 122 37.59 -14.10 26.69
CA SER F 122 37.90 -14.02 25.27
C SER F 122 36.64 -13.95 24.41
N LYS F 123 35.70 -14.86 24.68
CA LYS F 123 34.52 -15.05 23.84
C LYS F 123 33.40 -14.03 24.04
N ILE F 124 33.04 -13.80 25.30
CA ILE F 124 31.87 -12.99 25.60
C ILE F 124 32.18 -11.51 25.66
N ILE F 125 31.49 -10.73 24.83
CA ILE F 125 31.69 -9.30 24.74
C ILE F 125 30.39 -8.63 25.15
N ASN F 126 30.52 -7.56 25.95
CA ASN F 126 29.39 -6.77 26.43
C ASN F 126 29.35 -5.41 25.75
N PRO F 127 28.62 -5.31 24.63
CA PRO F 127 28.55 -4.08 23.88
C PRO F 127 28.47 -2.79 24.70
N LEU F 128 27.55 -2.74 25.66
CA LEU F 128 27.29 -1.51 26.40
C LEU F 128 28.46 -1.15 27.33
N ALA F 129 29.06 -2.15 27.95
CA ALA F 129 30.22 -1.89 28.82
C ALA F 129 31.42 -1.41 28.01
N GLU F 130 31.67 -2.06 26.87
CA GLU F 130 32.79 -1.72 26.00
C GLU F 130 32.65 -0.31 25.42
N LYS F 131 31.49 0.02 24.86
CA LYS F 131 31.22 1.37 24.34
C LYS F 131 31.60 2.44 25.38
N ASN F 132 31.24 2.19 26.64
CA ASN F 132 31.57 3.10 27.73
C ASN F 132 32.93 2.79 28.36
N GLY F 133 33.85 2.25 27.55
CA GLY F 133 35.24 2.03 27.97
C GLY F 133 35.42 1.24 29.25
N ILE F 134 34.66 0.16 29.39
CA ILE F 134 34.79 -0.72 30.53
C ILE F 134 34.95 -2.13 30.00
N THR F 135 35.92 -2.86 30.55
CA THR F 135 36.24 -4.21 30.09
C THR F 135 36.20 -5.17 31.25
N TRP F 136 36.33 -6.47 30.94
CA TRP F 136 36.40 -7.53 31.96
C TRP F 136 37.38 -7.20 33.06
N ASN F 137 38.53 -6.65 32.67
CA ASN F 137 39.58 -6.24 33.60
C ASN F 137 39.05 -5.38 34.76
N ASP F 138 38.08 -4.51 34.47
CA ASP F 138 37.51 -3.63 35.50
C ASP F 138 36.68 -4.36 36.57
N GLY F 139 36.44 -5.65 36.42
CA GLY F 139 35.74 -6.44 37.45
C GLY F 139 34.66 -7.28 36.83
N GLU F 140 34.69 -8.59 37.09
CA GLU F 140 33.73 -9.50 36.47
C GLU F 140 32.28 -9.20 36.90
N GLU F 141 32.08 -8.78 38.14
CA GLU F 141 30.74 -8.44 38.62
C GLU F 141 30.24 -7.12 38.04
N VAL F 142 31.17 -6.20 37.81
CA VAL F 142 30.85 -4.89 37.23
C VAL F 142 30.54 -5.00 35.75
N TYR F 143 31.45 -5.59 35.00
CA TYR F 143 31.31 -5.74 33.55
C TYR F 143 29.96 -6.38 33.22
N LEU F 144 29.62 -7.47 33.88
CA LEU F 144 28.36 -8.16 33.63
C LEU F 144 27.12 -7.39 34.05
N SER F 145 27.24 -6.48 35.02
CA SER F 145 26.04 -5.75 35.45
C SER F 145 25.64 -4.66 34.45
N PHE F 146 26.50 -4.36 33.48
CA PHE F 146 26.10 -3.50 32.37
C PHE F 146 25.03 -4.13 31.48
N PHE F 147 24.93 -5.45 31.44
CA PHE F 147 23.91 -6.12 30.63
C PHE F 147 22.53 -5.80 31.16
N PRO F 148 21.60 -5.46 30.26
CA PRO F 148 20.25 -5.20 30.75
C PRO F 148 19.63 -6.47 31.32
N GLY F 149 18.81 -6.29 32.36
CA GLY F 149 18.27 -7.41 33.12
C GLY F 149 19.01 -7.65 34.42
N SER F 150 20.26 -7.19 34.51
CA SER F 150 21.05 -7.41 35.70
C SER F 150 20.38 -6.84 36.97
N GLU F 151 19.63 -5.76 36.83
CA GLU F 151 18.92 -5.14 37.96
C GLU F 151 17.89 -6.06 38.68
N MET F 152 17.41 -7.09 37.99
CA MET F 152 16.58 -8.11 38.64
C MET F 152 17.29 -8.80 39.80
N PHE F 153 18.61 -8.80 39.79
CA PHE F 153 19.40 -9.52 40.77
C PHE F 153 20.41 -8.62 41.47
N LEU F 154 19.95 -7.49 42.01
CA LEU F 154 20.85 -6.56 42.70
C LEU F 154 21.71 -7.21 43.78
N GLY F 155 21.16 -8.28 44.36
CA GLY F 155 21.88 -9.13 45.31
C GLY F 155 23.10 -9.71 44.63
N THR F 156 22.86 -10.63 43.70
CA THR F 156 23.92 -11.26 42.92
C THR F 156 24.99 -10.29 42.43
N PHE F 157 24.60 -9.12 41.94
CA PHE F 157 25.56 -8.17 41.33
C PHE F 157 26.02 -7.06 42.27
N ARG F 158 25.66 -7.14 43.54
CA ARG F 158 26.21 -6.23 44.54
C ARG F 158 26.06 -4.76 44.11
N PHE F 159 24.79 -4.38 43.93
CA PHE F 159 24.37 -2.99 43.67
C PHE F 159 25.01 -2.24 42.50
N TYR F 160 25.79 -2.90 41.66
CA TYR F 160 26.40 -2.24 40.50
C TYR F 160 25.39 -1.81 39.42
N PRO F 161 24.37 -2.65 39.15
CA PRO F 161 23.34 -2.19 38.23
C PRO F 161 22.81 -0.80 38.57
N LEU F 162 22.50 -0.60 39.85
CA LEU F 162 22.03 0.69 40.37
C LEU F 162 23.11 1.77 40.33
N ALA F 163 24.30 1.42 40.79
CA ALA F 163 25.42 2.36 40.78
C ALA F 163 25.71 2.90 39.39
N ILE F 164 25.72 2.00 38.40
CA ILE F 164 25.97 2.39 37.02
C ILE F 164 24.90 3.38 36.55
N GLY F 165 23.64 3.09 36.87
CA GLY F 165 22.54 3.99 36.55
C GLY F 165 22.73 5.36 37.19
N ILE F 166 22.94 5.36 38.51
CA ILE F 166 23.08 6.61 39.26
C ILE F 166 24.22 7.45 38.69
N TYR F 167 25.33 6.80 38.35
CA TYR F 167 26.47 7.51 37.77
C TYR F 167 26.14 8.14 36.41
N LYS F 168 25.21 7.53 35.68
CA LYS F 168 24.85 8.02 34.35
C LYS F 168 23.87 9.18 34.39
N VAL F 169 22.87 9.15 35.27
CA VAL F 169 21.90 10.25 35.36
C VAL F 169 22.57 11.53 35.84
N GLN F 170 23.42 11.41 36.86
CA GLN F 170 24.10 12.56 37.47
C GLN F 170 25.15 13.18 36.54
N ARG F 171 25.54 12.44 35.51
CA ARG F 171 26.38 13.00 34.46
C ARG F 171 25.59 13.11 33.16
N LYS F 172 24.29 13.39 33.31
CA LYS F 172 23.37 13.75 32.23
C LYS F 172 23.18 12.76 31.07
N GLU F 173 23.83 11.59 31.12
CA GLU F 173 23.79 10.62 30.02
C GLU F 173 22.44 9.92 29.88
N MET F 174 21.85 9.53 31.02
CA MET F 174 20.59 8.81 31.06
C MET F 174 19.55 9.70 31.73
N GLU F 175 18.28 9.47 31.42
CA GLU F 175 17.20 10.21 32.04
C GLU F 175 16.74 9.55 33.34
N PRO F 176 16.35 10.35 34.34
CA PRO F 176 15.86 9.89 35.64
C PRO F 176 14.87 8.73 35.65
N LYS F 177 14.01 8.64 34.63
CA LYS F 177 12.95 7.63 34.62
C LYS F 177 13.44 6.19 34.45
N TYR F 178 14.64 6.00 33.91
CA TYR F 178 15.20 4.66 33.70
C TYR F 178 15.65 3.95 34.99
N LEU F 179 15.71 4.68 36.10
CA LEU F 179 15.98 4.06 37.40
C LEU F 179 14.71 3.61 38.10
N GLU F 180 13.57 3.69 37.43
CA GLU F 180 12.32 3.32 38.08
C GLU F 180 12.28 1.83 38.40
N LYS F 181 12.57 1.02 37.39
CA LYS F 181 12.51 -0.45 37.53
C LYS F 181 13.47 -0.99 38.57
N THR F 182 14.66 -0.41 38.61
CA THR F 182 15.68 -0.80 39.57
C THR F 182 15.14 -0.64 40.99
N MET F 183 14.47 0.48 41.26
CA MET F 183 13.99 0.81 42.61
C MET F 183 12.82 -0.01 43.12
N ARG F 184 12.22 -0.85 42.28
CA ARG F 184 11.12 -1.69 42.70
C ARG F 184 11.61 -3.11 42.91
N GLN F 185 12.90 -3.26 43.26
CA GLN F 185 13.57 -4.55 43.29
C GLN F 185 14.15 -4.88 44.64
N ARG F 186 14.23 -6.18 44.89
CA ARG F 186 14.72 -6.71 46.17
C ARG F 186 16.24 -6.61 46.24
N TYR F 187 16.77 -6.77 47.46
CA TYR F 187 18.21 -6.91 47.66
C TYR F 187 18.46 -8.01 48.70
N MET F 188 18.95 -9.16 48.24
CA MET F 188 18.99 -10.40 49.01
C MET F 188 17.54 -10.82 49.25
N GLY F 189 16.95 -10.42 50.38
CA GLY F 189 15.52 -10.55 50.64
C GLY F 189 14.82 -9.21 50.82
N LEU F 190 15.54 -8.24 51.41
CA LEU F 190 15.05 -6.89 51.69
C LEU F 190 14.29 -6.22 50.54
N GLU F 191 13.20 -5.52 50.87
CA GLU F 191 12.40 -4.81 49.88
C GLU F 191 12.90 -3.38 49.77
N ALA F 192 12.39 -2.67 48.76
CA ALA F 192 12.83 -1.31 48.40
C ALA F 192 13.19 -0.38 49.56
N ALA F 193 12.19 0.05 50.32
CA ALA F 193 12.37 1.03 51.39
C ALA F 193 13.36 0.58 52.47
N THR F 194 13.30 -0.71 52.84
CA THR F 194 14.19 -1.25 53.88
C THR F 194 15.66 -1.08 53.48
N TRP F 195 16.04 -1.60 52.32
CA TRP F 195 17.45 -1.55 51.85
C TRP F 195 17.95 -0.16 51.43
N THR F 196 17.01 0.71 51.05
CA THR F 196 17.30 2.08 50.61
C THR F 196 18.27 2.83 51.52
N VAL F 197 18.14 2.59 52.83
CA VAL F 197 19.08 3.12 53.83
C VAL F 197 19.83 2.00 54.57
N SER F 198 19.14 0.91 54.91
CA SER F 198 19.76 -0.27 55.54
C SER F 198 21.10 -0.57 54.88
N LYS F 199 21.10 -0.60 53.55
CA LYS F 199 22.29 -0.90 52.77
C LYS F 199 22.73 0.30 51.94
N LEU F 200 22.65 1.49 52.50
CA LEU F 200 23.04 2.71 51.77
C LEU F 200 24.53 2.76 51.52
N THR F 201 25.31 2.38 52.52
CA THR F 201 26.77 2.40 52.41
C THR F 201 27.32 1.36 51.42
N GLU F 202 26.57 0.27 51.22
CA GLU F 202 26.92 -0.69 50.16
C GLU F 202 26.91 0.05 48.82
N VAL F 203 25.77 0.67 48.50
CA VAL F 203 25.62 1.46 47.26
C VAL F 203 26.64 2.60 47.18
N GLN F 204 26.96 3.21 48.32
CA GLN F 204 27.95 4.29 48.36
C GLN F 204 29.28 3.83 47.78
N SER F 205 29.74 2.68 48.25
CA SER F 205 30.99 2.10 47.79
C SER F 205 30.88 1.62 46.35
N ALA F 206 29.75 1.00 46.03
CA ALA F 206 29.49 0.52 44.67
C ALA F 206 29.63 1.66 43.66
N LEU F 207 29.12 2.84 44.01
CA LEU F 207 29.26 4.01 43.15
C LEU F 207 30.72 4.44 43.09
N THR F 208 31.39 4.40 44.25
CA THR F 208 32.80 4.78 44.32
C THR F 208 33.60 3.95 43.32
N VAL F 209 33.32 2.66 43.28
CA VAL F 209 33.97 1.75 42.35
C VAL F 209 33.70 2.21 40.91
N VAL F 210 32.43 2.37 40.55
CA VAL F 210 32.08 2.67 39.15
C VAL F 210 32.64 4.02 38.73
N SER F 211 32.62 5.00 39.63
CA SER F 211 33.10 6.35 39.35
C SER F 211 34.59 6.43 39.00
N SER F 212 35.37 5.46 39.48
CA SER F 212 36.80 5.40 39.17
C SER F 212 37.11 4.92 37.75
N LEU F 213 36.20 4.15 37.16
CA LEU F 213 36.49 3.37 35.96
C LEU F 213 36.80 4.17 34.70
N GLY F 214 36.19 5.34 34.56
CA GLY F 214 36.49 6.23 33.43
C GLY F 214 35.73 5.83 32.17
N TRP F 215 34.64 6.54 31.91
CA TRP F 215 33.78 6.27 30.77
C TRP F 215 34.47 6.70 29.49
N LYS F 216 33.84 6.39 28.37
CA LYS F 216 34.32 6.79 27.07
C LYS F 216 33.20 7.48 26.30
N LYS F 217 33.28 8.80 26.23
CA LYS F 217 32.32 9.62 25.47
C LYS F 217 32.24 9.15 24.01
N THR F 218 33.40 8.93 23.38
CA THR F 218 33.45 8.44 22.00
C THR F 218 34.24 7.13 21.92
N ASN F 219 34.22 6.52 20.75
CA ASN F 219 35.01 5.32 20.47
C ASN F 219 36.31 5.70 19.75
N VAL F 220 37.25 6.28 20.49
CA VAL F 220 38.48 6.88 19.96
C VAL F 220 39.75 6.26 20.56
N SER F 221 40.91 6.78 20.15
CA SER F 221 42.20 6.36 20.69
C SER F 221 42.43 6.91 22.11
N ALA F 222 43.57 6.56 22.70
CA ALA F 222 44.01 7.11 23.98
C ALA F 222 44.59 8.51 23.78
N ALA F 223 45.49 8.62 22.81
CA ALA F 223 46.10 9.91 22.46
C ALA F 223 45.06 10.90 21.95
N ALA F 224 44.07 10.37 21.22
CA ALA F 224 42.95 11.17 20.71
C ALA F 224 42.20 11.83 21.85
N ARG F 225 41.86 11.04 22.87
CA ARG F 225 41.18 11.55 24.04
C ARG F 225 41.85 12.87 24.46
N ASP F 226 43.14 12.75 24.75
CA ASP F 226 43.96 13.86 25.23
C ASP F 226 44.12 14.96 24.17
N PHE F 227 44.55 14.55 22.98
CA PHE F 227 44.85 15.50 21.90
C PHE F 227 43.70 16.44 21.62
N LEU F 228 42.53 15.84 21.33
CA LEU F 228 41.35 16.63 21.03
C LEU F 228 40.98 17.55 22.19
N ALA F 229 41.05 17.01 23.41
CA ALA F 229 40.76 17.79 24.61
C ALA F 229 41.56 19.10 24.68
N LYS F 230 42.76 19.12 24.10
CA LYS F 230 43.60 20.34 24.10
C LYS F 230 43.01 21.55 23.37
N PHE F 231 41.97 21.34 22.56
CA PHE F 231 41.30 22.44 21.87
C PHE F 231 39.89 22.69 22.45
N GLY F 232 39.52 21.99 23.52
CA GLY F 232 38.24 22.16 24.21
C GLY F 232 37.17 21.13 23.83
N ILE F 233 37.38 19.89 24.26
CA ILE F 233 36.63 18.74 23.72
C ILE F 233 36.05 17.75 24.75
N ASN F 234 35.11 16.93 24.27
CA ASN F 234 34.54 15.80 25.01
C ASN F 234 35.11 14.47 24.52
N GLY G 1 -2.42 -20.50 12.21
CA GLY G 1 -1.40 -19.42 12.15
C GLY G 1 0.02 -19.95 11.95
N SER G 2 1.00 -19.17 12.42
CA SER G 2 2.43 -19.47 12.21
C SER G 2 3.28 -19.00 13.39
N MET G 3 4.58 -19.31 13.36
CA MET G 3 5.52 -18.88 14.40
C MET G 3 6.92 -18.81 13.82
N ILE G 4 7.50 -17.61 13.75
CA ILE G 4 8.81 -17.45 13.09
C ILE G 4 9.96 -17.92 13.99
N GLU G 5 11.01 -18.46 13.36
CA GLU G 5 12.32 -18.65 13.98
C GLU G 5 13.35 -17.84 13.19
N LEU G 6 14.10 -17.00 13.88
CA LEU G 6 15.13 -16.17 13.24
C LEU G 6 16.48 -16.47 13.89
N GLU G 7 17.51 -16.57 13.06
CA GLU G 7 18.80 -17.16 13.45
C GLU G 7 19.99 -16.20 13.35
N PHE G 8 21.03 -16.47 14.14
CA PHE G 8 22.24 -15.64 14.17
C PHE G 8 23.49 -16.49 14.42
N HIS G 9 24.66 -15.91 14.17
CA HIS G 9 25.95 -16.63 14.26
C HIS G 9 27.12 -15.67 14.49
N ASP G 10 28.27 -16.19 14.94
CA ASP G 10 29.42 -15.38 15.41
C ASP G 10 30.01 -14.44 14.35
N VAL G 11 31.04 -13.67 14.73
CA VAL G 11 31.86 -12.89 13.77
C VAL G 11 33.39 -13.06 14.04
N ALA G 12 34.06 -12.09 14.69
CA ALA G 12 35.51 -12.13 15.01
C ALA G 12 35.98 -10.87 15.76
N THR G 18 42.64 -3.00 7.79
CA THR G 18 42.31 -3.88 6.65
C THR G 18 42.48 -3.20 5.29
N PHE G 19 41.95 -1.99 5.18
CA PHE G 19 41.89 -1.17 3.95
C PHE G 19 42.83 0.02 4.09
N ASP G 20 43.63 0.28 3.06
CA ASP G 20 44.40 1.52 3.04
C ASP G 20 44.01 2.34 1.80
N PRO G 21 44.03 3.67 1.95
CA PRO G 21 43.51 4.49 0.88
C PRO G 21 44.44 4.55 -0.35
N GLU G 22 45.74 4.76 -0.14
CA GLU G 22 46.70 4.93 -1.24
C GLU G 22 46.65 3.82 -2.31
N VAL G 23 46.35 2.60 -1.91
CA VAL G 23 46.24 1.51 -2.88
C VAL G 23 44.90 1.49 -3.59
N ALA G 24 43.84 1.82 -2.84
CA ALA G 24 42.47 1.92 -3.39
C ALA G 24 42.41 3.09 -4.36
N TYR G 25 43.12 4.18 -4.02
CA TYR G 25 43.25 5.35 -4.89
C TYR G 25 44.06 5.04 -6.15
N ALA G 26 45.22 4.43 -5.94
CA ALA G 26 46.05 3.96 -7.05
C ALA G 26 45.19 3.22 -8.05
N ASN G 27 44.60 2.11 -7.61
CA ASN G 27 43.74 1.28 -8.47
C ASN G 27 42.65 2.09 -9.20
N PHE G 28 41.99 2.99 -8.48
CA PHE G 28 40.94 3.83 -9.04
C PHE G 28 41.48 4.70 -10.18
N LYS G 29 42.53 5.47 -9.86
CA LYS G 29 43.17 6.34 -10.84
C LYS G 29 43.56 5.57 -12.11
N ARG G 30 44.15 4.39 -11.95
CA ARG G 30 44.57 3.60 -13.08
C ARG G 30 43.39 3.25 -13.99
N VAL G 31 42.37 2.61 -13.41
CA VAL G 31 41.28 2.07 -14.21
C VAL G 31 40.33 3.14 -14.73
N HIS G 32 39.88 4.01 -13.82
CA HIS G 32 38.70 4.84 -14.05
C HIS G 32 38.98 6.23 -14.62
N THR G 33 40.04 6.89 -14.18
CA THR G 33 40.30 8.27 -14.64
C THR G 33 40.86 8.41 -16.06
N THR G 34 40.64 7.42 -16.92
CA THR G 34 41.08 7.51 -18.32
C THR G 34 40.15 8.46 -19.07
N GLY G 35 38.89 8.07 -19.24
CA GLY G 35 37.90 8.90 -19.92
C GLY G 35 37.18 9.81 -18.94
N LEU G 36 37.88 10.84 -18.47
CA LEU G 36 37.36 11.72 -17.40
C LEU G 36 37.81 13.17 -17.58
N SER G 37 36.95 14.10 -17.19
CA SER G 37 37.11 15.53 -17.46
C SER G 37 36.65 16.40 -16.30
N TYR G 38 37.12 17.64 -16.26
CA TYR G 38 36.75 18.57 -15.19
C TYR G 38 35.24 18.89 -15.18
N ASP G 39 34.59 18.78 -16.33
CA ASP G 39 33.13 18.94 -16.38
C ASP G 39 32.45 17.79 -15.64
N HIS G 40 32.97 16.57 -15.81
CA HIS G 40 32.39 15.39 -15.17
C HIS G 40 32.46 15.51 -13.64
N ILE G 41 33.58 16.04 -13.16
CA ILE G 41 33.78 16.18 -11.73
C ILE G 41 32.84 17.21 -11.14
N ARG G 42 32.79 18.40 -11.75
CA ARG G 42 31.98 19.49 -11.18
C ARG G 42 30.54 19.00 -11.05
N ILE G 43 30.08 18.20 -12.01
CA ILE G 43 28.76 17.60 -11.90
C ILE G 43 28.62 16.81 -10.59
N PHE G 44 29.61 15.96 -10.32
CA PHE G 44 29.55 15.07 -9.15
C PHE G 44 29.46 15.85 -7.85
N TYR G 45 30.29 16.88 -7.72
CA TYR G 45 30.31 17.65 -6.48
C TYR G 45 29.10 18.56 -6.32
N ILE G 46 28.67 19.21 -7.40
CA ILE G 46 27.50 20.10 -7.35
C ILE G 46 26.22 19.35 -7.01
N LYS G 47 25.94 18.27 -7.73
CA LYS G 47 24.76 17.46 -7.48
C LYS G 47 24.96 16.41 -6.38
N GLY G 48 26.04 16.51 -5.62
CA GLY G 48 26.32 15.58 -4.53
C GLY G 48 25.15 15.40 -3.58
N ARG G 49 24.49 16.51 -3.26
CA ARG G 49 23.28 16.54 -2.43
C ARG G 49 22.23 15.54 -2.91
N GLU G 50 21.89 15.67 -4.18
CA GLU G 50 20.82 14.87 -4.81
C GLU G 50 21.24 13.43 -5.00
N ILE G 51 22.52 13.24 -5.36
CA ILE G 51 23.06 11.91 -5.61
C ILE G 51 22.99 11.07 -4.34
N LYS G 52 23.22 11.70 -3.19
CA LYS G 52 23.16 11.00 -1.92
C LYS G 52 21.74 10.52 -1.66
N THR G 53 20.76 11.40 -1.87
CA THR G 53 19.36 11.09 -1.58
C THR G 53 18.86 10.01 -2.54
N SER G 54 19.00 10.24 -3.83
CA SER G 54 18.53 9.29 -4.83
C SER G 54 19.12 7.90 -4.60
N LEU G 55 20.36 7.82 -4.16
CA LEU G 55 20.97 6.53 -3.80
C LEU G 55 20.34 5.96 -2.53
N ALA G 56 20.03 6.83 -1.57
CA ALA G 56 19.43 6.40 -0.31
C ALA G 56 17.99 5.88 -0.47
N LYS G 57 17.34 6.23 -1.58
CA LYS G 57 16.00 5.73 -1.90
C LYS G 57 16.08 4.30 -2.44
N ARG G 58 16.78 4.12 -3.56
CA ARG G 58 16.92 2.80 -4.18
C ARG G 58 17.55 1.78 -3.24
N SER G 59 17.11 0.54 -3.34
CA SER G 59 17.56 -0.57 -2.49
C SER G 59 18.63 -1.46 -3.14
N GLU G 60 18.96 -1.17 -4.39
CA GLU G 60 19.89 -1.97 -5.19
C GLU G 60 21.30 -1.82 -4.63
N TRP G 61 21.94 -2.92 -4.23
CA TRP G 61 23.25 -2.86 -3.56
C TRP G 61 24.37 -2.28 -4.43
N GLU G 62 24.34 -2.51 -5.74
CA GLU G 62 25.36 -2.00 -6.62
C GLU G 62 24.69 -1.14 -7.71
N VAL G 63 25.04 0.14 -7.75
CA VAL G 63 24.43 1.11 -8.65
C VAL G 63 25.51 1.88 -9.43
N THR G 64 25.17 2.31 -10.64
CA THR G 64 26.08 3.07 -11.48
C THR G 64 25.64 4.52 -11.65
N LEU G 65 26.62 5.42 -11.66
CA LEU G 65 26.38 6.84 -11.82
C LEU G 65 26.78 7.23 -13.22
N ASN G 66 25.94 8.03 -13.85
CA ASN G 66 26.24 8.61 -15.16
C ASN G 66 26.37 10.13 -15.06
N LEU G 67 27.59 10.58 -14.79
CA LEU G 67 27.89 11.98 -14.54
C LEU G 67 28.32 12.65 -15.84
N GLY G 68 27.35 13.14 -16.60
CA GLY G 68 27.62 13.61 -17.96
C GLY G 68 28.03 12.38 -18.74
N GLY G 69 29.13 12.48 -19.48
CA GLY G 69 29.68 11.32 -20.17
C GLY G 69 30.16 10.23 -19.22
N TRP G 70 30.88 10.64 -18.18
CA TRP G 70 31.54 9.73 -17.22
C TRP G 70 30.53 8.81 -16.53
N LYS G 71 30.93 7.56 -16.31
CA LYS G 71 30.07 6.54 -15.73
C LYS G 71 30.85 5.66 -14.74
N ILE G 72 30.38 5.55 -13.49
CA ILE G 72 31.03 4.69 -12.48
C ILE G 72 30.01 3.81 -11.79
N THR G 73 30.47 2.65 -11.33
CA THR G 73 29.69 1.72 -10.51
C THR G 73 30.08 1.91 -9.04
N VAL G 74 29.07 2.11 -8.20
CA VAL G 74 29.26 2.40 -6.77
C VAL G 74 28.39 1.49 -5.91
N TYR G 75 28.95 0.97 -4.82
CA TYR G 75 28.18 0.19 -3.86
C TYR G 75 27.26 1.12 -3.06
N ASN G 76 25.95 0.97 -3.24
CA ASN G 76 24.95 1.84 -2.58
C ASN G 76 24.83 1.53 -1.09
N THR G 77 25.78 2.10 -0.36
CA THR G 77 25.88 1.94 1.08
C THR G 77 25.04 3.00 1.81
N ASN G 78 24.35 3.84 1.04
CA ASN G 78 23.55 4.94 1.56
C ASN G 78 22.16 4.46 2.01
N PHE G 79 21.55 3.59 1.20
CA PHE G 79 20.24 3.01 1.52
C PHE G 79 20.25 2.36 2.90
N PRO G 80 19.33 2.76 3.80
CA PRO G 80 19.26 2.25 5.18
C PRO G 80 19.50 0.75 5.34
N GLY G 81 18.78 -0.05 4.55
CA GLY G 81 18.92 -1.51 4.59
C GLY G 81 20.30 -2.04 4.23
N ASN G 82 20.99 -1.33 3.32
CA ASN G 82 22.29 -1.76 2.81
C ASN G 82 23.47 -1.41 3.72
N ARG G 83 23.26 -0.54 4.71
CA ARG G 83 24.35 -0.13 5.61
C ARG G 83 24.92 -1.33 6.36
N ASN G 84 26.17 -1.16 6.79
CA ASN G 84 26.87 -2.17 7.57
C ASN G 84 26.86 -3.58 6.98
N ASN G 85 27.09 -3.68 5.67
CA ASN G 85 27.49 -4.94 5.04
C ASN G 85 28.80 -4.71 4.27
N PRO G 86 29.85 -5.53 4.53
CA PRO G 86 31.21 -5.26 4.04
C PRO G 86 31.33 -4.74 2.60
N VAL G 87 32.25 -3.79 2.43
CA VAL G 87 32.56 -3.20 1.14
C VAL G 87 34.00 -3.61 0.79
N PRO G 88 34.21 -4.16 -0.42
CA PRO G 88 35.57 -4.56 -0.81
C PRO G 88 36.62 -3.47 -0.67
N ASP G 89 37.88 -3.84 -0.40
CA ASP G 89 38.94 -2.84 -0.27
C ASP G 89 39.20 -2.13 -1.62
N ASP G 90 38.87 -2.80 -2.72
CA ASP G 90 38.95 -2.23 -4.06
C ASP G 90 37.60 -1.72 -4.54
N GLY G 91 36.67 -1.47 -3.63
CA GLY G 91 35.32 -1.01 -3.98
C GLY G 91 35.17 0.49 -3.79
N LEU G 92 34.14 1.05 -4.42
CA LEU G 92 33.86 2.48 -4.31
C LEU G 92 32.54 2.71 -3.59
N THR G 93 32.56 3.61 -2.62
CA THR G 93 31.34 4.14 -2.02
C THR G 93 31.27 5.61 -2.41
N LEU G 94 30.10 6.21 -2.22
CA LEU G 94 29.97 7.63 -2.53
C LEU G 94 31.01 8.44 -1.80
N HIS G 95 31.25 8.08 -0.55
CA HIS G 95 32.22 8.78 0.26
C HIS G 95 33.62 8.67 -0.33
N ARG G 96 34.07 7.44 -0.54
CA ARG G 96 35.42 7.20 -1.03
C ARG G 96 35.63 7.90 -2.33
N LEU G 97 34.63 7.81 -3.20
CA LEU G 97 34.69 8.49 -4.49
C LEU G 97 34.95 9.99 -4.32
N SER G 98 34.18 10.63 -3.44
CA SER G 98 34.37 12.05 -3.17
C SER G 98 35.77 12.36 -2.71
N GLY G 99 36.33 11.52 -1.85
CA GLY G 99 37.71 11.70 -1.37
C GLY G 99 38.73 11.53 -2.47
N PHE G 100 38.57 10.48 -3.27
CA PHE G 100 39.52 10.20 -4.32
C PHE G 100 39.57 11.38 -5.29
N LEU G 101 38.40 11.82 -5.75
CA LEU G 101 38.33 12.94 -6.67
C LEU G 101 38.98 14.18 -6.07
N ALA G 102 38.88 14.38 -4.76
CA ALA G 102 39.51 15.55 -4.16
C ALA G 102 41.02 15.45 -4.22
N ARG G 103 41.55 14.23 -4.03
CA ARG G 103 42.98 13.96 -4.17
C ARG G 103 43.37 14.24 -5.61
N TYR G 104 42.73 13.53 -6.53
CA TYR G 104 42.93 13.68 -7.97
C TYR G 104 43.07 15.12 -8.44
N LEU G 105 42.18 15.99 -7.95
CA LEU G 105 42.22 17.41 -8.30
C LEU G 105 43.44 18.05 -7.69
N LEU G 106 43.66 17.81 -6.40
CA LEU G 106 44.78 18.46 -5.74
C LEU G 106 46.08 18.10 -6.42
N GLU G 107 46.18 16.88 -6.94
CA GLU G 107 47.36 16.48 -7.69
C GLU G 107 47.52 17.32 -8.96
N LYS G 108 46.48 17.32 -9.80
CA LYS G 108 46.46 18.20 -10.98
C LYS G 108 46.84 19.63 -10.61
N MET G 109 46.13 20.21 -9.65
CA MET G 109 46.37 21.59 -9.21
C MET G 109 47.82 21.94 -8.85
N LEU G 110 48.67 20.94 -8.69
CA LEU G 110 50.10 21.14 -8.43
C LEU G 110 50.99 20.87 -9.67
N LYS G 111 50.64 19.86 -10.45
CA LYS G 111 51.41 19.47 -11.64
C LYS G 111 50.96 20.06 -12.98
N VAL G 112 50.04 21.03 -13.01
CA VAL G 112 49.54 21.52 -14.30
C VAL G 112 49.76 23.02 -14.54
N SER G 113 49.55 23.37 -15.81
CA SER G 113 49.68 24.70 -16.38
C SER G 113 48.86 25.77 -15.67
N GLU G 114 49.44 26.98 -15.54
CA GLU G 114 48.77 28.11 -14.90
C GLU G 114 47.43 28.55 -15.49
N PRO G 115 47.27 28.53 -16.83
CA PRO G 115 45.94 28.67 -17.42
C PRO G 115 45.01 27.48 -17.18
N GLU G 116 45.56 26.25 -17.15
CA GLU G 116 44.77 25.06 -16.84
C GLU G 116 44.17 25.14 -15.44
N LYS G 117 44.93 25.63 -14.46
CA LYS G 117 44.45 25.86 -13.09
C LYS G 117 43.21 26.76 -13.05
N LEU G 118 43.16 27.73 -13.95
CA LEU G 118 42.03 28.64 -14.02
C LEU G 118 40.78 27.93 -14.56
N ILE G 119 40.95 26.90 -15.40
CA ILE G 119 39.81 26.07 -15.84
C ILE G 119 39.23 25.32 -14.64
N ILE G 120 40.10 24.82 -13.75
CA ILE G 120 39.64 24.13 -12.55
C ILE G 120 38.85 25.10 -11.67
N LYS G 121 39.48 26.20 -11.26
CA LYS G 121 38.86 27.15 -10.34
C LYS G 121 37.53 27.74 -10.85
N SER G 122 37.36 27.79 -12.16
CA SER G 122 36.11 28.24 -12.77
C SER G 122 35.02 27.16 -12.70
N LYS G 123 35.39 25.94 -13.09
CA LYS G 123 34.44 24.84 -13.25
C LYS G 123 34.03 24.16 -11.95
N ILE G 124 35.00 23.80 -11.13
CA ILE G 124 34.75 22.98 -9.95
C ILE G 124 34.35 23.79 -8.74
N ILE G 125 33.17 23.49 -8.21
CA ILE G 125 32.64 24.19 -7.07
C ILE G 125 32.50 23.19 -5.94
N ASN G 126 32.87 23.62 -4.73
CA ASN G 126 32.76 22.82 -3.51
C ASN G 126 31.65 23.32 -2.60
N PRO G 127 30.44 22.77 -2.76
CA PRO G 127 29.30 23.21 -1.98
C PRO G 127 29.57 23.52 -0.51
N LEU G 128 30.23 22.61 0.19
CA LEU G 128 30.42 22.75 1.64
C LEU G 128 31.38 23.88 2.00
N ALA G 129 32.44 24.05 1.21
CA ALA G 129 33.39 25.13 1.44
C ALA G 129 32.74 26.49 1.17
N GLU G 130 31.99 26.58 0.07
CA GLU G 130 31.31 27.82 -0.31
C GLU G 130 30.25 28.24 0.70
N LYS G 131 29.37 27.31 1.10
CA LYS G 131 28.37 27.59 2.14
C LYS G 131 29.00 28.24 3.37
N ASN G 132 30.16 27.71 3.78
CA ASN G 132 30.91 28.27 4.91
C ASN G 132 31.89 29.37 4.49
N GLY G 133 31.55 30.09 3.42
CA GLY G 133 32.30 31.27 2.99
C GLY G 133 33.78 31.06 2.76
N ILE G 134 34.12 29.96 2.12
CA ILE G 134 35.50 29.68 1.79
C ILE G 134 35.56 29.36 0.30
N THR G 135 36.53 29.97 -0.39
CA THR G 135 36.65 29.81 -1.84
C THR G 135 38.05 29.33 -2.19
N TRP G 136 38.26 29.01 -3.47
CA TRP G 136 39.56 28.61 -3.98
C TRP G 136 40.67 29.55 -3.54
N ASN G 137 40.36 30.84 -3.57
CA ASN G 137 41.30 31.88 -3.16
C ASN G 137 41.92 31.61 -1.79
N ASP G 138 41.16 31.04 -0.87
CA ASP G 138 41.65 30.75 0.48
C ASP G 138 42.70 29.62 0.54
N GLY G 139 42.97 28.94 -0.57
CA GLY G 139 44.04 27.95 -0.62
C GLY G 139 43.54 26.68 -1.28
N GLU G 140 44.24 26.21 -2.31
CA GLU G 140 43.79 25.04 -3.06
C GLU G 140 43.77 23.78 -2.21
N GLU G 141 44.70 23.63 -1.28
CA GLU G 141 44.74 22.47 -0.40
C GLU G 141 43.64 22.52 0.66
N VAL G 142 43.29 23.73 1.10
CA VAL G 142 42.24 23.97 2.08
C VAL G 142 40.86 23.75 1.49
N TYR G 143 40.57 24.46 0.41
CA TYR G 143 39.28 24.37 -0.28
C TYR G 143 38.92 22.91 -0.56
N LEU G 144 39.85 22.14 -1.13
CA LEU G 144 39.58 20.74 -1.48
C LEU G 144 39.44 19.83 -0.27
N SER G 145 40.04 20.18 0.86
CA SER G 145 39.90 19.33 2.04
C SER G 145 38.50 19.42 2.69
N PHE G 146 37.69 20.40 2.30
CA PHE G 146 36.29 20.44 2.71
C PHE G 146 35.48 19.30 2.12
N PHE G 147 35.90 18.74 0.99
CA PHE G 147 35.17 17.61 0.39
C PHE G 147 35.24 16.39 1.30
N PRO G 148 34.11 15.72 1.52
CA PRO G 148 34.15 14.51 2.33
C PRO G 148 34.99 13.45 1.63
N GLY G 149 35.69 12.66 2.44
CA GLY G 149 36.65 11.68 1.96
C GLY G 149 38.09 12.18 2.06
N SER G 150 38.28 13.49 2.12
CA SER G 150 39.62 14.06 2.18
C SER G 150 40.42 13.54 3.39
N GLU G 151 39.75 13.23 4.49
CA GLU G 151 40.40 12.71 5.69
C GLU G 151 41.15 11.36 5.50
N MET G 152 40.78 10.59 4.48
CA MET G 152 41.56 9.41 4.09
C MET G 152 43.03 9.72 3.75
N PHE G 153 43.31 10.95 3.35
CA PHE G 153 44.62 11.35 2.90
C PHE G 153 45.15 12.57 3.67
N LEU G 154 45.14 12.51 5.01
CA LEU G 154 45.63 13.62 5.83
C LEU G 154 47.03 14.09 5.45
N GLY G 155 47.83 13.15 4.94
CA GLY G 155 49.13 13.44 4.37
C GLY G 155 48.99 14.43 3.23
N THR G 156 48.42 13.94 2.13
CA THR G 156 48.17 14.76 0.95
C THR G 156 47.62 16.15 1.28
N PHE G 157 46.66 16.24 2.20
CA PHE G 157 45.99 17.52 2.48
C PHE G 157 46.54 18.28 3.67
N ARG G 158 47.65 17.80 4.24
CA ARG G 158 48.35 18.55 5.27
C ARG G 158 47.42 18.98 6.41
N PHE G 159 46.84 17.95 7.05
CA PHE G 159 46.02 18.08 8.27
C PHE G 159 44.82 19.05 8.25
N TYR G 160 44.46 19.60 7.09
CA TYR G 160 43.30 20.50 7.02
C TYR G 160 41.97 19.78 7.26
N PRO G 161 41.80 18.56 6.74
CA PRO G 161 40.56 17.85 7.04
C PRO G 161 40.27 17.82 8.54
N LEU G 162 41.29 17.52 9.33
CA LEU G 162 41.20 17.49 10.79
C LEU G 162 41.03 18.88 11.40
N ALA G 163 41.82 19.83 10.92
CA ALA G 163 41.72 21.20 11.40
C ALA G 163 40.32 21.79 11.20
N ILE G 164 39.74 21.55 10.03
CA ILE G 164 38.40 22.03 9.73
C ILE G 164 37.41 21.43 10.72
N GLY G 165 37.53 20.14 10.97
CA GLY G 165 36.67 19.46 11.94
C GLY G 165 36.80 20.07 13.33
N ILE G 166 38.04 20.17 13.79
CA ILE G 166 38.32 20.68 15.12
C ILE G 166 37.75 22.09 15.29
N TYR G 167 37.90 22.92 14.27
CA TYR G 167 37.37 24.28 14.31
C TYR G 167 35.84 24.31 14.41
N LYS G 168 35.19 23.28 13.85
CA LYS G 168 33.74 23.23 13.82
C LYS G 168 33.14 22.74 15.14
N VAL G 169 33.75 21.72 15.76
CA VAL G 169 33.23 21.20 17.03
C VAL G 169 33.35 22.24 18.15
N GLN G 170 34.50 22.91 18.20
CA GLN G 170 34.77 23.90 19.24
C GLN G 170 33.94 25.17 19.08
N ARG G 171 33.36 25.35 17.91
CA ARG G 171 32.39 26.42 17.71
C ARG G 171 31.00 25.83 17.51
N LYS G 172 30.76 24.71 18.21
CA LYS G 172 29.44 24.09 18.35
C LYS G 172 28.70 23.63 17.08
N GLU G 173 29.32 23.82 15.90
CA GLU G 173 28.63 23.52 14.62
C GLU G 173 28.47 22.02 14.36
N MET G 174 29.51 21.26 14.66
CA MET G 174 29.53 19.82 14.44
C MET G 174 29.59 19.11 15.79
N GLU G 175 29.12 17.88 15.83
CA GLU G 175 29.17 17.07 17.04
C GLU G 175 30.48 16.29 17.14
N PRO G 176 31.01 16.11 18.36
CA PRO G 176 32.27 15.41 18.62
C PRO G 176 32.48 14.09 17.91
N LYS G 177 31.40 13.34 17.67
CA LYS G 177 31.52 11.99 17.12
C LYS G 177 31.97 11.94 15.65
N TYR G 178 31.81 13.05 14.93
CA TYR G 178 32.24 13.10 13.53
C TYR G 178 33.75 13.15 13.31
N LEU G 179 34.53 13.38 14.37
CA LEU G 179 35.99 13.32 14.28
C LEU G 179 36.52 11.92 14.56
N GLU G 180 35.63 10.94 14.69
CA GLU G 180 36.08 9.59 15.01
C GLU G 180 36.88 9.00 13.87
N LYS G 181 36.32 9.06 12.66
CA LYS G 181 36.95 8.46 11.47
C LYS G 181 38.30 9.07 11.16
N THR G 182 38.39 10.38 11.32
CA THR G 182 39.62 11.11 11.07
C THR G 182 40.74 10.56 11.94
N MET G 183 40.43 10.31 13.22
CA MET G 183 41.44 9.87 14.20
C MET G 183 41.95 8.44 14.04
N ARG G 184 41.35 7.66 13.16
CA ARG G 184 41.79 6.30 12.93
C ARG G 184 42.60 6.22 11.63
N GLN G 185 43.23 7.35 11.28
CA GLN G 185 43.86 7.49 9.96
C GLN G 185 45.34 7.81 10.06
N ARG G 186 46.05 7.39 9.01
CA ARG G 186 47.50 7.55 8.92
C ARG G 186 47.88 9.00 8.59
N TYR G 187 49.14 9.35 8.80
CA TYR G 187 49.69 10.62 8.34
C TYR G 187 51.08 10.36 7.73
N MET G 188 51.17 10.45 6.40
CA MET G 188 52.32 9.99 5.63
C MET G 188 52.37 8.46 5.81
N GLY G 189 53.12 7.96 6.79
CA GLY G 189 53.11 6.56 7.19
C GLY G 189 52.66 6.39 8.64
N LEU G 190 52.99 7.35 9.50
CA LEU G 190 52.66 7.37 10.94
C LEU G 190 51.21 6.99 11.27
N GLU G 191 51.03 6.20 12.33
CA GLU G 191 49.70 5.78 12.78
C GLU G 191 49.20 6.77 13.82
N ALA G 192 47.92 6.63 14.18
CA ALA G 192 47.21 7.56 15.05
C ALA G 192 48.00 8.14 16.23
N ALA G 193 48.34 7.29 17.21
CA ALA G 193 48.99 7.73 18.44
C ALA G 193 50.34 8.40 18.20
N THR G 194 51.12 7.85 17.26
CA THR G 194 52.45 8.40 16.95
C THR G 194 52.36 9.86 16.50
N TRP G 195 51.56 10.14 15.46
CA TRP G 195 51.42 11.50 14.91
C TRP G 195 50.67 12.49 15.79
N THR G 196 49.81 11.97 16.66
CA THR G 196 48.98 12.76 17.57
C THR G 196 49.75 13.85 18.31
N VAL G 197 51.00 13.55 18.67
CA VAL G 197 51.92 14.52 19.26
C VAL G 197 53.15 14.75 18.38
N SER G 198 53.69 13.69 17.78
CA SER G 198 54.83 13.80 16.84
C SER G 198 54.62 15.00 15.91
N LYS G 199 53.42 15.10 15.34
CA LYS G 199 53.07 16.14 14.39
C LYS G 199 52.00 17.08 14.96
N LEU G 200 52.08 17.39 16.24
CA LEU G 200 51.06 18.23 16.88
C LEU G 200 51.13 19.65 16.38
N THR G 201 52.35 20.17 16.24
CA THR G 201 52.56 21.55 15.78
C THR G 201 52.15 21.75 14.32
N GLU G 202 52.19 20.69 13.52
CA GLU G 202 51.65 20.75 12.16
C GLU G 202 50.16 21.12 12.25
N VAL G 203 49.40 20.31 12.98
CA VAL G 203 47.96 20.55 13.20
C VAL G 203 47.70 21.91 13.84
N GLN G 204 48.58 22.34 14.74
CA GLN G 204 48.45 23.63 15.39
C GLN G 204 48.36 24.74 14.37
N SER G 205 49.31 24.73 13.43
CA SER G 205 49.38 25.73 12.38
C SER G 205 48.22 25.57 11.41
N ALA G 206 47.90 24.32 11.08
CA ALA G 206 46.78 24.02 10.18
C ALA G 206 45.49 24.64 10.71
N LEU G 207 45.27 24.55 12.03
CA LEU G 207 44.10 25.18 12.64
C LEU G 207 44.21 26.70 12.56
N THR G 208 45.41 27.21 12.81
CA THR G 208 45.66 28.65 12.75
C THR G 208 45.22 29.19 11.39
N VAL G 209 45.59 28.46 10.34
CA VAL G 209 45.21 28.82 8.96
C VAL G 209 43.69 28.85 8.85
N VAL G 210 43.02 27.75 9.23
CA VAL G 210 41.56 27.66 9.02
C VAL G 210 40.82 28.69 9.86
N SER G 211 41.29 28.94 11.08
CA SER G 211 40.65 29.91 11.99
C SER G 211 40.63 31.35 11.47
N SER G 212 41.58 31.69 10.60
CA SER G 212 41.63 33.02 9.99
C SER G 212 40.58 33.26 8.91
N LEU G 213 40.11 32.19 8.28
CA LEU G 213 39.35 32.27 7.02
C LEU G 213 37.99 32.95 7.10
N GLY G 214 37.33 32.82 8.24
CA GLY G 214 36.04 33.50 8.46
C GLY G 214 34.87 32.77 7.83
N TRP G 215 34.15 32.04 8.67
CA TRP G 215 33.02 31.23 8.22
C TRP G 215 31.84 32.13 7.87
N LYS G 216 30.80 31.52 7.32
CA LYS G 216 29.57 32.21 6.99
C LYS G 216 28.38 31.49 7.60
N LYS G 217 27.85 32.06 8.68
CA LYS G 217 26.67 31.53 9.36
C LYS G 217 25.49 31.39 8.38
N THR G 218 25.25 32.42 7.58
CA THR G 218 24.19 32.39 6.58
C THR G 218 24.74 32.65 5.18
N ASN G 219 23.88 32.48 4.18
CA ASN G 219 24.22 32.79 2.80
C ASN G 219 23.70 34.18 2.44
N VAL G 220 24.38 35.22 2.96
CA VAL G 220 23.95 36.62 2.86
C VAL G 220 24.99 37.52 2.18
N SER G 221 24.69 38.80 2.09
CA SER G 221 25.61 39.81 1.55
C SER G 221 26.74 40.12 2.53
N ALA G 222 27.65 41.00 2.12
CA ALA G 222 28.70 41.51 2.99
C ALA G 222 28.13 42.59 3.92
N ALA G 223 27.40 43.54 3.33
CA ALA G 223 26.75 44.60 4.09
C ALA G 223 25.70 44.05 5.05
N ALA G 224 25.03 42.99 4.62
CA ALA G 224 24.03 42.29 5.42
C ALA G 224 24.66 41.76 6.70
N ARG G 225 25.81 41.08 6.55
CA ARG G 225 26.54 40.55 7.69
C ARG G 225 26.59 41.63 8.78
N ASP G 226 27.18 42.77 8.40
CA ASP G 226 27.38 43.90 9.30
C ASP G 226 26.06 44.53 9.73
N PHE G 227 25.22 44.87 8.76
CA PHE G 227 23.96 45.57 9.03
C PHE G 227 23.11 44.86 10.07
N LEU G 228 22.81 43.58 9.81
CA LEU G 228 22.00 42.80 10.73
C LEU G 228 22.64 42.70 12.10
N ALA G 229 23.95 42.48 12.13
CA ALA G 229 24.70 42.44 13.38
C ALA G 229 24.45 43.65 14.29
N LYS G 230 24.18 44.81 13.70
CA LYS G 230 23.90 46.04 14.47
C LYS G 230 22.66 46.01 15.37
N PHE G 231 21.79 45.02 15.19
CA PHE G 231 20.62 44.84 16.05
C PHE G 231 20.75 43.59 16.93
N GLY G 232 21.90 42.91 16.88
CA GLY G 232 22.17 41.73 17.73
C GLY G 232 21.98 40.40 17.02
N ILE G 233 22.87 40.09 16.07
CA ILE G 233 22.64 39.01 15.10
C ILE G 233 23.81 38.04 14.87
N ASN G 234 23.48 36.89 14.26
CA ASN G 234 24.44 35.90 13.77
C ASN G 234 24.54 36.02 12.25
N GLY H 1 17.87 -10.63 -11.71
CA GLY H 1 17.68 -9.27 -11.12
C GLY H 1 18.00 -8.15 -12.08
N SER H 2 18.38 -6.99 -11.53
CA SER H 2 18.61 -5.76 -12.31
C SER H 2 19.69 -4.89 -11.69
N MET H 3 20.05 -3.80 -12.38
CA MET H 3 21.01 -2.82 -11.84
C MET H 3 20.72 -1.45 -12.45
N ILE H 4 20.32 -0.47 -11.63
CA ILE H 4 19.91 0.84 -12.13
C ILE H 4 21.11 1.71 -12.52
N GLU H 5 20.91 2.54 -13.54
CA GLU H 5 21.82 3.65 -13.87
C GLU H 5 21.02 4.94 -13.78
N LEU H 6 21.51 5.89 -12.99
CA LEU H 6 20.86 7.18 -12.80
C LEU H 6 21.83 8.29 -13.20
N GLU H 7 21.32 9.29 -13.90
CA GLU H 7 22.15 10.24 -14.63
C GLU H 7 22.00 11.69 -14.16
N PHE H 8 23.04 12.48 -14.40
CA PHE H 8 23.06 13.90 -14.03
C PHE H 8 23.85 14.74 -15.04
N HIS H 9 23.67 16.06 -14.99
CA HIS H 9 24.28 17.00 -15.95
C HIS H 9 24.41 18.41 -15.39
N ASP H 10 25.27 19.23 -16.02
CA ASP H 10 25.68 20.56 -15.49
C ASP H 10 24.51 21.55 -15.28
N VAL H 11 24.81 22.76 -14.79
CA VAL H 11 23.84 23.88 -14.75
C VAL H 11 24.46 25.20 -15.30
N ALA H 12 24.90 26.12 -14.43
CA ALA H 12 25.52 27.40 -14.85
C ALA H 12 25.98 28.27 -13.66
N THR H 18 17.65 37.92 -11.99
CA THR H 18 16.89 37.40 -13.14
C THR H 18 15.46 37.93 -13.21
N PHE H 19 14.79 37.91 -12.07
CA PHE H 19 13.36 38.25 -11.88
C PHE H 19 13.27 39.56 -11.09
N ASP H 20 12.44 40.50 -11.55
CA ASP H 20 12.14 41.67 -10.73
C ASP H 20 10.63 41.72 -10.44
N PRO H 21 10.27 42.19 -9.25
CA PRO H 21 8.89 42.14 -8.84
C PRO H 21 7.98 43.13 -9.60
N GLU H 22 8.40 44.40 -9.71
CA GLU H 22 7.56 45.44 -10.36
C GLU H 22 7.01 45.08 -11.74
N VAL H 23 7.75 44.31 -12.52
CA VAL H 23 7.27 43.90 -13.84
C VAL H 23 6.32 42.70 -13.75
N ALA H 24 6.62 41.78 -12.82
CA ALA H 24 5.77 40.62 -12.57
C ALA H 24 4.43 41.07 -11.97
N TYR H 25 4.51 42.10 -11.10
CA TYR H 25 3.33 42.73 -10.53
C TYR H 25 2.50 43.48 -11.58
N ALA H 26 3.18 44.31 -12.37
CA ALA H 26 2.57 44.99 -13.48
C ALA H 26 1.74 44.01 -14.29
N ASN H 27 2.41 43.02 -14.87
CA ASN H 27 1.74 42.00 -15.69
C ASN H 27 0.53 41.36 -14.98
N PHE H 28 0.69 41.01 -13.71
CA PHE H 28 -0.38 40.41 -12.91
C PHE H 28 -1.59 41.34 -12.81
N LYS H 29 -1.35 42.56 -12.35
CA LYS H 29 -2.40 43.57 -12.23
C LYS H 29 -3.16 43.75 -13.54
N ARG H 30 -2.44 43.84 -14.65
CA ARG H 30 -3.06 44.04 -15.94
C ARG H 30 -4.02 42.90 -16.26
N VAL H 31 -3.51 41.67 -16.26
CA VAL H 31 -4.29 40.53 -16.74
C VAL H 31 -5.37 40.09 -15.77
N HIS H 32 -5.00 39.93 -14.50
CA HIS H 32 -5.78 39.16 -13.55
C HIS H 32 -6.75 40.00 -12.70
N THR H 33 -6.35 41.19 -12.27
CA THR H 33 -7.21 41.97 -11.36
C THR H 33 -8.40 42.68 -12.02
N THR H 34 -8.86 42.17 -13.17
CA THR H 34 -10.04 42.75 -13.82
C THR H 34 -11.29 42.31 -13.04
N GLY H 35 -11.59 41.01 -13.07
CA GLY H 35 -12.75 40.47 -12.35
C GLY H 35 -12.38 40.06 -10.95
N LEU H 36 -12.18 41.04 -10.07
CA LEU H 36 -11.67 40.79 -8.71
C LEU H 36 -12.25 41.77 -7.68
N SER H 37 -12.45 41.27 -6.47
CA SER H 37 -13.18 41.98 -5.42
C SER H 37 -12.58 41.76 -4.04
N TYR H 38 -12.89 42.65 -3.11
CA TYR H 38 -12.36 42.55 -1.74
C TYR H 38 -12.83 41.28 -1.02
N ASP H 39 -13.97 40.75 -1.42
CA ASP H 39 -14.42 39.47 -0.88
C ASP H 39 -13.49 38.34 -1.34
N HIS H 40 -13.06 38.38 -2.60
CA HIS H 40 -12.19 37.34 -3.14
C HIS H 40 -10.85 37.32 -2.41
N ILE H 41 -10.34 38.50 -2.09
CA ILE H 41 -9.05 38.62 -1.41
C ILE H 41 -9.14 38.09 0.01
N ARG H 42 -10.14 38.53 0.78
CA ARG H 42 -10.23 38.13 2.20
C ARG H 42 -10.28 36.61 2.28
N ILE H 43 -10.96 35.97 1.32
CA ILE H 43 -10.93 34.52 1.23
C ILE H 43 -9.50 33.98 1.17
N PHE H 44 -8.70 34.54 0.26
CA PHE H 44 -7.34 34.06 0.03
C PHE H 44 -6.47 34.15 1.27
N TYR H 45 -6.54 35.29 1.95
CA TYR H 45 -5.71 35.48 3.13
C TYR H 45 -6.18 34.68 4.34
N ILE H 46 -7.50 34.61 4.55
CA ILE H 46 -8.06 33.87 5.69
C ILE H 46 -7.76 32.38 5.58
N LYS H 47 -8.09 31.80 4.43
CA LYS H 47 -7.84 30.38 4.21
C LYS H 47 -6.41 30.07 3.74
N GLY H 48 -5.51 31.04 3.86
CA GLY H 48 -4.12 30.86 3.43
C GLY H 48 -3.48 29.62 4.03
N ARG H 49 -3.75 29.39 5.31
CA ARG H 49 -3.31 28.21 6.05
C ARG H 49 -3.62 26.92 5.30
N GLU H 50 -4.90 26.76 4.97
CA GLU H 50 -5.43 25.55 4.35
C GLU H 50 -4.96 25.42 2.91
N ILE H 51 -4.90 26.55 2.22
CA ILE H 51 -4.51 26.60 0.81
C ILE H 51 -3.07 26.11 0.66
N LYS H 52 -2.22 26.44 1.62
CA LYS H 52 -0.83 26.00 1.59
C LYS H 52 -0.75 24.48 1.72
N THR H 53 -1.49 23.93 2.67
CA THR H 53 -1.45 22.49 2.94
C THR H 53 -2.02 21.72 1.76
N SER H 54 -3.25 22.06 1.36
CA SER H 54 -3.92 21.35 0.25
C SER H 54 -3.05 21.37 -1.01
N LEU H 55 -2.33 22.46 -1.25
CA LEU H 55 -1.39 22.49 -2.37
C LEU H 55 -0.19 21.59 -2.13
N ALA H 56 0.28 21.54 -0.89
CA ALA H 56 1.43 20.71 -0.53
C ALA H 56 1.13 19.21 -0.61
N LYS H 57 -0.14 18.83 -0.58
CA LYS H 57 -0.57 17.44 -0.75
C LYS H 57 -0.50 17.03 -2.23
N ARG H 58 -1.26 17.72 -3.08
CA ARG H 58 -1.31 17.41 -4.51
C ARG H 58 0.07 17.52 -5.14
N SER H 59 0.33 16.65 -6.12
CA SER H 59 1.62 16.60 -6.82
C SER H 59 1.63 17.32 -8.18
N GLU H 60 0.47 17.86 -8.57
CA GLU H 60 0.27 18.47 -9.89
C GLU H 60 1.07 19.77 -9.92
N TRP H 61 1.97 19.91 -10.88
CA TRP H 61 2.86 21.10 -10.95
C TRP H 61 2.14 22.43 -11.16
N GLU H 62 1.04 22.44 -11.92
CA GLU H 62 0.28 23.65 -12.17
C GLU H 62 -1.18 23.44 -11.71
N VAL H 63 -1.60 24.26 -10.74
CA VAL H 63 -2.92 24.13 -10.11
C VAL H 63 -3.65 25.47 -10.13
N THR H 64 -4.98 25.42 -10.18
CA THR H 64 -5.80 26.63 -10.17
C THR H 64 -6.61 26.78 -8.88
N LEU H 65 -6.73 28.01 -8.42
CA LEU H 65 -7.44 28.31 -7.20
C LEU H 65 -8.73 28.96 -7.58
N ASN H 66 -9.81 28.55 -6.92
CA ASN H 66 -11.12 29.16 -7.07
C ASN H 66 -11.56 29.82 -5.78
N LEU H 67 -11.20 31.09 -5.65
CA LEU H 67 -11.41 31.87 -4.44
C LEU H 67 -12.73 32.63 -4.55
N GLY H 68 -13.82 31.97 -4.16
CA GLY H 68 -15.15 32.52 -4.43
C GLY H 68 -15.29 32.52 -5.94
N GLY H 69 -15.74 33.63 -6.50
CA GLY H 69 -15.82 33.77 -7.95
C GLY H 69 -14.46 33.73 -8.62
N TRP H 70 -13.52 34.45 -8.02
CA TRP H 70 -12.21 34.63 -8.59
C TRP H 70 -11.45 33.30 -8.79
N LYS H 71 -10.68 33.20 -9.87
CA LYS H 71 -9.96 31.97 -10.23
C LYS H 71 -8.56 32.28 -10.78
N ILE H 72 -7.52 31.69 -10.20
CA ILE H 72 -6.13 31.88 -10.68
C ILE H 72 -5.40 30.55 -10.83
N THR H 73 -4.44 30.51 -11.76
CA THR H 73 -3.55 29.38 -11.97
C THR H 73 -2.21 29.68 -11.30
N VAL H 74 -1.77 28.74 -10.46
CA VAL H 74 -0.56 28.89 -9.65
C VAL H 74 0.34 27.67 -9.81
N TYR H 75 1.65 27.90 -9.95
CA TYR H 75 2.62 26.80 -9.97
C TYR H 75 2.78 26.24 -8.55
N ASN H 76 2.36 24.98 -8.36
CA ASN H 76 2.40 24.33 -7.04
C ASN H 76 3.82 23.97 -6.64
N THR H 77 4.48 24.98 -6.10
CA THR H 77 5.86 24.89 -5.65
C THR H 77 5.92 24.44 -4.18
N ASN H 78 4.75 24.20 -3.58
CA ASN H 78 4.62 23.80 -2.18
C ASN H 78 4.87 22.30 -1.99
N PHE H 79 4.32 21.49 -2.88
CA PHE H 79 4.52 20.03 -2.85
C PHE H 79 6.01 19.68 -2.82
N PRO H 80 6.45 18.91 -1.80
CA PRO H 80 7.85 18.53 -1.63
C PRO H 80 8.61 18.17 -2.92
N GLY H 81 8.04 17.28 -3.72
CA GLY H 81 8.65 16.86 -4.98
C GLY H 81 8.85 17.98 -5.99
N ASN H 82 7.94 18.96 -5.99
CA ASN H 82 7.95 20.05 -6.97
C ASN H 82 8.91 21.19 -6.64
N ARG H 83 9.42 21.23 -5.41
CA ARG H 83 10.33 22.30 -5.00
C ARG H 83 11.58 22.33 -5.87
N ASN H 84 12.20 23.50 -5.92
CA ASN H 84 13.45 23.70 -6.64
C ASN H 84 13.44 23.22 -8.10
N ASN H 85 12.36 23.50 -8.82
CA ASN H 85 12.36 23.46 -10.28
C ASN H 85 11.90 24.83 -10.80
N PRO H 86 12.69 25.48 -11.68
CA PRO H 86 12.46 26.87 -12.08
C PRO H 86 11.01 27.31 -12.29
N VAL H 87 10.71 28.53 -11.83
CA VAL H 87 9.40 29.15 -11.98
C VAL H 87 9.57 30.36 -12.92
N PRO H 88 8.73 30.47 -13.97
CA PRO H 88 8.86 31.60 -14.91
C PRO H 88 8.84 32.96 -14.22
N ASP H 89 9.51 33.96 -14.79
CA ASP H 89 9.49 35.31 -14.22
C ASP H 89 8.08 35.93 -14.26
N ASP H 90 7.26 35.47 -15.22
CA ASP H 90 5.86 35.88 -15.33
C ASP H 90 4.92 34.86 -14.69
N GLY H 91 5.43 34.01 -13.81
CA GLY H 91 4.63 32.96 -13.16
C GLY H 91 4.22 33.36 -11.76
N LEU H 92 3.21 32.68 -11.25
CA LEU H 92 2.71 32.94 -9.90
C LEU H 92 2.95 31.74 -9.00
N THR H 93 3.49 32.01 -7.82
CA THR H 93 3.54 31.04 -6.74
C THR H 93 2.63 31.55 -5.65
N LEU H 94 2.29 30.68 -4.71
CA LEU H 94 1.46 31.12 -3.60
C LEU H 94 2.06 32.33 -2.92
N HIS H 95 3.38 32.30 -2.76
CA HIS H 95 4.09 33.37 -2.09
C HIS H 95 3.95 34.68 -2.85
N ARG H 96 4.32 34.65 -4.12
CA ARG H 96 4.28 35.85 -4.93
C ARG H 96 2.87 36.43 -4.95
N LEU H 97 1.89 35.55 -5.12
CA LEU H 97 0.49 35.99 -5.11
C LEU H 97 0.15 36.76 -3.84
N SER H 98 0.54 36.21 -2.70
CA SER H 98 0.29 36.87 -1.43
C SER H 98 0.92 38.25 -1.40
N GLY H 99 2.14 38.38 -1.92
CA GLY H 99 2.84 39.67 -1.95
C GLY H 99 2.17 40.65 -2.87
N PHE H 100 1.79 40.17 -4.05
CA PHE H 100 1.15 41.04 -5.02
C PHE H 100 -0.13 41.61 -4.43
N LEU H 101 -0.98 40.74 -3.92
CA LEU H 101 -2.25 41.16 -3.34
C LEU H 101 -2.02 42.16 -2.22
N ALA H 102 -0.94 42.03 -1.47
CA ALA H 102 -0.69 43.00 -0.40
C ALA H 102 -0.32 44.36 -0.96
N ARG H 103 0.41 44.38 -2.08
CA ARG H 103 0.72 45.62 -2.81
C ARG H 103 -0.59 46.22 -3.29
N TYR H 104 -1.30 45.44 -4.10
CA TYR H 104 -2.60 45.82 -4.66
C TYR H 104 -3.52 46.52 -3.67
N LEU H 105 -3.62 45.98 -2.46
CA LEU H 105 -4.45 46.57 -1.42
C LEU H 105 -3.85 47.88 -0.97
N LEU H 106 -2.57 47.88 -0.69
CA LEU H 106 -1.95 49.10 -0.19
C LEU H 106 -2.13 50.24 -1.19
N GLU H 107 -2.12 49.91 -2.47
CA GLU H 107 -2.36 50.92 -3.50
C GLU H 107 -3.76 51.50 -3.38
N LYS H 108 -4.77 50.62 -3.44
CA LYS H 108 -6.15 51.03 -3.18
C LYS H 108 -6.26 51.89 -1.92
N MET H 109 -5.79 51.36 -0.79
CA MET H 109 -5.85 52.05 0.49
C MET H 109 -5.31 53.48 0.52
N LEU H 110 -4.60 53.89 -0.53
CA LEU H 110 -4.10 55.26 -0.68
C LEU H 110 -4.90 56.08 -1.70
N LYS H 111 -5.32 55.45 -2.79
CA LYS H 111 -6.04 56.14 -3.87
C LYS H 111 -7.58 56.06 -3.80
N VAL H 112 -8.18 55.57 -2.71
CA VAL H 112 -9.64 55.41 -2.70
C VAL H 112 -10.36 56.18 -1.60
N SER H 113 -11.68 56.22 -1.79
CA SER H 113 -12.66 56.90 -0.94
C SER H 113 -12.61 56.47 0.51
N GLU H 114 -12.81 57.43 1.42
CA GLU H 114 -12.80 57.19 2.87
C GLU H 114 -13.80 56.15 3.39
N PRO H 115 -15.04 56.13 2.83
CA PRO H 115 -15.93 55.01 3.12
C PRO H 115 -15.49 53.68 2.48
N GLU H 116 -14.89 53.74 1.29
CA GLU H 116 -14.36 52.53 0.65
C GLU H 116 -13.28 51.88 1.50
N LYS H 117 -12.41 52.69 2.12
CA LYS H 117 -11.37 52.20 3.04
C LYS H 117 -11.96 51.38 4.19
N LEU H 118 -13.13 51.77 4.64
CA LEU H 118 -13.79 51.07 5.74
C LEU H 118 -14.31 49.71 5.28
N ILE H 119 -14.64 49.56 3.99
CA ILE H 119 -15.00 48.25 3.43
C ILE H 119 -13.78 47.32 3.49
N ILE H 120 -12.60 47.86 3.18
CA ILE H 120 -11.37 47.06 3.26
C ILE H 120 -11.15 46.61 4.70
N LYS H 121 -11.04 47.56 5.61
CA LYS H 121 -10.69 47.27 7.01
C LYS H 121 -11.68 46.32 7.70
N SER H 122 -12.92 46.29 7.23
CA SER H 122 -13.92 45.35 7.72
C SER H 122 -13.72 43.93 7.16
N LYS H 123 -13.54 43.85 5.84
CA LYS H 123 -13.49 42.59 5.12
C LYS H 123 -12.16 41.82 5.22
N ILE H 124 -11.06 42.53 4.98
CA ILE H 124 -9.76 41.88 4.86
C ILE H 124 -9.09 41.71 6.20
N ILE H 125 -8.78 40.45 6.51
CA ILE H 125 -8.13 40.12 7.77
C ILE H 125 -6.78 39.52 7.45
N ASN H 126 -5.76 39.91 8.22
CA ASN H 126 -4.39 39.41 8.10
C ASN H 126 -4.03 38.49 9.25
N PRO H 127 -4.25 37.18 9.09
CA PRO H 127 -3.97 36.22 10.13
C PRO H 127 -2.71 36.47 10.94
N LEU H 128 -1.59 36.68 10.26
CA LEU H 128 -0.29 36.78 10.95
C LEU H 128 -0.16 38.05 11.77
N ALA H 129 -0.68 39.16 11.25
CA ALA H 129 -0.66 40.42 11.99
C ALA H 129 -1.56 40.35 13.23
N GLU H 130 -2.75 39.79 13.07
CA GLU H 130 -3.72 39.67 14.16
C GLU H 130 -3.21 38.74 15.28
N LYS H 131 -2.72 37.55 14.92
CA LYS H 131 -2.12 36.64 15.90
C LYS H 131 -1.11 37.37 16.80
N ASN H 132 -0.28 38.20 16.18
CA ASN H 132 0.71 38.99 16.90
C ASN H 132 0.16 40.34 17.37
N GLY H 133 -1.14 40.39 17.63
CA GLY H 133 -1.79 41.55 18.22
C GLY H 133 -1.55 42.87 17.50
N ILE H 134 -1.65 42.84 16.18
CA ILE H 134 -1.51 44.05 15.37
C ILE H 134 -2.71 44.11 14.44
N THR H 135 -3.33 45.29 14.37
CA THR H 135 -4.55 45.48 13.58
C THR H 135 -4.36 46.62 12.59
N TRP H 136 -5.34 46.80 11.72
CA TRP H 136 -5.36 47.92 10.76
C TRP H 136 -5.03 49.24 11.42
N ASN H 137 -5.61 49.44 12.60
CA ASN H 137 -5.40 50.66 13.38
C ASN H 137 -3.92 51.01 13.54
N ASP H 138 -3.06 50.00 13.68
CA ASP H 138 -1.63 50.24 13.88
C ASP H 138 -0.90 50.79 12.63
N GLY H 139 -1.59 50.88 11.49
CA GLY H 139 -1.01 51.49 10.29
C GLY H 139 -1.26 50.62 9.08
N GLU H 140 -1.85 51.19 8.03
CA GLU H 140 -2.20 50.40 6.85
C GLU H 140 -0.97 49.82 6.14
N GLU H 141 0.14 50.56 6.14
CA GLU H 141 1.37 50.07 5.52
C GLU H 141 2.04 48.98 6.35
N VAL H 142 1.92 49.07 7.67
CA VAL H 142 2.46 48.09 8.62
C VAL H 142 1.67 46.80 8.59
N TYR H 143 0.36 46.89 8.82
CA TYR H 143 -0.52 45.74 8.84
C TYR H 143 -0.34 44.88 7.58
N LEU H 144 -0.36 45.50 6.41
CA LEU H 144 -0.19 44.77 5.15
C LEU H 144 1.20 44.18 4.95
N SER H 145 2.23 44.75 5.55
CA SER H 145 3.57 44.20 5.36
C SER H 145 3.80 42.90 6.14
N PHE H 146 2.90 42.56 7.05
CA PHE H 146 2.91 41.24 7.69
C PHE H 146 2.61 40.11 6.71
N PHE H 147 1.89 40.39 5.62
CA PHE H 147 1.61 39.36 4.62
C PHE H 147 2.91 38.89 3.96
N PRO H 148 3.09 37.56 3.85
CA PRO H 148 4.26 37.08 3.13
C PRO H 148 4.23 37.52 1.66
N GLY H 149 5.42 37.81 1.12
CA GLY H 149 5.57 38.38 -0.21
C GLY H 149 5.80 39.89 -0.18
N SER H 150 5.40 40.54 0.90
CA SER H 150 5.59 41.99 1.02
C SER H 150 7.05 42.43 0.85
N GLU H 151 7.99 41.60 1.28
CA GLU H 151 9.44 41.89 1.14
C GLU H 151 9.93 42.10 -0.31
N MET H 152 9.20 41.58 -1.30
CA MET H 152 9.49 41.87 -2.70
C MET H 152 9.42 43.37 -3.02
N PHE H 153 8.66 44.12 -2.22
CA PHE H 153 8.41 45.52 -2.47
C PHE H 153 8.79 46.39 -1.27
N LEU H 154 10.01 46.23 -0.75
CA LEU H 154 10.45 47.03 0.39
C LEU H 154 10.26 48.53 0.20
N GLY H 155 10.33 48.98 -1.06
CA GLY H 155 10.04 50.34 -1.45
C GLY H 155 8.62 50.67 -1.04
N THR H 156 7.66 50.05 -1.76
CA THR H 156 6.24 50.24 -1.49
C THR H 156 5.87 50.22 0.00
N PHE H 157 6.45 49.30 0.77
CA PHE H 157 6.07 49.13 2.18
C PHE H 157 7.01 49.81 3.16
N ARG H 158 7.94 50.60 2.65
CA ARG H 158 8.76 51.44 3.53
C ARG H 158 9.41 50.63 4.67
N PHE H 159 10.23 49.66 4.24
CA PHE H 159 11.07 48.84 5.13
C PHE H 159 10.42 48.10 6.30
N TYR H 160 9.11 48.08 6.39
CA TYR H 160 8.43 47.35 7.47
C TYR H 160 8.59 45.82 7.37
N PRO H 161 8.53 45.25 6.14
CA PRO H 161 8.78 43.81 6.03
C PRO H 161 10.06 43.39 6.75
N LEU H 162 11.13 44.16 6.52
CA LEU H 162 12.43 43.94 7.16
C LEU H 162 12.41 44.24 8.65
N ALA H 163 11.82 45.36 9.02
CA ALA H 163 11.73 45.73 10.42
C ALA H 163 11.01 44.68 11.25
N ILE H 164 9.91 44.17 10.71
CA ILE H 164 9.13 43.14 11.41
C ILE H 164 10.00 41.91 11.63
N GLY H 165 10.74 41.51 10.59
CA GLY H 165 11.66 40.38 10.69
C GLY H 165 12.72 40.60 11.76
N ILE H 166 13.39 41.74 11.67
CA ILE H 166 14.46 42.07 12.61
C ILE H 166 13.95 42.06 14.04
N TYR H 167 12.77 42.61 14.26
CA TYR H 167 12.17 42.61 15.60
C TYR H 167 11.87 41.21 16.13
N LYS H 168 11.59 40.28 15.22
CA LYS H 168 11.25 38.91 15.60
C LYS H 168 12.48 38.06 15.92
N VAL H 169 13.55 38.17 15.13
CA VAL H 169 14.76 37.38 15.40
C VAL H 169 15.39 37.79 16.73
N GLN H 170 15.47 39.10 16.97
CA GLN H 170 16.11 39.64 18.18
C GLN H 170 15.31 39.37 19.45
N ARG H 171 14.05 39.01 19.27
CA ARG H 171 13.25 38.52 20.39
C ARG H 171 12.96 37.02 20.23
N LYS H 172 13.93 36.33 19.63
CA LYS H 172 13.98 34.86 19.57
C LYS H 172 12.83 34.13 18.86
N GLU H 173 11.85 34.86 18.32
CA GLU H 173 10.66 34.24 17.73
C GLU H 173 10.94 33.55 16.40
N MET H 174 11.75 34.19 15.55
CA MET H 174 12.07 33.70 14.22
C MET H 174 13.56 33.38 14.18
N GLU H 175 13.95 32.49 13.28
CA GLU H 175 15.35 32.13 13.11
C GLU H 175 16.02 33.05 12.10
N PRO H 176 17.31 33.37 12.32
CA PRO H 176 18.11 34.23 11.45
C PRO H 176 18.02 33.99 9.95
N LYS H 177 17.83 32.73 9.54
CA LYS H 177 17.86 32.39 8.12
C LYS H 177 16.67 32.94 7.32
N TYR H 178 15.55 33.26 7.99
CA TYR H 178 14.38 33.79 7.31
C TYR H 178 14.51 35.23 6.80
N LEU H 179 15.56 35.94 7.21
CA LEU H 179 15.87 37.27 6.68
C LEU H 179 16.76 37.21 5.43
N GLU H 180 17.03 36.02 4.93
CA GLU H 180 17.92 35.89 3.79
C GLU H 180 17.29 36.52 2.55
N LYS H 181 16.06 36.13 2.25
CA LYS H 181 15.36 36.58 1.04
C LYS H 181 15.16 38.09 1.01
N THR H 182 14.84 38.64 2.18
CA THR H 182 14.65 40.08 2.32
C THR H 182 15.91 40.83 1.89
N MET H 183 17.07 40.34 2.30
CA MET H 183 18.35 41.02 2.05
C MET H 183 18.86 40.97 0.61
N ARG H 184 18.20 40.21 -0.25
CA ARG H 184 18.60 40.12 -1.65
C ARG H 184 17.65 40.94 -2.50
N GLN H 185 17.07 41.98 -1.89
CA GLN H 185 15.99 42.74 -2.51
C GLN H 185 16.32 44.23 -2.65
N ARG H 186 15.69 44.83 -3.67
CA ARG H 186 15.90 46.23 -4.01
C ARG H 186 15.15 47.14 -3.04
N TYR H 187 15.51 48.42 -3.04
CA TYR H 187 14.77 49.46 -2.32
C TYR H 187 14.64 50.68 -3.22
N MET H 188 13.43 50.91 -3.74
CA MET H 188 13.20 51.88 -4.81
C MET H 188 13.92 51.34 -6.05
N GLY H 189 15.16 51.77 -6.28
CA GLY H 189 16.04 51.20 -7.30
C GLY H 189 17.30 50.59 -6.70
N LEU H 190 17.80 51.17 -5.61
CA LEU H 190 19.01 50.74 -4.88
C LEU H 190 19.10 49.23 -4.63
N GLU H 191 20.30 48.68 -4.78
CA GLU H 191 20.55 47.26 -4.54
C GLU H 191 21.01 47.06 -3.11
N ALA H 192 21.07 45.80 -2.69
CA ALA H 192 21.35 45.40 -1.30
C ALA H 192 22.38 46.26 -0.55
N ALA H 193 23.65 46.15 -0.96
CA ALA H 193 24.75 46.81 -0.25
C ALA H 193 24.61 48.34 -0.19
N THR H 194 24.14 48.94 -1.29
CA THR H 194 23.98 50.39 -1.36
C THR H 194 23.01 50.89 -0.28
N TRP H 195 21.79 50.35 -0.26
CA TRP H 195 20.76 50.79 0.71
C TRP H 195 21.00 50.37 2.16
N THR H 196 21.77 49.30 2.35
CA THR H 196 22.12 48.75 3.67
C THR H 196 22.56 49.80 4.69
N VAL H 197 23.30 50.80 4.20
CA VAL H 197 23.67 51.97 5.01
C VAL H 197 23.09 53.27 4.46
N SER H 198 23.07 53.43 3.14
CA SER H 198 22.46 54.60 2.47
C SER H 198 21.13 54.94 3.16
N LYS H 199 20.30 53.93 3.37
CA LYS H 199 18.98 54.07 3.96
C LYS H 199 18.89 53.37 5.32
N LEU H 200 19.96 53.44 6.10
CA LEU H 200 19.96 52.76 7.41
C LEU H 200 19.01 53.41 8.39
N THR H 201 18.98 54.73 8.39
CA THR H 201 18.11 55.48 9.30
C THR H 201 16.62 55.31 8.98
N GLU H 202 16.31 55.02 7.72
CA GLU H 202 14.94 54.67 7.36
C GLU H 202 14.53 53.43 8.15
N VAL H 203 15.31 52.36 8.01
CA VAL H 203 15.08 51.10 8.74
C VAL H 203 15.09 51.31 10.26
N GLN H 204 15.95 52.21 10.75
CA GLN H 204 16.03 52.51 12.17
C GLN H 204 14.67 52.95 12.70
N SER H 205 14.06 53.90 12.00
CA SER H 205 12.75 54.42 12.38
C SER H 205 11.67 53.38 12.17
N ALA H 206 11.75 52.65 11.06
CA ALA H 206 10.80 51.58 10.76
C ALA H 206 10.75 50.57 11.91
N LEU H 207 11.90 50.22 12.46
CA LEU H 207 11.95 49.31 13.61
C LEU H 207 11.34 50.00 14.84
N THR H 208 11.65 51.28 15.02
CA THR H 208 11.13 52.05 16.14
C THR H 208 9.61 51.96 16.15
N VAL H 209 9.01 52.12 14.97
CA VAL H 209 7.57 52.03 14.81
C VAL H 209 7.09 50.65 15.25
N VAL H 210 7.66 49.59 14.67
CA VAL H 210 7.17 48.23 14.94
C VAL H 210 7.36 47.86 16.40
N SER H 211 8.48 48.27 16.99
CA SER H 211 8.79 47.96 18.39
C SER H 211 7.79 48.53 19.41
N SER H 212 7.10 49.61 19.04
CA SER H 212 6.07 50.21 19.89
C SER H 212 4.76 49.43 19.95
N LEU H 213 4.49 48.65 18.90
CA LEU H 213 3.14 48.10 18.66
C LEU H 213 2.64 47.08 19.69
N GLY H 214 3.55 46.31 20.28
CA GLY H 214 3.19 45.37 21.33
C GLY H 214 2.62 44.07 20.79
N TRP H 215 3.47 43.05 20.73
CA TRP H 215 3.10 41.74 20.20
C TRP H 215 2.18 41.02 21.17
N LYS H 216 1.66 39.88 20.73
CA LYS H 216 0.84 39.04 21.55
C LYS H 216 1.38 37.62 21.55
N LYS H 217 2.04 37.24 22.64
CA LYS H 217 2.56 35.90 22.83
C LYS H 217 1.46 34.84 22.64
N THR H 218 0.31 35.07 23.27
CA THR H 218 -0.83 34.15 23.14
C THR H 218 -2.06 34.88 22.61
N ASN H 219 -3.10 34.11 22.30
CA ASN H 219 -4.39 34.65 21.88
C ASN H 219 -5.35 34.72 23.08
N VAL H 220 -5.09 35.67 23.97
CA VAL H 220 -5.78 35.78 25.26
C VAL H 220 -6.49 37.13 25.44
N SER H 221 -7.11 37.34 26.60
CA SER H 221 -7.77 38.59 26.96
C SER H 221 -6.73 39.67 27.31
N ALA H 222 -7.23 40.86 27.63
CA ALA H 222 -6.40 41.96 28.13
C ALA H 222 -6.07 41.75 29.60
N ALA H 223 -7.11 41.46 30.39
CA ALA H 223 -6.96 41.17 31.82
C ALA H 223 -6.13 39.92 32.05
N ALA H 224 -6.29 38.94 31.15
CA ALA H 224 -5.52 37.71 31.18
C ALA H 224 -4.02 37.99 31.07
N ARG H 225 -3.66 38.82 30.10
CA ARG H 225 -2.26 39.21 29.90
C ARG H 225 -1.67 39.56 31.26
N ASP H 226 -2.29 40.53 31.92
CA ASP H 226 -1.86 41.05 33.20
C ASP H 226 -1.98 40.02 34.31
N PHE H 227 -3.17 39.45 34.45
CA PHE H 227 -3.47 38.51 35.53
C PHE H 227 -2.45 37.38 35.60
N LEU H 228 -2.29 36.67 34.50
CA LEU H 228 -1.35 35.55 34.44
C LEU H 228 0.08 36.00 34.74
N ALA H 229 0.47 37.13 34.18
CA ALA H 229 1.79 37.70 34.45
C ALA H 229 2.10 37.84 35.95
N LYS H 230 1.08 38.06 36.78
CA LYS H 230 1.27 38.20 38.23
C LYS H 230 1.83 36.96 38.95
N PHE H 231 1.82 35.80 38.28
CA PHE H 231 2.41 34.58 38.84
C PHE H 231 3.71 34.17 38.09
N GLY H 232 4.17 35.00 37.15
CA GLY H 232 5.43 34.77 36.41
C GLY H 232 5.23 34.17 35.03
N ILE H 233 4.68 34.96 34.11
CA ILE H 233 4.14 34.43 32.84
C ILE H 233 4.54 35.18 31.56
N ASN H 234 4.33 34.51 30.43
CA ASN H 234 4.47 35.07 29.08
C ASN H 234 3.09 35.36 28.48
#